data_2HFV
#
_entry.id   2HFV
#
_cell.length_a   1.000
_cell.length_b   1.000
_cell.length_c   1.000
_cell.angle_alpha   90.00
_cell.angle_beta   90.00
_cell.angle_gamma   90.00
#
_symmetry.space_group_name_H-M   'P 1'
#
_entity_poly.entity_id   1
_entity_poly.type   'polypeptide(L)'
_entity_poly.pdbx_seq_one_letter_code
;MGSSHHHHHHSSGRENLYFQGHLRELLRTNDAVLLSAVGALLDGADIGHLVLDQNMSILEGSLGVIPRRVLVHEDDLAGA
RRLLTDAGLAHELRSDD
;
_entity_poly.pdbx_strand_id   A
#
# COMPACT_ATOMS: atom_id res chain seq x y z
N MET A 1 7.14 -23.30 35.41
CA MET A 1 6.54 -23.08 34.08
C MET A 1 6.42 -21.59 33.79
N GLY A 2 7.27 -21.10 32.91
CA GLY A 2 7.24 -19.69 32.57
C GLY A 2 8.54 -19.00 32.94
N SER A 3 9.48 -18.98 32.00
CA SER A 3 10.76 -18.33 32.20
C SER A 3 10.59 -16.82 32.32
N SER A 4 11.56 -16.16 32.93
CA SER A 4 11.49 -14.72 33.15
C SER A 4 11.78 -13.97 31.86
N HIS A 5 10.72 -13.57 31.16
CA HIS A 5 10.86 -12.82 29.92
C HIS A 5 10.88 -11.33 30.21
N HIS A 6 12.08 -10.79 30.35
CA HIS A 6 12.23 -9.39 30.70
C HIS A 6 13.07 -8.67 29.66
N HIS A 7 12.40 -7.99 28.75
CA HIS A 7 13.07 -7.17 27.74
C HIS A 7 12.83 -5.70 28.04
N HIS A 8 13.54 -4.82 27.35
CA HIS A 8 13.36 -3.39 27.55
C HIS A 8 13.75 -2.61 26.31
N HIS A 9 12.86 -1.72 25.90
CA HIS A 9 13.08 -0.88 24.73
C HIS A 9 12.50 0.51 25.00
N HIS A 10 13.38 1.50 25.08
CA HIS A 10 12.97 2.83 25.46
C HIS A 10 12.92 3.74 24.24
N SER A 11 11.72 4.14 23.87
CA SER A 11 11.52 5.01 22.73
C SER A 11 10.27 5.87 22.93
N SER A 12 10.47 7.18 22.96
CA SER A 12 9.37 8.11 23.11
C SER A 12 9.53 9.26 22.12
N GLY A 13 8.98 9.07 20.92
CA GLY A 13 9.06 10.11 19.90
C GLY A 13 7.71 10.35 19.27
N ARG A 14 6.73 10.71 20.10
CA ARG A 14 5.37 10.90 19.64
C ARG A 14 5.19 12.35 19.18
N GLU A 15 5.73 12.65 18.00
CA GLU A 15 5.68 14.00 17.44
C GLU A 15 4.52 14.14 16.47
N ASN A 16 3.92 13.02 16.10
CA ASN A 16 2.73 13.05 15.25
C ASN A 16 1.55 13.57 16.04
N LEU A 17 1.17 14.81 15.78
CA LEU A 17 0.11 15.46 16.54
C LEU A 17 -1.20 15.43 15.77
N TYR A 18 -1.20 14.83 14.59
CA TYR A 18 -2.38 14.82 13.74
C TYR A 18 -2.70 13.39 13.28
N PHE A 19 -3.46 13.30 12.19
CA PHE A 19 -3.82 12.04 11.56
C PHE A 19 -4.85 11.27 12.38
N GLN A 20 -6.10 11.71 12.30
CA GLN A 20 -7.21 11.00 12.87
C GLN A 20 -7.82 10.07 11.82
N GLY A 21 -7.34 8.83 11.82
CA GLY A 21 -7.81 7.85 10.86
C GLY A 21 -7.19 6.50 11.13
N HIS A 22 -6.71 5.83 10.07
CA HIS A 22 -6.06 4.54 10.19
C HIS A 22 -5.67 3.99 8.82
N LEU A 23 -6.63 3.96 7.90
CA LEU A 23 -6.41 3.35 6.60
C LEU A 23 -6.95 4.23 5.47
N ARG A 24 -6.23 4.24 4.35
CA ARG A 24 -6.70 4.92 3.15
C ARG A 24 -6.48 4.02 1.94
N GLU A 25 -7.36 4.14 0.96
CA GLU A 25 -7.33 3.30 -0.24
C GLU A 25 -6.32 3.85 -1.25
N LEU A 26 -5.53 2.96 -1.85
CA LEU A 26 -4.52 3.37 -2.81
C LEU A 26 -4.93 3.01 -4.24
N LEU A 27 -5.01 1.72 -4.53
CA LEU A 27 -5.35 1.26 -5.87
C LEU A 27 -6.15 -0.04 -5.82
N ARG A 28 -6.57 -0.51 -6.99
CA ARG A 28 -7.36 -1.73 -7.08
C ARG A 28 -7.06 -2.46 -8.38
N THR A 29 -7.26 -3.77 -8.39
CA THR A 29 -7.08 -4.58 -9.58
C THR A 29 -7.35 -6.05 -9.26
N ASN A 30 -7.55 -6.84 -10.31
CA ASN A 30 -7.72 -8.28 -10.14
C ASN A 30 -6.55 -9.02 -10.76
N ASP A 31 -5.63 -8.26 -11.34
CA ASP A 31 -4.47 -8.84 -12.01
C ASP A 31 -3.48 -9.39 -11.00
N ALA A 32 -3.29 -10.70 -11.06
CA ALA A 32 -2.43 -11.41 -10.12
C ALA A 32 -0.98 -10.92 -10.19
N VAL A 33 -0.53 -10.55 -11.37
CA VAL A 33 0.84 -10.12 -11.56
C VAL A 33 1.05 -8.73 -10.96
N LEU A 34 0.13 -7.82 -11.25
CA LEU A 34 0.17 -6.47 -10.71
C LEU A 34 0.07 -6.51 -9.18
N LEU A 35 -0.79 -7.38 -8.68
CA LEU A 35 -0.97 -7.54 -7.24
C LEU A 35 0.28 -8.11 -6.59
N SER A 36 1.05 -8.89 -7.34
CA SER A 36 2.30 -9.43 -6.83
C SER A 36 3.39 -8.35 -6.81
N ALA A 37 3.40 -7.51 -7.85
CA ALA A 37 4.38 -6.43 -7.95
C ALA A 37 4.19 -5.42 -6.82
N VAL A 38 2.97 -4.91 -6.70
CA VAL A 38 2.66 -3.94 -5.65
C VAL A 38 2.90 -4.53 -4.26
N GLY A 39 2.55 -5.81 -4.12
CA GLY A 39 2.74 -6.49 -2.85
C GLY A 39 4.20 -6.55 -2.45
N ALA A 40 5.05 -6.97 -3.38
CA ALA A 40 6.48 -7.10 -3.13
C ALA A 40 7.12 -5.76 -2.79
N LEU A 41 6.62 -4.70 -3.41
CA LEU A 41 7.14 -3.35 -3.18
C LEU A 41 6.87 -2.93 -1.73
N LEU A 42 5.63 -3.06 -1.30
CA LEU A 42 5.23 -2.64 0.04
C LEU A 42 5.83 -3.56 1.09
N ASP A 43 5.81 -4.87 0.81
CA ASP A 43 6.36 -5.87 1.73
C ASP A 43 7.87 -5.71 1.87
N GLY A 44 8.53 -5.40 0.75
CA GLY A 44 9.98 -5.24 0.77
C GLY A 44 10.43 -4.05 1.59
N ALA A 45 9.55 -3.06 1.74
CA ALA A 45 9.87 -1.86 2.49
C ALA A 45 9.24 -1.89 3.88
N ASP A 46 8.67 -3.05 4.25
CA ASP A 46 8.06 -3.24 5.57
C ASP A 46 6.91 -2.26 5.80
N ILE A 47 6.23 -1.89 4.71
CA ILE A 47 5.12 -0.96 4.81
C ILE A 47 3.82 -1.70 5.13
N GLY A 48 3.21 -1.33 6.25
CA GLY A 48 1.98 -1.96 6.67
C GLY A 48 0.87 -1.74 5.67
N HIS A 49 0.51 -2.80 4.96
CA HIS A 49 -0.43 -2.69 3.85
C HIS A 49 -1.58 -3.68 4.01
N LEU A 50 -2.62 -3.46 3.22
CA LEU A 50 -3.80 -4.31 3.20
C LEU A 50 -4.26 -4.53 1.77
N VAL A 51 -3.97 -5.72 1.24
CA VAL A 51 -4.37 -6.06 -0.12
C VAL A 51 -5.46 -7.11 -0.12
N LEU A 52 -5.87 -7.47 1.09
CA LEU A 52 -6.82 -8.56 1.28
C LEU A 52 -8.23 -8.03 1.42
N ASP A 53 -8.86 -7.75 0.30
CA ASP A 53 -10.26 -7.39 0.27
C ASP A 53 -11.10 -8.66 0.30
N GLN A 54 -10.98 -9.44 -0.76
CA GLN A 54 -11.49 -10.80 -0.79
C GLN A 54 -10.48 -11.68 -1.51
N ASN A 55 -10.40 -12.94 -1.14
CA ASN A 55 -9.45 -13.83 -1.78
C ASN A 55 -10.10 -15.12 -2.23
N MET A 56 -10.05 -15.36 -3.53
CA MET A 56 -10.61 -16.58 -4.11
C MET A 56 -9.66 -17.75 -3.83
N SER A 57 -10.22 -18.94 -3.66
CA SER A 57 -9.41 -20.11 -3.38
C SER A 57 -8.43 -20.40 -4.52
N ILE A 58 -7.31 -21.03 -4.17
CA ILE A 58 -6.22 -21.25 -5.12
C ILE A 58 -6.54 -22.36 -6.13
N LEU A 59 -7.75 -22.89 -6.06
CA LEU A 59 -8.18 -23.91 -7.00
C LEU A 59 -8.64 -23.24 -8.29
N GLU A 60 -7.66 -22.94 -9.16
CA GLU A 60 -7.89 -22.29 -10.45
C GLU A 60 -8.75 -21.03 -10.33
N GLY A 61 -8.09 -19.88 -10.19
CA GLY A 61 -8.78 -18.62 -10.02
C GLY A 61 -9.58 -18.21 -11.24
N SER A 62 -10.54 -17.31 -11.03
CA SER A 62 -11.40 -16.84 -12.12
C SER A 62 -10.70 -15.77 -12.95
N LEU A 63 -11.43 -15.18 -13.90
CA LEU A 63 -10.87 -14.17 -14.77
C LEU A 63 -11.02 -12.78 -14.15
N GLY A 64 -12.15 -12.54 -13.49
CA GLY A 64 -12.36 -11.25 -12.85
C GLY A 64 -13.57 -11.23 -11.96
N VAL A 65 -13.77 -12.27 -11.17
CA VAL A 65 -14.88 -12.32 -10.23
C VAL A 65 -14.49 -11.71 -8.88
N ILE A 66 -13.25 -11.91 -8.51
CA ILE A 66 -12.76 -11.42 -7.22
C ILE A 66 -11.64 -10.41 -7.41
N PRO A 67 -11.97 -9.11 -7.34
CA PRO A 67 -11.00 -8.03 -7.43
C PRO A 67 -10.49 -7.61 -6.05
N ARG A 68 -9.20 -7.32 -5.95
CA ARG A 68 -8.60 -6.89 -4.69
C ARG A 68 -8.35 -5.40 -4.72
N ARG A 69 -8.19 -4.81 -3.54
CA ARG A 69 -7.87 -3.40 -3.43
C ARG A 69 -6.75 -3.20 -2.42
N VAL A 70 -5.85 -2.29 -2.73
CA VAL A 70 -4.65 -2.10 -1.94
C VAL A 70 -4.77 -0.85 -1.07
N LEU A 71 -4.74 -1.06 0.23
CA LEU A 71 -4.71 0.02 1.20
C LEU A 71 -3.42 -0.07 2.01
N VAL A 72 -3.05 1.01 2.67
CA VAL A 72 -1.90 0.98 3.57
C VAL A 72 -2.22 1.73 4.86
N HIS A 73 -1.36 1.57 5.85
CA HIS A 73 -1.52 2.27 7.12
C HIS A 73 -1.16 3.73 6.93
N GLU A 74 -1.95 4.62 7.50
CA GLU A 74 -1.70 6.06 7.36
C GLU A 74 -0.38 6.47 8.02
N ASP A 75 0.20 5.56 8.79
CA ASP A 75 1.55 5.75 9.33
C ASP A 75 2.53 6.02 8.21
N ASP A 76 2.34 5.30 7.10
CA ASP A 76 3.20 5.43 5.94
C ASP A 76 2.36 5.65 4.68
N LEU A 77 1.24 6.34 4.85
CA LEU A 77 0.31 6.58 3.76
C LEU A 77 1.02 7.27 2.60
N ALA A 78 1.63 8.42 2.88
CA ALA A 78 2.34 9.18 1.87
C ALA A 78 3.60 8.43 1.41
N GLY A 79 4.17 7.65 2.32
CA GLY A 79 5.38 6.91 2.01
C GLY A 79 5.15 5.79 1.01
N ALA A 80 4.11 5.02 1.22
CA ALA A 80 3.78 3.90 0.33
C ALA A 80 3.42 4.41 -1.06
N ARG A 81 2.61 5.46 -1.11
CA ARG A 81 2.22 6.05 -2.39
C ARG A 81 3.43 6.69 -3.08
N ARG A 82 4.34 7.23 -2.27
CA ARG A 82 5.59 7.78 -2.76
C ARG A 82 6.41 6.68 -3.43
N LEU A 83 6.52 5.54 -2.75
CA LEU A 83 7.26 4.40 -3.25
C LEU A 83 6.68 3.90 -4.57
N LEU A 84 5.38 3.63 -4.57
CA LEU A 84 4.68 3.10 -5.73
C LEU A 84 4.77 4.04 -6.94
N THR A 85 4.88 5.34 -6.67
CA THR A 85 4.98 6.32 -7.73
C THR A 85 6.42 6.49 -8.20
N ASP A 86 7.33 6.66 -7.25
CA ASP A 86 8.73 6.97 -7.56
C ASP A 86 9.48 5.76 -8.11
N ALA A 87 9.28 4.61 -7.48
CA ALA A 87 10.04 3.42 -7.84
C ALA A 87 9.14 2.21 -8.01
N GLY A 88 7.90 2.45 -8.42
CA GLY A 88 6.97 1.36 -8.62
C GLY A 88 6.45 1.31 -10.04
N LEU A 89 5.47 2.16 -10.32
CA LEU A 89 4.82 2.18 -11.63
C LEU A 89 3.95 3.43 -11.80
N ALA A 90 3.18 3.75 -10.75
CA ALA A 90 2.26 4.91 -10.77
C ALA A 90 1.28 4.85 -11.94
N HIS A 91 0.10 4.30 -11.70
CA HIS A 91 -0.89 4.16 -12.76
C HIS A 91 -2.30 4.06 -12.20
N GLU A 92 -2.56 2.98 -11.47
CA GLU A 92 -3.91 2.67 -10.98
C GLU A 92 -4.21 3.36 -9.65
N LEU A 93 -3.41 4.35 -9.31
CA LEU A 93 -3.54 5.01 -8.01
C LEU A 93 -4.78 5.91 -7.95
N ARG A 94 -5.59 5.68 -6.94
CA ARG A 94 -6.79 6.47 -6.71
C ARG A 94 -6.67 7.19 -5.37
N SER A 95 -7.53 8.16 -5.12
CA SER A 95 -7.48 8.94 -3.89
C SER A 95 -8.61 8.56 -2.94
N ASP A 96 -8.61 9.12 -1.74
CA ASP A 96 -9.74 8.98 -0.83
C ASP A 96 -10.81 10.01 -1.17
N ASP A 97 -11.48 9.77 -2.29
CA ASP A 97 -12.48 10.68 -2.81
C ASP A 97 -13.89 10.25 -2.42
N MET A 1 10.29 -31.54 -2.19
CA MET A 1 9.22 -30.70 -2.73
C MET A 1 8.79 -29.67 -1.70
N GLY A 2 8.65 -28.42 -2.12
CA GLY A 2 8.24 -27.38 -1.20
C GLY A 2 9.44 -26.67 -0.60
N SER A 3 9.54 -25.37 -0.84
CA SER A 3 10.64 -24.60 -0.31
C SER A 3 10.13 -23.25 0.17
N SER A 4 9.92 -23.14 1.47
CA SER A 4 9.46 -21.91 2.06
C SER A 4 10.66 -21.07 2.46
N HIS A 5 11.19 -20.30 1.52
CA HIS A 5 12.36 -19.49 1.76
C HIS A 5 12.13 -18.06 1.26
N HIS A 6 11.28 -17.33 1.96
CA HIS A 6 10.95 -15.97 1.58
C HIS A 6 11.17 -15.01 2.74
N HIS A 7 12.40 -14.51 2.85
CA HIS A 7 12.73 -13.53 3.86
C HIS A 7 13.37 -12.31 3.19
N HIS A 8 12.85 -11.97 2.02
CA HIS A 8 13.28 -10.76 1.31
C HIS A 8 12.77 -9.54 2.05
N HIS A 9 13.44 -9.20 3.14
CA HIS A 9 13.01 -8.16 4.03
C HIS A 9 14.09 -7.10 4.15
N HIS A 10 13.85 -5.95 3.56
CA HIS A 10 14.82 -4.87 3.55
C HIS A 10 14.15 -3.58 3.99
N SER A 11 14.26 -3.26 5.27
CA SER A 11 13.67 -2.06 5.81
C SER A 11 14.71 -1.29 6.62
N SER A 12 15.05 -0.10 6.13
CA SER A 12 16.02 0.74 6.83
C SER A 12 15.73 2.22 6.52
N GLY A 13 15.29 2.94 7.54
CA GLY A 13 15.05 4.36 7.38
C GLY A 13 13.68 4.66 6.83
N ARG A 14 12.64 4.32 7.59
CA ARG A 14 11.27 4.62 7.19
C ARG A 14 10.99 6.10 7.44
N GLU A 15 11.16 6.90 6.39
CA GLU A 15 11.12 8.35 6.53
C GLU A 15 9.69 8.88 6.46
N ASN A 16 9.09 9.06 7.64
CA ASN A 16 7.80 9.72 7.79
C ASN A 16 7.38 9.68 9.25
N LEU A 17 6.75 10.75 9.72
CA LEU A 17 6.26 10.82 11.09
C LEU A 17 4.78 11.14 11.12
N TYR A 18 4.10 10.85 10.01
CA TYR A 18 2.68 11.14 9.88
C TYR A 18 1.83 9.96 10.32
N PHE A 19 0.65 10.28 10.84
CA PHE A 19 -0.35 9.28 11.24
C PHE A 19 -1.60 10.01 11.70
N GLN A 20 -2.75 9.34 11.64
CA GLN A 20 -4.00 9.95 12.09
C GLN A 20 -5.14 8.95 12.10
N GLY A 21 -5.53 8.46 10.93
CA GLY A 21 -6.76 7.71 10.80
C GLY A 21 -6.59 6.22 11.02
N HIS A 22 -6.81 5.44 9.97
CA HIS A 22 -6.82 3.99 10.08
C HIS A 22 -6.18 3.35 8.86
N LEU A 23 -6.92 3.32 7.77
CA LEU A 23 -6.48 2.67 6.54
C LEU A 23 -7.14 3.35 5.35
N ARG A 24 -6.34 3.66 4.34
CA ARG A 24 -6.84 4.29 3.14
C ARG A 24 -6.70 3.37 1.96
N GLU A 25 -7.77 3.26 1.18
CA GLU A 25 -7.73 2.47 -0.04
C GLU A 25 -6.76 3.13 -1.01
N LEU A 26 -5.62 2.48 -1.24
CA LEU A 26 -4.55 3.08 -2.01
C LEU A 26 -4.73 2.81 -3.49
N LEU A 27 -4.86 1.54 -3.84
CA LEU A 27 -5.10 1.14 -5.23
C LEU A 27 -5.93 -0.13 -5.27
N ARG A 28 -6.61 -0.33 -6.39
CA ARG A 28 -7.44 -1.51 -6.58
C ARG A 28 -7.33 -1.99 -8.02
N THR A 29 -6.87 -3.22 -8.21
CA THR A 29 -6.74 -3.78 -9.53
C THR A 29 -6.95 -5.28 -9.49
N ASN A 30 -7.25 -5.87 -10.64
CA ASN A 30 -7.50 -7.29 -10.73
C ASN A 30 -6.33 -7.99 -11.43
N ASP A 31 -5.25 -7.26 -11.64
CA ASP A 31 -4.06 -7.85 -12.25
C ASP A 31 -3.11 -8.36 -11.17
N ALA A 32 -3.04 -9.68 -11.05
CA ALA A 32 -2.25 -10.32 -10.00
C ALA A 32 -0.76 -10.05 -10.15
N VAL A 33 -0.33 -9.80 -11.38
CA VAL A 33 1.08 -9.53 -11.65
C VAL A 33 1.51 -8.20 -11.02
N LEU A 34 0.74 -7.16 -11.30
CA LEU A 34 1.00 -5.85 -10.73
C LEU A 34 0.85 -5.88 -9.21
N LEU A 35 -0.15 -6.62 -8.75
CA LEU A 35 -0.39 -6.80 -7.31
C LEU A 35 0.81 -7.46 -6.65
N SER A 36 1.48 -8.34 -7.37
CA SER A 36 2.67 -9.01 -6.85
C SER A 36 3.83 -8.02 -6.73
N ALA A 37 3.95 -7.13 -7.71
CA ALA A 37 4.98 -6.09 -7.68
C ALA A 37 4.75 -5.15 -6.52
N VAL A 38 3.54 -4.59 -6.44
CA VAL A 38 3.17 -3.70 -5.36
C VAL A 38 3.29 -4.41 -4.02
N GLY A 39 2.87 -5.68 -4.00
CA GLY A 39 2.92 -6.46 -2.79
C GLY A 39 4.34 -6.64 -2.28
N ALA A 40 5.24 -7.03 -3.17
CA ALA A 40 6.64 -7.27 -2.82
C ALA A 40 7.31 -5.97 -2.35
N LEU A 41 6.86 -4.85 -2.90
CA LEU A 41 7.40 -3.54 -2.52
C LEU A 41 7.08 -3.24 -1.06
N LEU A 42 5.80 -3.36 -0.70
CA LEU A 42 5.36 -3.09 0.66
C LEU A 42 5.83 -4.19 1.61
N ASP A 43 5.76 -5.44 1.15
CA ASP A 43 6.12 -6.60 1.96
C ASP A 43 7.61 -6.58 2.28
N GLY A 44 8.41 -6.12 1.30
CA GLY A 44 9.85 -6.05 1.49
C GLY A 44 10.25 -4.93 2.42
N ALA A 45 9.52 -3.81 2.36
CA ALA A 45 9.82 -2.65 3.18
C ALA A 45 9.17 -2.75 4.56
N ASP A 46 8.43 -3.83 4.78
CA ASP A 46 7.77 -4.12 6.05
C ASP A 46 6.60 -3.16 6.29
N ILE A 47 6.00 -2.70 5.20
CA ILE A 47 4.85 -1.80 5.29
C ILE A 47 3.56 -2.61 5.46
N GLY A 48 2.79 -2.26 6.47
CA GLY A 48 1.57 -2.98 6.77
C GLY A 48 0.54 -2.82 5.68
N HIS A 49 0.27 -3.90 4.97
CA HIS A 49 -0.67 -3.86 3.85
C HIS A 49 -1.95 -4.62 4.18
N LEU A 50 -3.08 -3.98 3.93
CA LEU A 50 -4.37 -4.65 4.03
C LEU A 50 -4.80 -5.06 2.63
N VAL A 51 -4.66 -6.34 2.33
CA VAL A 51 -4.96 -6.85 1.01
C VAL A 51 -5.92 -8.03 1.09
N LEU A 52 -6.55 -8.35 -0.04
CA LEU A 52 -7.53 -9.43 -0.15
C LEU A 52 -8.78 -9.09 0.65
N ASP A 53 -9.82 -8.68 -0.06
CA ASP A 53 -11.07 -8.27 0.56
C ASP A 53 -12.19 -9.25 0.24
N GLN A 54 -12.35 -10.23 1.13
CA GLN A 54 -13.41 -11.23 1.01
C GLN A 54 -13.36 -12.17 2.22
N ASN A 55 -14.39 -12.98 2.38
CA ASN A 55 -14.44 -13.93 3.48
C ASN A 55 -14.01 -15.31 3.00
N MET A 56 -13.13 -15.95 3.77
CA MET A 56 -12.65 -17.28 3.45
C MET A 56 -13.78 -18.30 3.60
N SER A 57 -14.30 -18.74 2.46
CA SER A 57 -15.39 -19.70 2.44
C SER A 57 -14.98 -20.92 1.62
N ILE A 58 -15.72 -22.00 1.79
CA ILE A 58 -15.49 -23.21 1.01
C ILE A 58 -16.06 -23.02 -0.40
N LEU A 59 -16.95 -22.05 -0.53
CA LEU A 59 -17.53 -21.72 -1.81
C LEU A 59 -16.49 -20.95 -2.63
N GLU A 60 -15.94 -21.61 -3.64
CA GLU A 60 -14.86 -21.07 -4.45
C GLU A 60 -15.29 -19.74 -5.09
N GLY A 61 -16.44 -19.75 -5.72
CA GLY A 61 -16.96 -18.55 -6.34
C GLY A 61 -18.23 -18.82 -7.13
N SER A 62 -19.04 -17.79 -7.31
CA SER A 62 -20.25 -17.90 -8.10
C SER A 62 -20.14 -17.06 -9.36
N LEU A 63 -19.56 -15.87 -9.22
CA LEU A 63 -19.34 -14.97 -10.34
C LEU A 63 -18.50 -13.78 -9.89
N GLY A 64 -17.34 -13.62 -10.50
CA GLY A 64 -16.50 -12.47 -10.21
C GLY A 64 -15.03 -12.80 -10.28
N VAL A 65 -14.20 -11.77 -10.30
CA VAL A 65 -12.77 -11.93 -10.31
C VAL A 65 -12.19 -11.49 -8.96
N ILE A 66 -12.91 -10.59 -8.30
CA ILE A 66 -12.50 -10.01 -7.02
C ILE A 66 -11.29 -9.09 -7.20
N PRO A 67 -11.54 -7.80 -7.44
CA PRO A 67 -10.48 -6.81 -7.61
C PRO A 67 -9.75 -6.57 -6.30
N ARG A 68 -8.59 -7.19 -6.15
CA ARG A 68 -7.81 -7.08 -4.93
C ARG A 68 -7.29 -5.65 -4.77
N ARG A 69 -7.63 -5.05 -3.64
CA ARG A 69 -7.23 -3.69 -3.35
C ARG A 69 -6.28 -3.66 -2.18
N VAL A 70 -5.42 -2.65 -2.17
CA VAL A 70 -4.41 -2.53 -1.14
C VAL A 70 -4.69 -1.31 -0.27
N LEU A 71 -4.94 -1.53 1.01
CA LEU A 71 -5.15 -0.44 1.94
C LEU A 71 -3.95 -0.31 2.87
N VAL A 72 -3.52 0.92 3.11
CA VAL A 72 -2.39 1.18 4.00
C VAL A 72 -2.75 2.29 4.99
N HIS A 73 -1.93 2.43 6.03
CA HIS A 73 -2.16 3.46 7.04
C HIS A 73 -1.77 4.83 6.52
N GLU A 74 -2.35 5.87 7.11
CA GLU A 74 -1.98 7.25 6.77
C GLU A 74 -0.50 7.50 7.07
N ASP A 75 0.08 6.67 7.94
CA ASP A 75 1.50 6.71 8.27
C ASP A 75 2.34 6.66 7.00
N ASP A 76 2.36 5.50 6.37
CA ASP A 76 3.17 5.29 5.17
C ASP A 76 2.36 5.59 3.92
N LEU A 77 1.27 6.32 4.10
CA LEU A 77 0.41 6.70 2.98
C LEU A 77 1.23 7.46 1.94
N ALA A 78 1.94 8.47 2.41
CA ALA A 78 2.78 9.28 1.53
C ALA A 78 3.96 8.47 1.01
N GLY A 79 4.45 7.55 1.84
CA GLY A 79 5.59 6.73 1.45
C GLY A 79 5.26 5.73 0.38
N ALA A 80 4.13 5.04 0.55
CA ALA A 80 3.69 4.04 -0.42
C ALA A 80 3.37 4.70 -1.75
N ARG A 81 2.73 5.87 -1.70
CA ARG A 81 2.46 6.66 -2.90
C ARG A 81 3.76 6.99 -3.62
N ARG A 82 4.75 7.43 -2.84
CA ARG A 82 6.07 7.74 -3.37
C ARG A 82 6.69 6.52 -4.04
N LEU A 83 6.68 5.39 -3.33
CA LEU A 83 7.26 4.16 -3.83
C LEU A 83 6.61 3.72 -5.14
N LEU A 84 5.29 3.63 -5.13
CA LEU A 84 4.54 3.17 -6.30
C LEU A 84 4.65 4.16 -7.47
N THR A 85 4.84 5.43 -7.17
CA THR A 85 4.95 6.43 -8.22
C THR A 85 6.37 6.48 -8.78
N ASP A 86 7.35 6.57 -7.89
CA ASP A 86 8.74 6.77 -8.29
C ASP A 86 9.35 5.51 -8.89
N ALA A 87 9.11 4.37 -8.29
CA ALA A 87 9.78 3.15 -8.71
C ALA A 87 8.81 2.05 -9.12
N GLY A 88 7.52 2.38 -9.19
CA GLY A 88 6.54 1.39 -9.55
C GLY A 88 5.93 1.64 -10.91
N LEU A 89 5.05 2.63 -10.96
CA LEU A 89 4.25 2.89 -12.15
C LEU A 89 3.46 4.18 -12.01
N ALA A 90 2.71 4.30 -10.91
CA ALA A 90 1.77 5.40 -10.70
C ALA A 90 0.71 5.42 -11.79
N HIS A 91 -0.32 4.60 -11.64
CA HIS A 91 -1.35 4.48 -12.68
C HIS A 91 -2.64 3.92 -12.09
N GLU A 92 -2.51 2.89 -11.28
CA GLU A 92 -3.67 2.25 -10.65
C GLU A 92 -3.99 2.91 -9.30
N LEU A 93 -3.35 4.05 -9.04
CA LEU A 93 -3.50 4.74 -7.77
C LEU A 93 -4.89 5.36 -7.65
N ARG A 94 -5.52 5.14 -6.51
CA ARG A 94 -6.84 5.71 -6.24
C ARG A 94 -6.78 6.68 -5.06
N SER A 95 -6.38 6.17 -3.90
CA SER A 95 -6.35 6.96 -2.66
C SER A 95 -7.77 7.39 -2.27
N ASP A 96 -7.90 8.31 -1.33
CA ASP A 96 -9.22 8.81 -0.94
C ASP A 96 -9.77 9.71 -2.04
N ASP A 97 -8.98 10.70 -2.41
CA ASP A 97 -9.24 11.56 -3.56
C ASP A 97 -8.19 12.66 -3.61
N MET A 1 23.74 -4.42 53.72
CA MET A 1 24.67 -3.33 54.08
C MET A 1 25.07 -2.53 52.84
N GLY A 2 25.23 -1.24 53.00
CA GLY A 2 25.56 -0.38 51.87
C GLY A 2 24.31 -0.01 51.08
N SER A 3 24.50 0.64 49.94
CA SER A 3 23.40 1.04 49.10
C SER A 3 23.74 0.85 47.62
N SER A 4 22.73 0.54 46.83
CA SER A 4 22.92 0.32 45.40
C SER A 4 22.83 1.65 44.64
N HIS A 5 23.77 1.88 43.74
CA HIS A 5 23.79 3.10 42.96
C HIS A 5 23.80 2.81 41.46
N HIS A 6 22.74 3.23 40.79
CA HIS A 6 22.64 3.10 39.34
C HIS A 6 21.88 4.29 38.78
N HIS A 7 22.59 5.21 38.14
CA HIS A 7 21.99 6.43 37.63
C HIS A 7 22.30 6.63 36.16
N HIS A 8 21.30 6.43 35.31
CA HIS A 8 21.41 6.74 33.90
C HIS A 8 20.07 7.26 33.39
N HIS A 9 20.10 8.18 32.44
CA HIS A 9 18.88 8.81 31.95
C HIS A 9 19.06 9.35 30.53
N HIS A 10 18.28 8.83 29.60
CA HIS A 10 18.17 9.41 28.27
C HIS A 10 16.75 9.25 27.74
N SER A 11 15.94 10.26 27.95
CA SER A 11 14.56 10.24 27.53
C SER A 11 14.24 11.52 26.77
N SER A 12 14.20 11.43 25.45
CA SER A 12 13.98 12.59 24.60
C SER A 12 13.27 12.16 23.34
N GLY A 13 12.55 13.09 22.71
CA GLY A 13 11.83 12.78 21.50
C GLY A 13 10.72 13.78 21.24
N ARG A 14 10.99 14.74 20.38
CA ARG A 14 10.00 15.76 20.06
C ARG A 14 9.22 15.38 18.80
N GLU A 15 9.85 14.59 17.94
CA GLU A 15 9.21 14.17 16.70
C GLU A 15 8.35 12.94 16.96
N ASN A 16 7.07 13.18 17.17
CA ASN A 16 6.09 12.13 17.43
C ASN A 16 4.77 12.50 16.78
N LEU A 17 3.83 11.56 16.72
CA LEU A 17 2.54 11.81 16.10
C LEU A 17 1.43 11.81 17.14
N TYR A 18 0.89 12.98 17.41
CA TYR A 18 -0.25 13.11 18.32
C TYR A 18 -1.57 12.93 17.56
N PHE A 19 -1.55 13.27 16.28
CA PHE A 19 -2.75 13.20 15.44
C PHE A 19 -3.15 11.74 15.19
N GLN A 20 -4.42 11.53 14.87
CA GLN A 20 -4.94 10.19 14.65
C GLN A 20 -5.56 10.07 13.27
N GLY A 21 -5.10 9.10 12.50
CA GLY A 21 -5.66 8.84 11.19
C GLY A 21 -6.24 7.45 11.10
N HIS A 22 -6.55 7.01 9.89
CA HIS A 22 -7.10 5.67 9.68
C HIS A 22 -6.41 5.01 8.50
N LEU A 23 -6.77 3.77 8.21
CA LEU A 23 -6.27 3.11 7.02
C LEU A 23 -7.07 3.56 5.82
N ARG A 24 -6.37 3.98 4.78
CA ARG A 24 -7.03 4.47 3.59
C ARG A 24 -6.96 3.45 2.48
N GLU A 25 -8.03 3.36 1.71
CA GLU A 25 -8.07 2.47 0.57
C GLU A 25 -7.26 3.11 -0.56
N LEU A 26 -6.10 2.53 -0.85
CA LEU A 26 -5.15 3.15 -1.75
C LEU A 26 -5.49 2.92 -3.21
N LEU A 27 -5.33 1.68 -3.66
CA LEU A 27 -5.41 1.39 -5.08
C LEU A 27 -6.09 0.06 -5.36
N ARG A 28 -6.38 -0.16 -6.63
CA ARG A 28 -6.98 -1.39 -7.10
C ARG A 28 -6.31 -1.81 -8.40
N THR A 29 -6.39 -3.08 -8.73
CA THR A 29 -5.88 -3.56 -10.00
C THR A 29 -6.49 -4.90 -10.35
N ASN A 30 -6.39 -5.29 -11.61
CA ASN A 30 -7.05 -6.50 -12.10
C ASN A 30 -6.00 -7.51 -12.56
N ASP A 31 -4.74 -7.24 -12.23
CA ASP A 31 -3.64 -8.10 -12.66
C ASP A 31 -2.88 -8.66 -11.47
N ALA A 32 -2.58 -9.95 -11.53
CA ALA A 32 -1.92 -10.65 -10.44
C ALA A 32 -0.45 -10.26 -10.34
N VAL A 33 0.17 -9.95 -11.47
CA VAL A 33 1.58 -9.57 -11.48
C VAL A 33 1.72 -8.19 -10.83
N LEU A 34 0.82 -7.29 -11.19
CA LEU A 34 0.77 -5.96 -10.60
C LEU A 34 0.57 -6.05 -9.10
N LEU A 35 -0.40 -6.85 -8.68
CA LEU A 35 -0.65 -7.13 -7.27
C LEU A 35 0.62 -7.59 -6.56
N SER A 36 1.38 -8.45 -7.23
CA SER A 36 2.62 -8.99 -6.65
C SER A 36 3.71 -7.94 -6.61
N ALA A 37 3.82 -7.15 -7.69
CA ALA A 37 4.83 -6.11 -7.77
C ALA A 37 4.59 -5.04 -6.72
N VAL A 38 3.38 -4.49 -6.70
CA VAL A 38 2.99 -3.48 -5.73
C VAL A 38 3.08 -4.05 -4.31
N GLY A 39 2.65 -5.30 -4.16
CA GLY A 39 2.69 -5.95 -2.87
C GLY A 39 4.10 -6.11 -2.34
N ALA A 40 4.97 -6.69 -3.17
CA ALA A 40 6.35 -6.96 -2.77
C ALA A 40 7.07 -5.69 -2.35
N LEU A 41 6.70 -4.57 -2.97
CA LEU A 41 7.28 -3.28 -2.63
C LEU A 41 6.95 -2.93 -1.19
N LEU A 42 5.66 -3.00 -0.85
CA LEU A 42 5.19 -2.68 0.49
C LEU A 42 5.68 -3.71 1.49
N ASP A 43 5.73 -4.97 1.07
CA ASP A 43 6.24 -6.05 1.92
C ASP A 43 7.72 -5.83 2.21
N GLY A 44 8.48 -5.52 1.17
CA GLY A 44 9.91 -5.30 1.32
C GLY A 44 10.24 -4.08 2.16
N ALA A 45 9.44 -3.03 2.01
CA ALA A 45 9.63 -1.81 2.79
C ALA A 45 9.19 -2.01 4.23
N ASP A 46 8.53 -3.14 4.47
CA ASP A 46 8.05 -3.54 5.80
C ASP A 46 6.90 -2.64 6.24
N ILE A 47 6.22 -2.05 5.27
CA ILE A 47 5.05 -1.22 5.56
C ILE A 47 3.88 -2.11 5.92
N GLY A 48 3.78 -3.22 5.21
CA GLY A 48 2.70 -4.16 5.44
C GLY A 48 1.43 -3.74 4.75
N HIS A 49 1.04 -4.48 3.73
CA HIS A 49 -0.15 -4.13 2.96
C HIS A 49 -1.37 -4.83 3.50
N LEU A 50 -2.53 -4.21 3.34
CA LEU A 50 -3.78 -4.84 3.64
C LEU A 50 -4.57 -5.02 2.34
N VAL A 51 -4.32 -6.14 1.67
CA VAL A 51 -4.95 -6.39 0.38
C VAL A 51 -6.19 -7.26 0.54
N LEU A 52 -7.12 -6.79 1.36
CA LEU A 52 -8.35 -7.50 1.63
C LEU A 52 -9.54 -6.70 1.15
N ASP A 53 -10.45 -7.36 0.45
CA ASP A 53 -11.70 -6.74 0.02
C ASP A 53 -12.82 -7.76 0.08
N GLN A 54 -12.71 -8.78 -0.75
CA GLN A 54 -13.64 -9.89 -0.76
C GLN A 54 -12.97 -11.11 -1.38
N ASN A 55 -13.10 -12.25 -0.74
CA ASN A 55 -12.45 -13.48 -1.23
C ASN A 55 -13.30 -14.13 -2.31
N MET A 56 -12.65 -14.65 -3.32
CA MET A 56 -13.35 -15.30 -4.43
C MET A 56 -13.83 -16.68 -4.02
N SER A 57 -15.08 -17.00 -4.33
CA SER A 57 -15.63 -18.31 -4.04
C SER A 57 -15.27 -19.31 -5.14
N ILE A 58 -14.86 -20.50 -4.74
CA ILE A 58 -14.55 -21.54 -5.70
C ILE A 58 -15.82 -22.26 -6.15
N LEU A 59 -16.37 -21.79 -7.26
CA LEU A 59 -17.60 -22.35 -7.81
C LEU A 59 -17.47 -22.52 -9.32
N GLU A 60 -17.62 -23.76 -9.78
CA GLU A 60 -17.48 -24.08 -11.20
C GLU A 60 -16.11 -23.67 -11.74
N GLY A 61 -15.08 -23.95 -10.96
CA GLY A 61 -13.73 -23.63 -11.36
C GLY A 61 -13.09 -22.61 -10.43
N SER A 62 -12.97 -21.38 -10.91
CA SER A 62 -12.37 -20.31 -10.12
C SER A 62 -12.59 -18.96 -10.81
N LEU A 63 -13.85 -18.63 -11.06
CA LEU A 63 -14.19 -17.38 -11.71
C LEU A 63 -14.82 -16.41 -10.72
N GLY A 64 -14.05 -15.43 -10.29
CA GLY A 64 -14.55 -14.42 -9.38
C GLY A 64 -14.06 -13.04 -9.75
N VAL A 65 -14.89 -12.28 -10.46
CA VAL A 65 -14.49 -10.97 -10.93
C VAL A 65 -14.65 -9.92 -9.83
N ILE A 66 -13.70 -9.92 -8.91
CA ILE A 66 -13.62 -8.91 -7.86
C ILE A 66 -12.21 -8.30 -7.84
N PRO A 67 -12.10 -7.00 -8.09
CA PRO A 67 -10.82 -6.30 -8.06
C PRO A 67 -10.29 -6.13 -6.63
N ARG A 68 -9.18 -6.79 -6.34
CA ARG A 68 -8.58 -6.69 -5.02
C ARG A 68 -8.00 -5.31 -4.80
N ARG A 69 -8.17 -4.78 -3.59
CA ARG A 69 -7.74 -3.43 -3.27
C ARG A 69 -6.61 -3.46 -2.25
N VAL A 70 -5.80 -2.42 -2.23
CA VAL A 70 -4.69 -2.33 -1.30
C VAL A 70 -4.93 -1.20 -0.30
N LEU A 71 -4.97 -1.53 0.98
CA LEU A 71 -5.14 -0.51 2.01
C LEU A 71 -3.90 -0.41 2.90
N VAL A 72 -3.57 0.80 3.31
CA VAL A 72 -2.47 1.05 4.25
C VAL A 72 -2.83 2.15 5.23
N HIS A 73 -2.14 2.23 6.36
CA HIS A 73 -2.42 3.27 7.35
C HIS A 73 -1.94 4.63 6.86
N GLU A 74 -2.73 5.66 7.20
CA GLU A 74 -2.57 7.01 6.66
C GLU A 74 -1.18 7.59 6.92
N ASP A 75 -0.62 7.29 8.07
CA ASP A 75 0.63 7.92 8.50
C ASP A 75 1.80 7.59 7.59
N ASP A 76 1.67 6.52 6.80
CA ASP A 76 2.78 6.10 5.96
C ASP A 76 2.40 6.17 4.49
N LEU A 77 1.31 6.90 4.21
CA LEU A 77 0.85 7.11 2.85
C LEU A 77 1.93 7.80 2.02
N ALA A 78 2.60 8.77 2.64
CA ALA A 78 3.66 9.52 1.98
C ALA A 78 4.77 8.60 1.51
N GLY A 79 5.11 7.60 2.32
CA GLY A 79 6.17 6.68 1.98
C GLY A 79 5.76 5.72 0.89
N ALA A 80 4.58 5.13 1.04
CA ALA A 80 4.09 4.15 0.09
C ALA A 80 3.87 4.76 -1.30
N ARG A 81 3.32 5.98 -1.35
CA ARG A 81 3.07 6.64 -2.62
C ARG A 81 4.37 6.82 -3.40
N ARG A 82 5.41 7.30 -2.73
CA ARG A 82 6.71 7.50 -3.37
C ARG A 82 7.21 6.19 -3.96
N LEU A 83 7.08 5.13 -3.17
CA LEU A 83 7.55 3.81 -3.58
C LEU A 83 6.76 3.29 -4.77
N LEU A 84 5.45 3.31 -4.67
CA LEU A 84 4.57 2.74 -5.69
C LEU A 84 4.57 3.57 -6.97
N THR A 85 4.83 4.86 -6.84
CA THR A 85 4.90 5.75 -8.00
C THR A 85 6.21 5.53 -8.76
N ASP A 86 7.32 5.55 -8.04
CA ASP A 86 8.64 5.48 -8.66
C ASP A 86 8.96 4.07 -9.14
N ALA A 87 8.68 3.08 -8.32
CA ALA A 87 9.10 1.72 -8.61
C ALA A 87 7.90 0.79 -8.84
N GLY A 88 6.77 1.38 -9.14
CA GLY A 88 5.60 0.58 -9.44
C GLY A 88 5.00 0.95 -10.78
N LEU A 89 4.23 2.03 -10.78
CA LEU A 89 3.52 2.50 -11.98
C LEU A 89 2.65 3.72 -11.66
N ALA A 90 2.08 3.73 -10.46
CA ALA A 90 1.26 4.85 -9.96
C ALA A 90 -0.04 5.04 -10.77
N HIS A 91 -0.34 4.11 -11.67
CA HIS A 91 -1.53 4.23 -12.51
C HIS A 91 -2.75 3.67 -11.81
N GLU A 92 -2.53 2.63 -11.01
CA GLU A 92 -3.61 1.91 -10.37
C GLU A 92 -4.09 2.64 -9.11
N LEU A 93 -3.47 3.78 -8.82
CA LEU A 93 -3.74 4.51 -7.59
C LEU A 93 -5.16 5.07 -7.56
N ARG A 94 -5.94 4.55 -6.61
CA ARG A 94 -7.32 4.97 -6.37
C ARG A 94 -8.26 4.47 -7.47
N SER A 95 -7.99 4.84 -8.71
CA SER A 95 -8.84 4.46 -9.81
C SER A 95 -8.03 3.79 -10.91
N ASP A 96 -8.73 3.18 -11.86
CA ASP A 96 -8.09 2.56 -13.02
C ASP A 96 -8.13 3.53 -14.20
N ASP A 97 -8.33 4.79 -13.89
CA ASP A 97 -8.49 5.82 -14.90
C ASP A 97 -7.13 6.36 -15.33
N MET A 1 55.38 16.73 8.41
CA MET A 1 54.59 17.65 9.27
C MET A 1 53.11 17.51 8.98
N GLY A 2 52.30 17.60 10.02
CA GLY A 2 50.86 17.48 9.86
C GLY A 2 50.17 17.19 11.17
N SER A 3 49.39 18.14 11.64
CA SER A 3 48.64 17.97 12.88
C SER A 3 47.16 17.79 12.56
N SER A 4 46.43 17.10 13.43
CA SER A 4 45.01 16.89 13.22
C SER A 4 44.23 18.16 13.57
N HIS A 5 44.13 19.05 12.60
CA HIS A 5 43.43 20.30 12.81
C HIS A 5 41.95 20.15 12.47
N HIS A 6 41.24 19.46 13.36
CA HIS A 6 39.83 19.20 13.17
C HIS A 6 39.13 19.20 14.52
N HIS A 7 37.90 19.68 14.53
CA HIS A 7 37.09 19.72 15.74
C HIS A 7 35.72 19.14 15.47
N HIS A 8 35.41 18.01 16.10
CA HIS A 8 34.11 17.38 15.91
C HIS A 8 33.04 18.09 16.73
N HIS A 9 31.84 18.16 16.19
CA HIS A 9 30.73 18.83 16.86
C HIS A 9 29.42 18.32 16.27
N HIS A 10 28.56 17.79 17.13
CA HIS A 10 27.29 17.23 16.69
C HIS A 10 26.14 18.00 17.33
N SER A 11 25.37 18.67 16.49
CA SER A 11 24.20 19.41 16.92
C SER A 11 23.20 19.50 15.77
N SER A 12 22.37 18.48 15.65
CA SER A 12 21.39 18.41 14.58
C SER A 12 20.34 17.36 14.93
N GLY A 13 19.13 17.57 14.44
CA GLY A 13 18.06 16.65 14.71
C GLY A 13 16.71 17.33 14.74
N ARG A 14 15.68 16.59 14.37
CA ARG A 14 14.32 17.12 14.36
C ARG A 14 13.36 16.12 14.98
N GLU A 15 12.08 16.44 14.95
CA GLU A 15 11.06 15.55 15.43
C GLU A 15 9.99 15.37 14.36
N ASN A 16 10.05 14.24 13.65
CA ASN A 16 9.03 13.93 12.65
C ASN A 16 7.79 13.43 13.37
N LEU A 17 6.91 14.36 13.69
CA LEU A 17 5.72 14.03 14.45
C LEU A 17 4.51 13.92 13.53
N TYR A 18 4.16 12.67 13.22
CA TYR A 18 2.98 12.39 12.44
C TYR A 18 2.46 11.01 12.83
N PHE A 19 1.70 10.98 13.93
CA PHE A 19 1.11 9.75 14.42
C PHE A 19 -0.33 9.67 13.97
N GLN A 20 -0.64 8.68 13.13
CA GLN A 20 -1.98 8.55 12.58
C GLN A 20 -2.27 7.07 12.33
N GLY A 21 -3.48 6.62 12.67
CA GLY A 21 -3.76 5.20 12.66
C GLY A 21 -5.02 4.82 11.92
N HIS A 22 -5.24 5.44 10.77
CA HIS A 22 -6.35 5.07 9.91
C HIS A 22 -5.86 4.32 8.69
N LEU A 23 -6.78 3.79 7.90
CA LEU A 23 -6.45 3.02 6.71
C LEU A 23 -6.97 3.71 5.47
N ARG A 24 -6.20 3.64 4.40
CA ARG A 24 -6.54 4.31 3.16
C ARG A 24 -6.36 3.38 1.98
N GLU A 25 -7.34 3.34 1.09
CA GLU A 25 -7.21 2.57 -0.14
C GLU A 25 -6.17 3.22 -1.04
N LEU A 26 -5.07 2.50 -1.28
CA LEU A 26 -3.97 3.05 -2.04
C LEU A 26 -4.23 2.85 -3.53
N LEU A 27 -4.48 1.61 -3.91
CA LEU A 27 -4.73 1.28 -5.31
C LEU A 27 -5.69 0.11 -5.44
N ARG A 28 -6.30 -0.01 -6.61
CA ARG A 28 -7.27 -1.05 -6.87
C ARG A 28 -7.09 -1.57 -8.29
N THR A 29 -6.86 -2.87 -8.42
CA THR A 29 -6.62 -3.47 -9.72
C THR A 29 -7.10 -4.92 -9.74
N ASN A 30 -6.98 -5.56 -10.89
CA ASN A 30 -7.41 -6.94 -11.05
C ASN A 30 -6.28 -7.81 -11.56
N ASP A 31 -5.13 -7.18 -11.86
CA ASP A 31 -3.99 -7.92 -12.38
C ASP A 31 -3.16 -8.51 -11.26
N ALA A 32 -2.95 -9.82 -11.33
CA ALA A 32 -2.25 -10.55 -10.28
C ALA A 32 -0.77 -10.17 -10.23
N VAL A 33 -0.16 -10.03 -11.40
CA VAL A 33 1.27 -9.73 -11.50
C VAL A 33 1.60 -8.38 -10.87
N LEU A 34 0.75 -7.40 -11.16
CA LEU A 34 0.91 -6.07 -10.60
C LEU A 34 0.79 -6.09 -9.08
N LEU A 35 -0.20 -6.83 -8.59
CA LEU A 35 -0.44 -6.94 -7.15
C LEU A 35 0.77 -7.54 -6.44
N SER A 36 1.41 -8.53 -7.07
CA SER A 36 2.61 -9.14 -6.51
C SER A 36 3.75 -8.13 -6.39
N ALA A 37 3.86 -7.25 -7.38
CA ALA A 37 4.89 -6.22 -7.37
C ALA A 37 4.66 -5.22 -6.24
N VAL A 38 3.42 -4.73 -6.15
CA VAL A 38 3.03 -3.79 -5.11
C VAL A 38 3.21 -4.43 -3.73
N GLY A 39 2.86 -5.69 -3.62
CA GLY A 39 3.00 -6.41 -2.36
C GLY A 39 4.44 -6.45 -1.87
N ALA A 40 5.36 -6.76 -2.77
CA ALA A 40 6.78 -6.86 -2.43
C ALA A 40 7.34 -5.50 -1.99
N LEU A 41 6.75 -4.43 -2.51
CA LEU A 41 7.18 -3.08 -2.18
C LEU A 41 6.73 -2.72 -0.77
N LEU A 42 5.45 -2.91 -0.52
CA LEU A 42 4.85 -2.54 0.77
C LEU A 42 5.40 -3.41 1.89
N ASP A 43 5.58 -4.69 1.61
CA ASP A 43 6.11 -5.62 2.61
C ASP A 43 7.58 -5.34 2.88
N GLY A 44 8.31 -4.96 1.83
CA GLY A 44 9.72 -4.66 1.99
C GLY A 44 9.96 -3.41 2.80
N ALA A 45 9.05 -2.46 2.72
CA ALA A 45 9.19 -1.19 3.43
C ALA A 45 8.48 -1.25 4.78
N ASP A 46 8.08 -2.45 5.20
CA ASP A 46 7.42 -2.68 6.48
C ASP A 46 6.11 -1.86 6.57
N ILE A 47 5.50 -1.65 5.42
CA ILE A 47 4.24 -0.92 5.35
C ILE A 47 3.09 -1.86 5.63
N GLY A 48 3.14 -3.02 5.02
CA GLY A 48 2.07 -3.98 5.10
C GLY A 48 1.02 -3.72 4.05
N HIS A 49 0.50 -4.78 3.45
CA HIS A 49 -0.49 -4.63 2.40
C HIS A 49 -1.76 -5.39 2.75
N LEU A 50 -2.85 -4.66 2.89
CA LEU A 50 -4.13 -5.28 3.14
C LEU A 50 -4.95 -5.31 1.85
N VAL A 51 -4.90 -6.44 1.16
CA VAL A 51 -5.66 -6.59 -0.08
C VAL A 51 -6.92 -7.41 0.18
N LEU A 52 -6.78 -8.43 1.04
CA LEU A 52 -7.86 -9.31 1.44
C LEU A 52 -8.40 -10.13 0.26
N ASP A 53 -8.30 -11.44 0.39
CA ASP A 53 -8.87 -12.35 -0.60
C ASP A 53 -10.37 -12.14 -0.69
N GLN A 54 -11.04 -12.31 0.46
CA GLN A 54 -12.48 -12.07 0.61
C GLN A 54 -13.28 -12.62 -0.58
N ASN A 55 -13.17 -13.91 -0.81
CA ASN A 55 -13.89 -14.52 -1.92
C ASN A 55 -15.29 -14.88 -1.47
N MET A 56 -16.14 -13.87 -1.37
CA MET A 56 -17.51 -14.04 -0.94
C MET A 56 -18.42 -14.27 -2.14
N SER A 57 -18.36 -13.36 -3.09
CA SER A 57 -19.13 -13.49 -4.31
C SER A 57 -18.38 -14.36 -5.31
N ILE A 58 -18.41 -15.66 -5.07
CA ILE A 58 -17.77 -16.60 -5.97
C ILE A 58 -18.63 -16.82 -7.20
N LEU A 59 -18.35 -16.02 -8.23
CA LEU A 59 -19.05 -16.11 -9.49
C LEU A 59 -18.03 -16.12 -10.61
N GLU A 60 -17.80 -17.31 -11.17
CA GLU A 60 -16.82 -17.49 -12.22
C GLU A 60 -17.27 -16.79 -13.51
N GLY A 61 -18.19 -17.40 -14.23
CA GLY A 61 -18.63 -16.86 -15.49
C GLY A 61 -17.56 -16.97 -16.57
N SER A 62 -16.57 -16.10 -16.50
CA SER A 62 -15.44 -16.13 -17.42
C SER A 62 -14.13 -16.22 -16.64
N LEU A 63 -13.98 -15.33 -15.67
CA LEU A 63 -12.73 -15.23 -14.92
C LEU A 63 -12.95 -15.47 -13.43
N GLY A 64 -14.07 -14.97 -12.92
CA GLY A 64 -14.27 -14.92 -11.48
C GLY A 64 -13.62 -13.69 -10.92
N VAL A 65 -14.22 -12.54 -11.19
CA VAL A 65 -13.60 -11.27 -10.89
C VAL A 65 -13.80 -10.85 -9.43
N ILE A 66 -12.82 -11.16 -8.60
CA ILE A 66 -12.76 -10.62 -7.26
C ILE A 66 -11.68 -9.55 -7.21
N PRO A 67 -12.08 -8.27 -7.29
CA PRO A 67 -11.15 -7.15 -7.28
C PRO A 67 -10.54 -6.93 -5.90
N ARG A 68 -9.27 -7.29 -5.78
CA ARG A 68 -8.57 -7.14 -4.52
C ARG A 68 -7.95 -5.74 -4.44
N ARG A 69 -8.14 -5.09 -3.32
CA ARG A 69 -7.82 -3.68 -3.18
C ARG A 69 -6.78 -3.49 -2.09
N VAL A 70 -5.81 -2.64 -2.35
CA VAL A 70 -4.67 -2.50 -1.46
C VAL A 70 -4.83 -1.30 -0.54
N LEU A 71 -5.14 -1.57 0.71
CA LEU A 71 -5.27 -0.51 1.69
C LEU A 71 -4.05 -0.46 2.59
N VAL A 72 -3.46 0.72 2.71
CA VAL A 72 -2.33 0.95 3.58
C VAL A 72 -2.76 1.80 4.76
N HIS A 73 -1.81 2.16 5.61
CA HIS A 73 -2.12 2.98 6.77
C HIS A 73 -1.60 4.39 6.58
N GLU A 74 -2.11 5.32 7.38
CA GLU A 74 -1.61 6.69 7.42
C GLU A 74 -0.12 6.68 7.81
N ASP A 75 0.27 5.60 8.48
CA ASP A 75 1.64 5.37 8.92
C ASP A 75 2.67 5.57 7.82
N ASP A 76 2.33 5.19 6.59
CA ASP A 76 3.28 5.26 5.48
C ASP A 76 2.58 5.72 4.21
N LEU A 77 1.54 6.53 4.36
CA LEU A 77 0.75 6.97 3.21
C LEU A 77 1.64 7.69 2.21
N ALA A 78 2.46 8.61 2.70
CA ALA A 78 3.34 9.39 1.84
C ALA A 78 4.45 8.52 1.26
N GLY A 79 5.00 7.64 2.10
CA GLY A 79 6.08 6.78 1.67
C GLY A 79 5.64 5.79 0.60
N ALA A 80 4.53 5.12 0.85
CA ALA A 80 3.97 4.16 -0.09
C ALA A 80 3.72 4.81 -1.45
N ARG A 81 3.21 6.04 -1.42
CA ARG A 81 2.91 6.77 -2.65
C ARG A 81 4.18 6.94 -3.49
N ARG A 82 5.23 7.50 -2.88
CA ARG A 82 6.48 7.74 -3.61
C ARG A 82 7.12 6.43 -4.03
N LEU A 83 7.04 5.42 -3.17
CA LEU A 83 7.60 4.10 -3.46
C LEU A 83 6.97 3.52 -4.73
N LEU A 84 5.64 3.58 -4.80
CA LEU A 84 4.91 3.07 -5.96
C LEU A 84 5.09 4.00 -7.17
N THR A 85 5.30 5.29 -6.90
CA THR A 85 5.53 6.25 -7.97
C THR A 85 6.86 5.95 -8.67
N ASP A 86 7.90 5.72 -7.88
CA ASP A 86 9.22 5.41 -8.42
C ASP A 86 9.21 4.08 -9.16
N ALA A 87 8.37 3.16 -8.70
CA ALA A 87 8.23 1.86 -9.36
C ALA A 87 7.64 2.01 -10.77
N GLY A 88 6.86 3.06 -10.95
CA GLY A 88 6.29 3.34 -12.27
C GLY A 88 4.84 2.89 -12.37
N LEU A 89 4.42 2.04 -11.44
CA LEU A 89 3.07 1.50 -11.47
C LEU A 89 2.08 2.46 -10.81
N ALA A 90 2.53 3.67 -10.51
CA ALA A 90 1.66 4.71 -10.00
C ALA A 90 0.64 5.11 -11.06
N HIS A 91 -0.46 4.38 -11.08
CA HIS A 91 -1.51 4.59 -12.07
C HIS A 91 -2.80 3.91 -11.62
N GLU A 92 -2.65 2.73 -10.99
CA GLU A 92 -3.80 2.00 -10.49
C GLU A 92 -4.25 2.56 -9.14
N LEU A 93 -3.61 3.64 -8.72
CA LEU A 93 -3.90 4.26 -7.43
C LEU A 93 -5.30 4.83 -7.39
N ARG A 94 -5.95 4.71 -6.24
CA ARG A 94 -7.28 5.26 -6.05
C ARG A 94 -7.25 6.31 -4.94
N SER A 95 -6.65 7.45 -5.24
CA SER A 95 -6.47 8.53 -4.28
C SER A 95 -7.73 9.38 -4.15
N ASP A 96 -8.89 8.74 -4.33
CA ASP A 96 -10.17 9.45 -4.32
C ASP A 96 -10.72 9.51 -2.90
N ASP A 97 -9.90 9.08 -1.94
CA ASP A 97 -10.27 9.13 -0.53
C ASP A 97 -9.67 10.37 0.11
N MET A 1 32.82 45.40 39.12
CA MET A 1 33.38 44.13 38.59
C MET A 1 33.27 43.03 39.64
N GLY A 2 32.38 43.21 40.59
CA GLY A 2 32.19 42.22 41.63
C GLY A 2 30.79 41.68 41.66
N SER A 3 30.25 41.42 40.49
CA SER A 3 28.90 40.86 40.37
C SER A 3 28.87 39.82 39.27
N SER A 4 29.12 38.58 39.65
CA SER A 4 29.19 37.49 38.69
C SER A 4 28.29 36.34 39.11
N HIS A 5 27.07 36.34 38.61
CA HIS A 5 26.14 35.24 38.87
C HIS A 5 25.46 34.79 37.59
N HIS A 6 26.09 33.85 36.91
CA HIS A 6 25.49 33.23 35.73
C HIS A 6 25.21 31.76 36.02
N HIS A 7 23.95 31.38 35.97
CA HIS A 7 23.57 30.00 36.21
C HIS A 7 22.21 29.73 35.59
N HIS A 8 22.20 28.88 34.58
CA HIS A 8 20.97 28.52 33.88
C HIS A 8 21.00 27.03 33.52
N HIS A 9 19.96 26.31 33.91
CA HIS A 9 19.86 24.89 33.62
C HIS A 9 18.47 24.38 33.98
N HIS A 10 17.52 24.56 33.07
CA HIS A 10 16.16 24.12 33.31
C HIS A 10 15.46 23.77 32.00
N SER A 11 15.53 22.51 31.62
CA SER A 11 14.86 22.01 30.42
C SER A 11 14.62 20.51 30.55
N SER A 12 13.44 20.14 31.01
CA SER A 12 13.12 18.74 31.23
C SER A 12 11.64 18.44 30.98
N GLY A 13 11.37 17.45 30.13
CA GLY A 13 10.02 16.95 29.97
C GLY A 13 9.25 17.61 28.86
N ARG A 14 8.64 16.79 28.01
CA ARG A 14 7.69 17.26 27.02
C ARG A 14 6.38 16.49 27.16
N GLU A 15 5.29 17.06 26.70
CA GLU A 15 4.00 16.41 26.78
C GLU A 15 3.29 16.40 25.42
N ASN A 16 3.01 15.20 24.93
CA ASN A 16 2.31 15.02 23.67
C ASN A 16 1.72 13.61 23.57
N LEU A 17 0.41 13.52 23.65
CA LEU A 17 -0.28 12.23 23.53
C LEU A 17 -0.52 11.91 22.06
N TYR A 18 0.25 10.98 21.55
CA TYR A 18 0.14 10.57 20.15
C TYR A 18 -0.98 9.56 19.97
N PHE A 19 -1.55 9.52 18.77
CA PHE A 19 -2.63 8.59 18.47
C PHE A 19 -2.80 8.43 16.97
N GLN A 20 -2.78 7.18 16.51
CA GLN A 20 -3.01 6.86 15.11
C GLN A 20 -3.64 5.48 14.98
N GLY A 21 -4.48 5.30 13.98
CA GLY A 21 -5.12 4.02 13.76
C GLY A 21 -6.16 4.07 12.66
N HIS A 22 -5.69 4.02 11.42
CA HIS A 22 -6.58 4.09 10.26
C HIS A 22 -5.84 3.62 9.01
N LEU A 23 -6.58 3.03 8.07
CA LEU A 23 -6.00 2.63 6.79
C LEU A 23 -6.80 3.26 5.65
N ARG A 24 -6.11 3.62 4.57
CA ARG A 24 -6.75 4.30 3.45
C ARG A 24 -6.70 3.45 2.19
N GLU A 25 -7.72 3.61 1.35
CA GLU A 25 -7.83 2.83 0.11
C GLU A 25 -7.03 3.49 -1.00
N LEU A 26 -6.07 2.75 -1.56
CA LEU A 26 -5.14 3.30 -2.54
C LEU A 26 -5.52 2.95 -3.98
N LEU A 27 -5.45 1.67 -4.32
CA LEU A 27 -5.61 1.25 -5.71
C LEU A 27 -6.37 -0.04 -5.83
N ARG A 28 -6.74 -0.36 -7.06
CA ARG A 28 -7.43 -1.61 -7.36
C ARG A 28 -6.43 -2.59 -7.96
N THR A 29 -6.49 -3.84 -7.51
CA THR A 29 -5.63 -4.87 -8.05
C THR A 29 -6.45 -5.98 -8.70
N ASN A 30 -6.65 -5.83 -10.00
CA ASN A 30 -7.34 -6.85 -10.79
C ASN A 30 -6.34 -7.49 -11.75
N ASP A 31 -5.07 -7.16 -11.54
CA ASP A 31 -4.00 -7.70 -12.35
C ASP A 31 -3.11 -8.58 -11.49
N ALA A 32 -2.91 -9.82 -11.92
CA ALA A 32 -2.14 -10.80 -11.16
C ALA A 32 -0.69 -10.34 -10.96
N VAL A 33 -0.08 -9.82 -12.02
CA VAL A 33 1.31 -9.41 -11.97
C VAL A 33 1.48 -8.16 -11.11
N LEU A 34 0.58 -7.19 -11.31
CA LEU A 34 0.60 -5.94 -10.56
C LEU A 34 0.49 -6.20 -9.06
N LEU A 35 -0.40 -7.11 -8.68
CA LEU A 35 -0.64 -7.41 -7.29
C LEU A 35 0.61 -7.98 -6.63
N SER A 36 1.37 -8.76 -7.40
CA SER A 36 2.63 -9.31 -6.91
C SER A 36 3.68 -8.20 -6.77
N ALA A 37 3.74 -7.32 -7.76
CA ALA A 37 4.72 -6.25 -7.78
C ALA A 37 4.49 -5.25 -6.63
N VAL A 38 3.28 -4.73 -6.54
CA VAL A 38 2.93 -3.77 -5.50
C VAL A 38 3.06 -4.40 -4.11
N GLY A 39 2.61 -5.65 -4.00
CA GLY A 39 2.64 -6.35 -2.74
C GLY A 39 4.06 -6.59 -2.24
N ALA A 40 4.98 -6.81 -3.19
CA ALA A 40 6.38 -7.02 -2.84
C ALA A 40 7.03 -5.71 -2.40
N LEU A 41 6.63 -4.62 -3.03
CA LEU A 41 7.15 -3.30 -2.70
C LEU A 41 6.73 -2.91 -1.30
N LEU A 42 5.46 -3.11 -1.00
CA LEU A 42 4.90 -2.78 0.30
C LEU A 42 5.63 -3.56 1.40
N ASP A 43 5.80 -4.85 1.19
CA ASP A 43 6.48 -5.69 2.16
C ASP A 43 7.97 -5.35 2.24
N GLY A 44 8.54 -5.04 1.09
CA GLY A 44 9.97 -4.72 1.01
C GLY A 44 10.32 -3.44 1.75
N ALA A 45 9.33 -2.59 1.99
CA ALA A 45 9.55 -1.35 2.71
C ALA A 45 8.91 -1.39 4.10
N ASP A 46 8.42 -2.57 4.48
CA ASP A 46 7.77 -2.77 5.78
C ASP A 46 6.54 -1.88 5.92
N ILE A 47 5.86 -1.66 4.80
CA ILE A 47 4.67 -0.84 4.76
C ILE A 47 3.45 -1.65 5.21
N GLY A 48 2.80 -1.20 6.27
CA GLY A 48 1.62 -1.89 6.76
C GLY A 48 0.47 -1.80 5.78
N HIS A 49 0.13 -2.93 5.15
CA HIS A 49 -0.88 -2.93 4.12
C HIS A 49 -1.96 -3.97 4.41
N LEU A 50 -3.17 -3.67 3.99
CA LEU A 50 -4.29 -4.60 4.14
C LEU A 50 -4.97 -4.78 2.79
N VAL A 51 -5.15 -6.02 2.39
CA VAL A 51 -5.79 -6.32 1.12
C VAL A 51 -7.24 -6.76 1.33
N LEU A 52 -8.16 -6.10 0.66
CA LEU A 52 -9.57 -6.46 0.71
C LEU A 52 -9.95 -7.20 -0.56
N ASP A 53 -10.29 -8.48 -0.42
CA ASP A 53 -10.60 -9.31 -1.58
C ASP A 53 -12.07 -9.17 -1.96
N GLN A 54 -12.94 -9.60 -1.05
CA GLN A 54 -14.40 -9.51 -1.22
C GLN A 54 -14.90 -10.43 -2.34
N ASN A 55 -15.80 -11.34 -1.98
CA ASN A 55 -16.47 -12.19 -2.96
C ASN A 55 -17.95 -11.86 -2.98
N MET A 56 -18.65 -12.35 -4.00
CA MET A 56 -20.06 -12.04 -4.20
C MET A 56 -20.93 -12.72 -3.14
N SER A 57 -22.10 -12.11 -2.87
CA SER A 57 -23.04 -12.65 -1.89
C SER A 57 -23.50 -14.05 -2.29
N ILE A 58 -23.97 -14.81 -1.32
CA ILE A 58 -24.39 -16.19 -1.56
C ILE A 58 -25.72 -16.25 -2.32
N LEU A 59 -25.60 -16.40 -3.64
CA LEU A 59 -26.75 -16.54 -4.56
C LEU A 59 -26.23 -16.38 -5.98
N GLU A 60 -25.99 -17.50 -6.66
CA GLU A 60 -25.45 -17.50 -8.02
C GLU A 60 -24.05 -16.91 -8.05
N GLY A 61 -23.05 -17.78 -7.93
CA GLY A 61 -21.68 -17.33 -7.87
C GLY A 61 -20.86 -17.78 -9.07
N SER A 62 -21.42 -17.61 -10.26
CA SER A 62 -20.68 -17.88 -11.48
C SER A 62 -19.81 -16.70 -11.86
N LEU A 63 -20.43 -15.53 -11.98
CA LEU A 63 -19.70 -14.30 -12.30
C LEU A 63 -19.69 -13.36 -11.10
N GLY A 64 -18.52 -12.82 -10.82
CA GLY A 64 -18.38 -11.84 -9.76
C GLY A 64 -17.57 -10.65 -10.19
N VAL A 65 -16.28 -10.90 -10.44
CA VAL A 65 -15.35 -9.87 -10.89
C VAL A 65 -15.26 -8.74 -9.86
N ILE A 66 -14.76 -9.07 -8.68
CA ILE A 66 -14.58 -8.09 -7.62
C ILE A 66 -13.09 -7.74 -7.52
N PRO A 67 -12.73 -6.51 -7.90
CA PRO A 67 -11.34 -6.05 -7.86
C PRO A 67 -10.83 -5.95 -6.42
N ARG A 68 -9.86 -6.79 -6.08
CA ARG A 68 -9.20 -6.71 -4.78
C ARG A 68 -8.60 -5.33 -4.59
N ARG A 69 -8.76 -4.77 -3.40
CA ARG A 69 -8.31 -3.41 -3.14
C ARG A 69 -7.17 -3.41 -2.14
N VAL A 70 -6.19 -2.56 -2.38
CA VAL A 70 -5.03 -2.47 -1.50
C VAL A 70 -5.09 -1.20 -0.67
N LEU A 71 -5.15 -1.37 0.65
CA LEU A 71 -5.16 -0.26 1.58
C LEU A 71 -3.89 -0.28 2.42
N VAL A 72 -3.44 0.89 2.85
CA VAL A 72 -2.26 0.97 3.71
C VAL A 72 -2.53 1.86 4.93
N HIS A 73 -1.67 1.72 5.92
CA HIS A 73 -1.81 2.41 7.19
C HIS A 73 -1.40 3.90 7.05
N GLU A 74 -2.02 4.76 7.88
CA GLU A 74 -1.82 6.21 7.84
C GLU A 74 -0.38 6.65 7.55
N ASP A 75 0.54 6.34 8.46
CA ASP A 75 1.92 6.80 8.35
C ASP A 75 2.63 6.15 7.16
N ASP A 76 2.06 5.04 6.71
CA ASP A 76 2.63 4.26 5.62
C ASP A 76 2.18 4.81 4.27
N LEU A 77 1.16 5.68 4.29
CA LEU A 77 0.63 6.30 3.08
C LEU A 77 1.73 6.96 2.26
N ALA A 78 2.43 7.89 2.88
CA ALA A 78 3.49 8.64 2.22
C ALA A 78 4.55 7.71 1.66
N GLY A 79 4.93 6.72 2.45
CA GLY A 79 5.96 5.79 2.02
C GLY A 79 5.54 4.97 0.82
N ALA A 80 4.34 4.41 0.87
CA ALA A 80 3.84 3.56 -0.19
C ALA A 80 3.63 4.36 -1.48
N ARG A 81 2.99 5.51 -1.36
CA ARG A 81 2.70 6.34 -2.53
C ARG A 81 3.99 6.84 -3.18
N ARG A 82 4.96 7.18 -2.35
CA ARG A 82 6.26 7.62 -2.85
C ARG A 82 6.99 6.47 -3.55
N LEU A 83 6.94 5.30 -2.92
CA LEU A 83 7.63 4.12 -3.42
C LEU A 83 7.07 3.70 -4.78
N LEU A 84 5.76 3.65 -4.89
CA LEU A 84 5.10 3.27 -6.14
C LEU A 84 5.42 4.30 -7.24
N THR A 85 5.66 5.54 -6.84
CA THR A 85 6.03 6.59 -7.78
C THR A 85 7.48 6.41 -8.24
N ASP A 86 8.35 6.02 -7.32
CA ASP A 86 9.76 5.80 -7.63
C ASP A 86 9.91 4.60 -8.56
N ALA A 87 9.08 3.58 -8.36
CA ALA A 87 9.11 2.39 -9.19
C ALA A 87 8.36 2.63 -10.51
N GLY A 88 7.54 3.67 -10.52
CA GLY A 88 6.79 4.02 -11.72
C GLY A 88 5.58 3.13 -11.91
N LEU A 89 5.02 2.62 -10.83
CA LEU A 89 3.86 1.74 -10.91
C LEU A 89 2.59 2.47 -10.52
N ALA A 90 2.72 3.78 -10.30
CA ALA A 90 1.58 4.61 -9.95
C ALA A 90 0.73 4.90 -11.19
N HIS A 91 0.00 3.88 -11.64
CA HIS A 91 -0.87 4.01 -12.80
C HIS A 91 -2.26 3.49 -12.49
N GLU A 92 -2.30 2.45 -11.65
CA GLU A 92 -3.55 1.77 -11.33
C GLU A 92 -4.11 2.27 -10.00
N LEU A 93 -3.52 3.32 -9.46
CA LEU A 93 -3.95 3.88 -8.19
C LEU A 93 -5.16 4.77 -8.42
N ARG A 94 -6.26 4.44 -7.76
CA ARG A 94 -7.49 5.21 -7.92
C ARG A 94 -7.43 6.49 -7.10
N SER A 95 -6.75 7.48 -7.64
CA SER A 95 -6.69 8.78 -7.03
C SER A 95 -7.43 9.78 -7.90
N ASP A 96 -8.75 9.82 -7.73
CA ASP A 96 -9.57 10.78 -8.46
C ASP A 96 -9.20 12.18 -8.03
N ASP A 97 -8.86 12.31 -6.76
CA ASP A 97 -8.41 13.56 -6.18
C ASP A 97 -7.33 13.28 -5.16
N MET A 1 45.29 -9.25 21.26
CA MET A 1 44.62 -10.41 20.63
C MET A 1 43.11 -10.29 20.77
N GLY A 2 42.44 -10.03 19.67
CA GLY A 2 41.00 -9.89 19.70
C GLY A 2 40.56 -8.44 19.75
N SER A 3 40.94 -7.67 18.74
CA SER A 3 40.51 -6.28 18.65
C SER A 3 39.07 -6.21 18.16
N SER A 4 38.14 -6.03 19.08
CA SER A 4 36.73 -6.07 18.75
C SER A 4 36.01 -4.85 19.31
N HIS A 5 35.73 -3.89 18.43
CA HIS A 5 34.98 -2.70 18.80
C HIS A 5 33.49 -3.01 18.75
N HIS A 6 32.78 -2.64 19.80
CA HIS A 6 31.38 -2.99 19.93
C HIS A 6 30.46 -1.86 19.51
N HIS A 7 29.61 -2.15 18.54
CA HIS A 7 28.60 -1.20 18.11
C HIS A 7 27.25 -1.91 18.00
N HIS A 8 26.31 -1.50 18.83
CA HIS A 8 25.01 -2.16 18.87
C HIS A 8 23.88 -1.13 18.99
N HIS A 9 24.24 0.10 19.35
CA HIS A 9 23.27 1.18 19.44
C HIS A 9 22.90 1.69 18.05
N HIS A 10 22.06 0.92 17.35
CA HIS A 10 21.59 1.28 16.03
C HIS A 10 20.27 2.01 16.13
N SER A 11 19.48 1.64 17.12
CA SER A 11 18.21 2.28 17.39
C SER A 11 18.43 3.54 18.22
N SER A 12 18.14 4.67 17.63
CA SER A 12 18.40 5.96 18.27
C SER A 12 17.25 6.93 18.00
N GLY A 13 16.45 7.18 19.03
CA GLY A 13 15.29 8.03 18.87
C GLY A 13 14.01 7.21 18.91
N ARG A 14 12.94 7.79 19.44
CA ARG A 14 11.68 7.07 19.56
C ARG A 14 10.48 7.97 19.31
N GLU A 15 10.68 9.28 19.32
CA GLU A 15 9.59 10.21 19.14
C GLU A 15 9.20 10.31 17.68
N ASN A 16 8.42 9.34 17.23
CA ASN A 16 7.87 9.33 15.89
C ASN A 16 6.36 9.15 16.01
N LEU A 17 5.81 9.80 17.03
CA LEU A 17 4.41 9.65 17.36
C LEU A 17 3.53 10.46 16.42
N TYR A 18 2.98 9.79 15.42
CA TYR A 18 1.99 10.39 14.55
C TYR A 18 0.74 9.52 14.58
N PHE A 19 0.82 8.37 13.90
CA PHE A 19 -0.20 7.31 13.98
C PHE A 19 -1.50 7.72 13.28
N GLN A 20 -1.60 8.98 12.88
CA GLN A 20 -2.80 9.52 12.26
C GLN A 20 -3.15 8.73 11.00
N GLY A 21 -4.36 8.21 10.95
CA GLY A 21 -4.80 7.53 9.75
C GLY A 21 -5.74 6.38 10.02
N HIS A 22 -6.99 6.56 9.62
CA HIS A 22 -7.99 5.49 9.66
C HIS A 22 -7.89 4.63 8.40
N LEU A 23 -6.87 4.92 7.59
CA LEU A 23 -6.52 4.14 6.39
C LEU A 23 -7.32 4.55 5.16
N ARG A 24 -6.63 4.60 4.03
CA ARG A 24 -7.24 4.94 2.76
C ARG A 24 -7.12 3.76 1.81
N GLU A 25 -8.01 3.67 0.83
CA GLU A 25 -7.86 2.69 -0.24
C GLU A 25 -6.96 3.28 -1.31
N LEU A 26 -5.86 2.60 -1.60
CA LEU A 26 -4.89 3.09 -2.56
C LEU A 26 -5.24 2.66 -3.97
N LEU A 27 -5.17 1.37 -4.25
CA LEU A 27 -5.41 0.88 -5.59
C LEU A 27 -6.15 -0.44 -5.57
N ARG A 28 -6.75 -0.78 -6.70
CA ARG A 28 -7.48 -2.03 -6.86
C ARG A 28 -7.28 -2.56 -8.28
N THR A 29 -6.90 -3.82 -8.40
CA THR A 29 -6.68 -4.42 -9.71
C THR A 29 -6.93 -5.92 -9.66
N ASN A 30 -7.10 -6.52 -10.84
CA ASN A 30 -7.41 -7.93 -10.96
C ASN A 30 -6.23 -8.69 -11.55
N ASP A 31 -5.15 -7.97 -11.84
CA ASP A 31 -3.96 -8.57 -12.43
C ASP A 31 -2.95 -8.95 -11.35
N ALA A 32 -2.58 -10.22 -11.33
CA ALA A 32 -1.71 -10.75 -10.29
C ALA A 32 -0.28 -10.24 -10.44
N VAL A 33 0.11 -9.93 -11.67
CA VAL A 33 1.46 -9.43 -11.93
C VAL A 33 1.66 -8.07 -11.28
N LEU A 34 0.73 -7.16 -11.51
CA LEU A 34 0.75 -5.84 -10.89
C LEU A 34 0.64 -5.97 -9.37
N LEU A 35 -0.21 -6.89 -8.93
CA LEU A 35 -0.39 -7.14 -7.51
C LEU A 35 0.90 -7.65 -6.88
N SER A 36 1.71 -8.36 -7.65
CA SER A 36 2.98 -8.85 -7.16
C SER A 36 4.01 -7.72 -7.10
N ALA A 37 4.05 -6.92 -8.15
CA ALA A 37 4.97 -5.80 -8.23
C ALA A 37 4.73 -4.81 -7.09
N VAL A 38 3.48 -4.41 -6.92
CA VAL A 38 3.11 -3.50 -5.85
C VAL A 38 3.21 -4.18 -4.48
N GLY A 39 2.76 -5.43 -4.44
CA GLY A 39 2.79 -6.19 -3.21
C GLY A 39 4.17 -6.36 -2.64
N ALA A 40 5.11 -6.78 -3.49
CA ALA A 40 6.49 -7.03 -3.05
C ALA A 40 7.15 -5.77 -2.51
N LEU A 41 6.69 -4.61 -2.96
CA LEU A 41 7.24 -3.34 -2.50
C LEU A 41 6.86 -3.08 -1.05
N LEU A 42 5.56 -3.17 -0.76
CA LEU A 42 5.05 -2.93 0.58
C LEU A 42 5.37 -4.09 1.50
N ASP A 43 5.25 -5.30 0.98
CA ASP A 43 5.47 -6.51 1.77
C ASP A 43 6.94 -6.65 2.16
N GLY A 44 7.83 -6.37 1.21
CA GLY A 44 9.25 -6.51 1.44
C GLY A 44 9.81 -5.45 2.37
N ALA A 45 9.19 -4.27 2.36
CA ALA A 45 9.64 -3.18 3.20
C ALA A 45 9.01 -3.27 4.59
N ASP A 46 8.18 -4.28 4.80
CA ASP A 46 7.53 -4.54 6.08
C ASP A 46 6.52 -3.43 6.42
N ILE A 47 6.08 -2.72 5.38
CA ILE A 47 5.09 -1.67 5.54
C ILE A 47 3.71 -2.30 5.73
N GLY A 48 2.88 -1.71 6.57
CA GLY A 48 1.53 -2.22 6.78
C GLY A 48 0.74 -2.25 5.48
N HIS A 49 0.41 -3.45 5.02
CA HIS A 49 -0.23 -3.61 3.72
C HIS A 49 -1.49 -4.46 3.82
N LEU A 50 -2.63 -3.79 3.85
CA LEU A 50 -3.91 -4.47 3.88
C LEU A 50 -4.30 -4.85 2.45
N VAL A 51 -3.89 -6.02 2.03
CA VAL A 51 -4.17 -6.50 0.69
C VAL A 51 -5.21 -7.61 0.74
N LEU A 52 -6.37 -7.35 0.18
CA LEU A 52 -7.45 -8.32 0.18
C LEU A 52 -8.04 -8.47 -1.22
N ASP A 53 -8.26 -9.71 -1.63
CA ASP A 53 -8.90 -9.98 -2.90
C ASP A 53 -10.31 -10.50 -2.65
N GLN A 54 -11.07 -10.71 -3.71
CA GLN A 54 -12.47 -11.05 -3.56
C GLN A 54 -12.78 -12.46 -4.02
N ASN A 55 -12.61 -13.42 -3.12
CA ASN A 55 -13.07 -14.79 -3.33
C ASN A 55 -14.24 -15.05 -2.40
N MET A 56 -15.45 -14.90 -2.91
CA MET A 56 -16.62 -14.98 -2.07
C MET A 56 -17.58 -16.06 -2.56
N SER A 57 -17.24 -17.32 -2.27
CA SER A 57 -18.10 -18.47 -2.54
C SER A 57 -18.37 -18.63 -4.05
N ILE A 58 -17.70 -19.61 -4.66
CA ILE A 58 -17.88 -19.89 -6.06
C ILE A 58 -19.27 -20.48 -6.31
N LEU A 59 -19.98 -19.90 -7.25
CA LEU A 59 -21.33 -20.36 -7.59
C LEU A 59 -21.36 -20.74 -9.07
N GLU A 60 -21.42 -22.05 -9.32
CA GLU A 60 -21.36 -22.62 -10.68
C GLU A 60 -20.28 -21.97 -11.54
N GLY A 61 -20.44 -22.05 -12.86
CA GLY A 61 -19.50 -21.44 -13.77
C GLY A 61 -19.60 -19.92 -13.77
N SER A 62 -19.15 -19.31 -12.70
CA SER A 62 -19.17 -17.87 -12.55
C SER A 62 -17.91 -17.41 -11.81
N LEU A 63 -17.18 -16.50 -12.43
CA LEU A 63 -15.95 -16.00 -11.84
C LEU A 63 -16.19 -14.66 -11.17
N GLY A 64 -17.08 -13.88 -11.77
CA GLY A 64 -17.33 -12.54 -11.29
C GLY A 64 -16.16 -11.63 -11.54
N VAL A 65 -15.81 -10.84 -10.54
CA VAL A 65 -14.65 -9.96 -10.63
C VAL A 65 -13.85 -10.07 -9.35
N ILE A 66 -12.56 -10.37 -9.48
CA ILE A 66 -11.68 -10.47 -8.31
C ILE A 66 -10.69 -9.30 -8.31
N PRO A 67 -11.09 -8.15 -7.75
CA PRO A 67 -10.24 -6.98 -7.63
C PRO A 67 -9.60 -6.89 -6.25
N ARG A 68 -8.32 -7.18 -6.17
CA ARG A 68 -7.61 -7.07 -4.91
C ARG A 68 -7.37 -5.60 -4.59
N ARG A 69 -7.67 -5.21 -3.36
CA ARG A 69 -7.61 -3.83 -2.95
C ARG A 69 -6.49 -3.66 -1.93
N VAL A 70 -5.68 -2.62 -2.12
CA VAL A 70 -4.53 -2.38 -1.27
C VAL A 70 -4.72 -1.12 -0.43
N LEU A 71 -4.73 -1.29 0.88
CA LEU A 71 -4.86 -0.16 1.80
C LEU A 71 -3.67 -0.11 2.75
N VAL A 72 -3.22 1.09 3.08
CA VAL A 72 -2.09 1.25 4.02
C VAL A 72 -2.43 2.33 5.05
N HIS A 73 -1.58 2.43 6.08
CA HIS A 73 -1.78 3.42 7.13
C HIS A 73 -1.41 4.80 6.59
N GLU A 74 -2.16 5.83 6.98
CA GLU A 74 -2.03 7.17 6.40
C GLU A 74 -0.76 7.90 6.85
N ASP A 75 -0.05 7.34 7.81
CA ASP A 75 1.23 7.90 8.23
C ASP A 75 2.35 7.35 7.34
N ASP A 76 2.10 6.18 6.76
CA ASP A 76 2.98 5.60 5.76
C ASP A 76 2.43 5.84 4.36
N LEU A 77 1.38 6.66 4.29
CA LEU A 77 0.72 6.95 3.01
C LEU A 77 1.72 7.57 2.04
N ALA A 78 2.35 8.66 2.46
CA ALA A 78 3.37 9.33 1.65
C ALA A 78 4.49 8.37 1.28
N GLY A 79 4.84 7.49 2.22
CA GLY A 79 5.88 6.51 1.97
C GLY A 79 5.51 5.56 0.85
N ALA A 80 4.31 5.01 0.92
CA ALA A 80 3.83 4.10 -0.10
C ALA A 80 3.65 4.82 -1.44
N ARG A 81 3.10 6.02 -1.40
CA ARG A 81 2.93 6.82 -2.61
C ARG A 81 4.28 7.08 -3.28
N ARG A 82 5.26 7.48 -2.48
CA ARG A 82 6.61 7.72 -2.98
C ARG A 82 7.18 6.45 -3.61
N LEU A 83 7.03 5.33 -2.90
CA LEU A 83 7.54 4.05 -3.37
C LEU A 83 6.89 3.64 -4.69
N LEU A 84 5.57 3.72 -4.75
CA LEU A 84 4.84 3.33 -5.95
C LEU A 84 5.16 4.27 -7.12
N THR A 85 5.35 5.55 -6.83
CA THR A 85 5.69 6.51 -7.86
C THR A 85 7.12 6.29 -8.34
N ASP A 86 8.02 6.03 -7.41
CA ASP A 86 9.43 5.82 -7.73
C ASP A 86 9.61 4.54 -8.53
N ALA A 87 8.77 3.55 -8.25
CA ALA A 87 8.79 2.30 -8.99
C ALA A 87 8.14 2.45 -10.36
N GLY A 88 7.12 3.30 -10.43
CA GLY A 88 6.42 3.51 -11.68
C GLY A 88 5.13 2.71 -11.73
N LEU A 89 4.55 2.45 -10.57
CA LEU A 89 3.33 1.66 -10.46
C LEU A 89 2.17 2.51 -9.99
N ALA A 90 2.44 3.78 -9.71
CA ALA A 90 1.40 4.71 -9.31
C ALA A 90 0.56 5.11 -10.51
N HIS A 91 -0.53 4.39 -10.72
CA HIS A 91 -1.43 4.65 -11.83
C HIS A 91 -2.84 4.16 -11.52
N GLU A 92 -2.93 2.96 -10.96
CA GLU A 92 -4.22 2.36 -10.62
C GLU A 92 -4.71 2.84 -9.27
N LEU A 93 -4.05 3.86 -8.72
CA LEU A 93 -4.42 4.43 -7.44
C LEU A 93 -5.63 5.34 -7.62
N ARG A 94 -6.80 4.83 -7.27
CA ARG A 94 -8.03 5.57 -7.49
C ARG A 94 -8.48 6.28 -6.22
N SER A 95 -8.32 7.58 -6.19
CA SER A 95 -8.67 8.38 -5.04
C SER A 95 -9.71 9.42 -5.39
N ASP A 96 -10.26 10.08 -4.39
CA ASP A 96 -11.28 11.10 -4.61
C ASP A 96 -10.61 12.46 -4.78
N ASP A 97 -10.53 12.91 -6.02
CA ASP A 97 -9.98 14.21 -6.33
C ASP A 97 -11.11 15.22 -6.53
N MET A 1 -7.85 -27.86 28.23
CA MET A 1 -7.72 -29.05 27.35
C MET A 1 -6.28 -29.20 26.87
N GLY A 2 -5.83 -28.30 26.00
CA GLY A 2 -4.46 -28.38 25.53
C GLY A 2 -3.89 -27.02 25.15
N SER A 3 -4.73 -26.00 25.17
CA SER A 3 -4.31 -24.66 24.80
C SER A 3 -3.48 -24.02 25.89
N SER A 4 -2.17 -24.05 25.73
CA SER A 4 -1.26 -23.45 26.69
C SER A 4 0.01 -23.00 25.99
N HIS A 5 1.03 -22.60 26.77
CA HIS A 5 2.34 -22.19 26.23
C HIS A 5 2.29 -20.81 25.59
N HIS A 6 1.18 -20.48 24.94
CA HIS A 6 1.03 -19.19 24.28
C HIS A 6 0.74 -18.11 25.32
N HIS A 7 1.79 -17.56 25.88
CA HIS A 7 1.69 -16.57 26.93
C HIS A 7 2.67 -15.43 26.65
N HIS A 8 2.16 -14.22 26.53
CA HIS A 8 3.00 -13.08 26.22
C HIS A 8 2.40 -11.79 26.77
N HIS A 9 3.24 -10.80 27.01
CA HIS A 9 2.80 -9.50 27.50
C HIS A 9 3.86 -8.43 27.22
N HIS A 10 3.59 -7.59 26.24
CA HIS A 10 4.52 -6.55 25.85
C HIS A 10 3.76 -5.26 25.54
N SER A 11 3.42 -4.53 26.59
CA SER A 11 2.67 -3.29 26.45
C SER A 11 3.59 -2.09 26.51
N SER A 12 4.07 -1.67 25.34
CA SER A 12 5.01 -0.56 25.27
C SER A 12 4.58 0.45 24.20
N GLY A 13 4.18 1.62 24.64
CA GLY A 13 3.77 2.65 23.71
C GLY A 13 2.49 3.33 24.13
N ARG A 14 2.51 4.65 24.11
CA ARG A 14 1.33 5.43 24.48
C ARG A 14 0.88 6.29 23.29
N GLU A 15 1.82 6.81 22.53
CA GLU A 15 1.49 7.64 21.40
C GLU A 15 1.56 6.85 20.10
N ASN A 16 0.40 6.60 19.53
CA ASN A 16 0.25 5.93 18.25
C ASN A 16 -1.13 6.25 17.70
N LEU A 17 -1.59 7.45 18.05
CA LEU A 17 -2.96 7.87 17.79
C LEU A 17 -3.15 8.29 16.34
N TYR A 18 -3.75 7.41 15.56
CA TYR A 18 -4.15 7.74 14.21
C TYR A 18 -5.64 7.50 14.08
N PHE A 19 -6.31 8.40 13.38
CA PHE A 19 -7.77 8.44 13.37
C PHE A 19 -8.37 7.22 12.67
N GLN A 20 -7.82 6.90 11.51
CA GLN A 20 -8.30 5.76 10.74
C GLN A 20 -7.29 4.61 10.83
N GLY A 21 -7.59 3.65 11.68
CA GLY A 21 -6.63 2.59 11.96
C GLY A 21 -6.87 1.33 11.14
N HIS A 22 -7.88 1.36 10.28
CA HIS A 22 -8.22 0.17 9.49
C HIS A 22 -7.60 0.27 8.09
N LEU A 23 -6.70 1.25 7.90
CA LEU A 23 -5.99 1.45 6.64
C LEU A 23 -6.92 1.98 5.55
N ARG A 24 -6.36 2.78 4.64
CA ARG A 24 -7.15 3.40 3.58
C ARG A 24 -6.82 2.81 2.23
N GLU A 25 -7.83 2.72 1.37
CA GLU A 25 -7.69 2.13 0.04
C GLU A 25 -6.88 3.07 -0.85
N LEU A 26 -5.67 2.64 -1.19
CA LEU A 26 -4.76 3.49 -1.94
C LEU A 26 -4.78 3.15 -3.42
N LEU A 27 -4.89 1.87 -3.74
CA LEU A 27 -4.92 1.45 -5.14
C LEU A 27 -5.88 0.29 -5.32
N ARG A 28 -6.48 0.22 -6.48
CA ARG A 28 -7.51 -0.76 -6.78
C ARG A 28 -7.29 -1.28 -8.20
N THR A 29 -6.77 -2.50 -8.30
CA THR A 29 -6.35 -3.01 -9.59
C THR A 29 -7.08 -4.30 -9.97
N ASN A 30 -6.79 -4.77 -11.18
CA ASN A 30 -7.45 -5.94 -11.74
C ASN A 30 -6.42 -6.92 -12.29
N ASP A 31 -5.17 -6.76 -11.87
CA ASP A 31 -4.09 -7.60 -12.36
C ASP A 31 -3.30 -8.23 -11.22
N ALA A 32 -3.16 -9.55 -11.25
CA ALA A 32 -2.48 -10.28 -10.19
C ALA A 32 -0.97 -10.15 -10.30
N VAL A 33 -0.47 -9.92 -11.51
CA VAL A 33 0.97 -9.78 -11.73
C VAL A 33 1.46 -8.49 -11.09
N LEU A 34 0.72 -7.41 -11.31
CA LEU A 34 1.02 -6.13 -10.69
C LEU A 34 0.91 -6.24 -9.16
N LEU A 35 -0.09 -6.99 -8.71
CA LEU A 35 -0.27 -7.24 -7.29
C LEU A 35 0.96 -7.90 -6.67
N SER A 36 1.58 -8.80 -7.43
CA SER A 36 2.77 -9.49 -6.98
C SER A 36 3.93 -8.50 -6.79
N ALA A 37 3.99 -7.51 -7.68
CA ALA A 37 5.04 -6.50 -7.61
C ALA A 37 4.79 -5.52 -6.47
N VAL A 38 3.59 -4.93 -6.46
CA VAL A 38 3.22 -3.94 -5.44
C VAL A 38 3.27 -4.56 -4.04
N GLY A 39 2.83 -5.81 -3.94
CA GLY A 39 2.82 -6.50 -2.67
C GLY A 39 4.20 -6.63 -2.07
N ALA A 40 5.15 -7.14 -2.86
CA ALA A 40 6.51 -7.32 -2.40
C ALA A 40 7.18 -5.99 -2.07
N LEU A 41 6.78 -4.93 -2.78
CA LEU A 41 7.30 -3.60 -2.53
C LEU A 41 6.89 -3.10 -1.16
N LEU A 42 5.59 -3.16 -0.89
CA LEU A 42 5.06 -2.66 0.37
C LEU A 42 5.47 -3.58 1.53
N ASP A 43 5.47 -4.88 1.26
CA ASP A 43 5.81 -5.87 2.27
C ASP A 43 7.30 -5.77 2.64
N GLY A 44 8.13 -5.48 1.64
CA GLY A 44 9.55 -5.37 1.86
C GLY A 44 9.95 -4.04 2.48
N ALA A 45 9.13 -3.02 2.29
CA ALA A 45 9.45 -1.69 2.79
C ALA A 45 8.89 -1.48 4.20
N ASP A 46 8.35 -2.55 4.78
CA ASP A 46 7.76 -2.53 6.13
C ASP A 46 6.50 -1.67 6.15
N ILE A 47 5.91 -1.47 4.98
CA ILE A 47 4.69 -0.68 4.85
C ILE A 47 3.47 -1.54 5.18
N GLY A 48 2.64 -1.03 6.07
CA GLY A 48 1.43 -1.75 6.46
C GLY A 48 0.45 -1.87 5.30
N HIS A 49 0.24 -3.10 4.84
CA HIS A 49 -0.64 -3.34 3.70
C HIS A 49 -1.83 -4.20 4.08
N LEU A 50 -3.00 -3.82 3.59
CA LEU A 50 -4.19 -4.62 3.77
C LEU A 50 -4.56 -5.28 2.46
N VAL A 51 -4.11 -6.52 2.28
CA VAL A 51 -4.40 -7.30 1.09
C VAL A 51 -4.62 -8.76 1.47
N LEU A 52 -5.84 -9.22 1.34
CA LEU A 52 -6.17 -10.60 1.66
C LEU A 52 -6.58 -11.36 0.42
N ASP A 53 -6.06 -12.58 0.29
CA ASP A 53 -6.44 -13.45 -0.81
C ASP A 53 -7.76 -14.15 -0.46
N GLN A 54 -8.82 -13.36 -0.43
CA GLN A 54 -10.15 -13.85 -0.13
C GLN A 54 -11.16 -13.22 -1.10
N ASN A 55 -11.79 -14.05 -1.90
CA ASN A 55 -12.74 -13.57 -2.90
C ASN A 55 -13.77 -14.65 -3.20
N MET A 56 -13.28 -15.86 -3.49
CA MET A 56 -14.14 -16.98 -3.81
C MET A 56 -13.44 -18.28 -3.42
N SER A 57 -14.15 -19.39 -3.47
CA SER A 57 -13.57 -20.69 -3.17
C SER A 57 -12.59 -21.09 -4.27
N ILE A 58 -11.55 -21.81 -3.89
CA ILE A 58 -10.53 -22.23 -4.84
C ILE A 58 -11.06 -23.36 -5.74
N LEU A 59 -11.14 -23.07 -7.03
CA LEU A 59 -11.60 -24.03 -8.01
C LEU A 59 -11.10 -23.64 -9.39
N GLU A 60 -10.18 -24.44 -9.94
CA GLU A 60 -9.59 -24.19 -11.25
C GLU A 60 -8.72 -22.93 -11.23
N GLY A 61 -7.98 -22.74 -12.31
CA GLY A 61 -7.23 -21.51 -12.48
C GLY A 61 -8.13 -20.39 -12.96
N SER A 62 -8.68 -19.65 -12.01
CA SER A 62 -9.64 -18.59 -12.30
C SER A 62 -9.06 -17.58 -13.30
N LEU A 63 -9.82 -17.33 -14.37
CA LEU A 63 -9.36 -16.48 -15.45
C LEU A 63 -9.50 -15.00 -15.10
N GLY A 64 -8.54 -14.49 -14.34
CA GLY A 64 -8.51 -13.06 -14.01
C GLY A 64 -9.79 -12.55 -13.40
N VAL A 65 -10.40 -13.33 -12.51
CA VAL A 65 -11.66 -12.94 -11.91
C VAL A 65 -11.45 -12.51 -10.45
N ILE A 66 -10.20 -12.25 -10.09
CA ILE A 66 -9.89 -11.80 -8.74
C ILE A 66 -9.21 -10.43 -8.77
N PRO A 67 -10.01 -9.35 -8.75
CA PRO A 67 -9.50 -8.00 -8.59
C PRO A 67 -9.23 -7.71 -7.12
N ARG A 68 -8.15 -7.00 -6.83
CA ARG A 68 -7.78 -6.76 -5.44
C ARG A 68 -7.56 -5.29 -5.19
N ARG A 69 -7.82 -4.90 -3.95
CA ARG A 69 -7.62 -3.53 -3.51
C ARG A 69 -6.52 -3.50 -2.46
N VAL A 70 -5.64 -2.52 -2.56
CA VAL A 70 -4.54 -2.42 -1.61
C VAL A 70 -4.76 -1.23 -0.69
N LEU A 71 -4.96 -1.53 0.59
CA LEU A 71 -5.11 -0.50 1.60
C LEU A 71 -3.80 -0.35 2.36
N VAL A 72 -3.44 0.88 2.67
CA VAL A 72 -2.20 1.14 3.38
C VAL A 72 -2.44 1.97 4.64
N HIS A 73 -1.46 1.97 5.51
CA HIS A 73 -1.55 2.63 6.81
C HIS A 73 -1.44 4.15 6.64
N GLU A 74 -1.87 4.91 7.67
CA GLU A 74 -1.92 6.38 7.58
C GLU A 74 -0.57 7.01 7.27
N ASP A 75 0.42 6.76 8.11
CA ASP A 75 1.74 7.35 7.91
C ASP A 75 2.46 6.65 6.75
N ASP A 76 2.05 5.41 6.52
CA ASP A 76 2.59 4.60 5.42
C ASP A 76 2.03 5.09 4.08
N LEU A 77 0.98 5.89 4.13
CA LEU A 77 0.28 6.39 2.94
C LEU A 77 1.26 7.07 1.98
N ALA A 78 1.94 8.08 2.48
CA ALA A 78 2.89 8.85 1.68
C ALA A 78 4.05 7.98 1.21
N GLY A 79 4.49 7.08 2.09
CA GLY A 79 5.60 6.21 1.75
C GLY A 79 5.25 5.25 0.62
N ALA A 80 4.06 4.66 0.70
CA ALA A 80 3.60 3.74 -0.32
C ALA A 80 3.45 4.44 -1.66
N ARG A 81 2.88 5.65 -1.62
CA ARG A 81 2.71 6.43 -2.84
C ARG A 81 4.06 6.75 -3.47
N ARG A 82 4.97 7.27 -2.65
CA ARG A 82 6.31 7.61 -3.12
C ARG A 82 7.02 6.39 -3.71
N LEU A 83 6.90 5.26 -3.02
CA LEU A 83 7.52 4.02 -3.47
C LEU A 83 7.01 3.61 -4.84
N LEU A 84 5.69 3.49 -4.96
CA LEU A 84 5.07 3.10 -6.22
C LEU A 84 5.35 4.11 -7.33
N THR A 85 5.49 5.38 -6.95
CA THR A 85 5.79 6.44 -7.91
C THR A 85 7.18 6.24 -8.51
N ASP A 86 8.15 5.91 -7.65
CA ASP A 86 9.53 5.71 -8.10
C ASP A 86 9.64 4.44 -8.95
N ALA A 87 8.83 3.45 -8.61
CA ALA A 87 8.82 2.19 -9.34
C ALA A 87 7.99 2.27 -10.61
N GLY A 88 7.34 3.41 -10.82
CA GLY A 88 6.54 3.61 -12.01
C GLY A 88 5.24 2.81 -11.99
N LEU A 89 4.81 2.43 -10.80
CA LEU A 89 3.62 1.61 -10.63
C LEU A 89 2.45 2.45 -10.12
N ALA A 90 2.63 3.77 -10.10
CA ALA A 90 1.57 4.69 -9.74
C ALA A 90 0.57 4.77 -10.88
N HIS A 91 -0.27 3.75 -10.97
CA HIS A 91 -1.18 3.60 -12.09
C HIS A 91 -2.59 3.29 -11.59
N GLU A 92 -2.68 2.29 -10.72
CA GLU A 92 -3.97 1.82 -10.21
C GLU A 92 -4.33 2.55 -8.92
N LEU A 93 -3.55 3.57 -8.58
CA LEU A 93 -3.79 4.32 -7.36
C LEU A 93 -5.01 5.21 -7.49
N ARG A 94 -5.86 5.20 -6.48
CA ARG A 94 -7.11 5.96 -6.50
C ARG A 94 -7.50 6.39 -5.10
N SER A 95 -8.43 7.32 -5.03
CA SER A 95 -9.02 7.74 -3.77
C SER A 95 -10.43 8.27 -4.03
N ASP A 96 -11.36 7.94 -3.15
CA ASP A 96 -12.73 8.41 -3.29
C ASP A 96 -12.84 9.83 -2.78
N ASP A 97 -12.48 10.77 -3.64
CA ASP A 97 -12.42 12.18 -3.25
C ASP A 97 -13.49 12.97 -4.00
N MET A 1 26.14 32.40 -31.20
CA MET A 1 25.38 31.17 -31.51
C MET A 1 24.76 30.61 -30.24
N GLY A 2 23.53 31.00 -29.97
CA GLY A 2 22.83 30.49 -28.81
C GLY A 2 22.80 31.47 -27.66
N SER A 3 21.59 31.73 -27.16
CA SER A 3 21.41 32.55 -25.98
C SER A 3 20.48 31.82 -25.02
N SER A 4 20.92 31.63 -23.79
CA SER A 4 20.15 30.86 -22.83
C SER A 4 20.20 31.49 -21.43
N HIS A 5 19.04 31.89 -20.94
CA HIS A 5 18.91 32.46 -19.60
C HIS A 5 17.45 32.42 -19.17
N HIS A 6 17.07 31.40 -18.42
CA HIS A 6 15.70 31.29 -17.93
C HIS A 6 15.66 30.76 -16.50
N HIS A 7 15.68 31.68 -15.55
CA HIS A 7 15.57 31.33 -14.14
C HIS A 7 14.52 32.19 -13.47
N HIS A 8 13.28 31.74 -13.55
CA HIS A 8 12.17 32.48 -12.96
C HIS A 8 10.97 31.56 -12.76
N HIS A 9 10.97 30.84 -11.65
CA HIS A 9 9.88 29.94 -11.33
C HIS A 9 9.87 29.70 -9.82
N HIS A 10 10.06 30.75 -9.05
CA HIS A 10 9.99 30.66 -7.60
C HIS A 10 8.55 30.77 -7.16
N SER A 11 7.86 29.63 -7.14
CA SER A 11 6.45 29.58 -6.83
C SER A 11 6.08 28.20 -6.28
N SER A 12 5.92 28.10 -4.98
CA SER A 12 5.56 26.85 -4.34
C SER A 12 4.73 27.11 -3.08
N GLY A 13 3.47 26.69 -3.11
CA GLY A 13 2.62 26.87 -1.97
C GLY A 13 2.34 25.56 -1.27
N ARG A 14 1.74 25.64 -0.09
CA ARG A 14 1.43 24.44 0.68
C ARG A 14 -0.07 24.28 0.84
N GLU A 15 -0.65 23.36 0.06
CA GLU A 15 -2.07 23.07 0.17
C GLU A 15 -2.32 22.09 1.30
N ASN A 16 -3.31 22.40 2.14
CA ASN A 16 -3.58 21.61 3.32
C ASN A 16 -4.65 20.56 3.04
N LEU A 17 -4.31 19.30 3.29
CA LEU A 17 -5.24 18.20 3.06
C LEU A 17 -5.22 17.24 4.24
N TYR A 18 -6.27 17.27 5.04
CA TYR A 18 -6.43 16.31 6.14
C TYR A 18 -7.26 15.12 5.67
N PHE A 19 -8.53 15.39 5.37
CA PHE A 19 -9.48 14.36 4.97
C PHE A 19 -9.68 13.36 6.12
N GLN A 20 -10.37 12.26 5.86
CA GLN A 20 -10.59 11.23 6.85
C GLN A 20 -10.52 9.86 6.18
N GLY A 21 -9.85 8.92 6.82
CA GLY A 21 -9.67 7.62 6.20
C GLY A 21 -9.91 6.47 7.14
N HIS A 22 -9.03 6.32 8.13
CA HIS A 22 -9.00 5.13 8.97
C HIS A 22 -8.83 3.89 8.10
N LEU A 23 -7.57 3.61 7.75
CA LEU A 23 -7.24 2.62 6.72
C LEU A 23 -7.71 3.10 5.35
N ARG A 24 -6.78 3.62 4.57
CA ARG A 24 -7.12 4.21 3.29
C ARG A 24 -6.68 3.31 2.15
N GLU A 25 -7.42 3.32 1.05
CA GLU A 25 -7.08 2.54 -0.11
C GLU A 25 -5.88 3.16 -0.81
N LEU A 26 -4.94 2.33 -1.23
CA LEU A 26 -3.75 2.82 -1.90
C LEU A 26 -3.92 2.69 -3.41
N LEU A 27 -4.33 1.51 -3.86
CA LEU A 27 -4.53 1.27 -5.29
C LEU A 27 -5.45 0.08 -5.51
N ARG A 28 -6.08 0.04 -6.67
CA ARG A 28 -6.98 -1.04 -7.03
C ARG A 28 -6.65 -1.56 -8.42
N THR A 29 -6.55 -2.87 -8.57
CA THR A 29 -6.30 -3.48 -9.86
C THR A 29 -7.08 -4.78 -9.99
N ASN A 30 -7.09 -5.35 -11.18
CA ASN A 30 -7.81 -6.60 -11.44
C ASN A 30 -6.81 -7.68 -11.85
N ASP A 31 -5.53 -7.37 -11.71
CA ASP A 31 -4.47 -8.26 -12.14
C ASP A 31 -3.62 -8.72 -10.96
N ALA A 32 -3.45 -10.04 -10.85
CA ALA A 32 -2.72 -10.63 -9.73
C ALA A 32 -1.21 -10.48 -9.90
N VAL A 33 -0.78 -10.28 -11.13
CA VAL A 33 0.65 -10.11 -11.40
C VAL A 33 1.14 -8.79 -10.82
N LEU A 34 0.42 -7.73 -11.12
CA LEU A 34 0.71 -6.40 -10.58
C LEU A 34 0.61 -6.42 -9.07
N LEU A 35 -0.36 -7.17 -8.55
CA LEU A 35 -0.53 -7.33 -7.10
C LEU A 35 0.72 -7.92 -6.46
N SER A 36 1.38 -8.81 -7.19
CA SER A 36 2.60 -9.44 -6.69
C SER A 36 3.73 -8.44 -6.63
N ALA A 37 3.85 -7.61 -7.68
CA ALA A 37 4.88 -6.59 -7.75
C ALA A 37 4.67 -5.53 -6.67
N VAL A 38 3.48 -4.96 -6.63
CA VAL A 38 3.14 -3.94 -5.64
C VAL A 38 3.25 -4.51 -4.22
N GLY A 39 2.79 -5.75 -4.07
CA GLY A 39 2.87 -6.42 -2.79
C GLY A 39 4.29 -6.56 -2.31
N ALA A 40 5.17 -7.04 -3.18
CA ALA A 40 6.58 -7.24 -2.85
C ALA A 40 7.28 -5.93 -2.52
N LEU A 41 6.78 -4.85 -3.11
CA LEU A 41 7.34 -3.52 -2.84
C LEU A 41 7.05 -3.10 -1.41
N LEU A 42 5.79 -3.19 -1.02
CA LEU A 42 5.37 -2.78 0.31
C LEU A 42 5.85 -3.77 1.36
N ASP A 43 5.79 -5.05 1.01
CA ASP A 43 6.20 -6.13 1.91
C ASP A 43 7.71 -6.08 2.15
N GLY A 44 8.47 -5.81 1.11
CA GLY A 44 9.91 -5.74 1.24
C GLY A 44 10.38 -4.42 1.81
N ALA A 45 9.48 -3.44 1.88
CA ALA A 45 9.83 -2.12 2.40
C ALA A 45 9.32 -1.93 3.82
N ASP A 46 8.74 -3.00 4.39
CA ASP A 46 8.23 -2.98 5.76
C ASP A 46 7.10 -1.95 5.89
N ILE A 47 6.33 -1.78 4.82
CA ILE A 47 5.21 -0.85 4.81
C ILE A 47 3.93 -1.57 5.17
N GLY A 48 3.19 -1.01 6.13
CA GLY A 48 1.97 -1.63 6.61
C GLY A 48 0.85 -1.56 5.59
N HIS A 49 0.40 -2.71 5.14
CA HIS A 49 -0.61 -2.79 4.10
C HIS A 49 -1.64 -3.88 4.40
N LEU A 50 -2.89 -3.61 4.07
CA LEU A 50 -3.98 -4.51 4.37
C LEU A 50 -4.58 -5.09 3.09
N VAL A 51 -4.45 -6.39 2.93
CA VAL A 51 -5.07 -7.12 1.83
C VAL A 51 -5.78 -8.35 2.37
N LEU A 52 -7.00 -8.59 1.88
CA LEU A 52 -7.78 -9.74 2.35
C LEU A 52 -7.78 -10.84 1.28
N ASP A 53 -8.72 -10.74 0.34
CA ASP A 53 -8.81 -11.62 -0.82
C ASP A 53 -9.19 -13.06 -0.43
N GLN A 54 -9.17 -13.94 -1.41
CA GLN A 54 -9.60 -15.32 -1.22
C GLN A 54 -8.41 -16.26 -1.33
N ASN A 55 -7.42 -15.86 -2.13
CA ASN A 55 -6.22 -16.66 -2.43
C ASN A 55 -6.56 -17.83 -3.36
N MET A 56 -7.68 -18.51 -3.06
CA MET A 56 -8.19 -19.64 -3.85
C MET A 56 -7.33 -20.89 -3.64
N SER A 57 -7.90 -22.04 -3.96
CA SER A 57 -7.16 -23.29 -3.90
C SER A 57 -6.37 -23.47 -5.20
N ILE A 58 -5.16 -22.96 -5.21
CA ILE A 58 -4.36 -22.89 -6.41
C ILE A 58 -3.78 -24.25 -6.80
N LEU A 59 -3.89 -24.55 -8.09
CA LEU A 59 -3.23 -25.72 -8.67
C LEU A 59 -2.37 -25.24 -9.83
N GLU A 60 -3.01 -24.52 -10.74
CA GLU A 60 -2.30 -23.80 -11.79
C GLU A 60 -2.65 -22.33 -11.68
N GLY A 61 -1.63 -21.47 -11.69
CA GLY A 61 -1.87 -20.04 -11.48
C GLY A 61 -1.58 -19.23 -12.72
N SER A 62 -2.51 -18.35 -13.07
CA SER A 62 -2.35 -17.47 -14.21
C SER A 62 -3.41 -16.36 -14.18
N LEU A 63 -3.02 -15.18 -14.67
CA LEU A 63 -3.93 -14.03 -14.80
C LEU A 63 -4.40 -13.53 -13.43
N GLY A 64 -5.32 -12.59 -13.46
CA GLY A 64 -5.96 -12.12 -12.25
C GLY A 64 -7.47 -12.17 -12.40
N VAL A 65 -8.14 -12.95 -11.57
CA VAL A 65 -9.57 -13.14 -11.71
C VAL A 65 -10.35 -12.37 -10.64
N ILE A 66 -9.62 -11.79 -9.69
CA ILE A 66 -10.21 -11.03 -8.62
C ILE A 66 -9.67 -9.60 -8.61
N PRO A 67 -10.56 -8.60 -8.67
CA PRO A 67 -10.18 -7.20 -8.56
C PRO A 67 -9.78 -6.85 -7.13
N ARG A 68 -8.51 -7.08 -6.81
CA ARG A 68 -8.01 -6.88 -5.46
C ARG A 68 -7.41 -5.49 -5.30
N ARG A 69 -7.74 -4.85 -4.21
CA ARG A 69 -7.23 -3.53 -3.91
C ARG A 69 -6.44 -3.56 -2.61
N VAL A 70 -5.40 -2.75 -2.55
CA VAL A 70 -4.50 -2.72 -1.39
C VAL A 70 -4.77 -1.48 -0.56
N LEU A 71 -5.08 -1.67 0.71
CA LEU A 71 -5.26 -0.56 1.63
C LEU A 71 -4.04 -0.45 2.52
N VAL A 72 -3.80 0.74 3.04
CA VAL A 72 -2.66 1.00 3.90
C VAL A 72 -3.06 1.87 5.09
N HIS A 73 -2.18 1.98 6.06
CA HIS A 73 -2.43 2.86 7.20
C HIS A 73 -2.26 4.29 6.75
N GLU A 74 -2.82 5.23 7.51
CA GLU A 74 -2.76 6.63 7.14
C GLU A 74 -1.34 7.19 7.34
N ASP A 75 -0.50 6.41 8.00
CA ASP A 75 0.91 6.77 8.17
C ASP A 75 1.74 6.17 7.05
N ASP A 76 1.23 5.10 6.44
CA ASP A 76 1.94 4.41 5.38
C ASP A 76 1.52 4.96 4.01
N LEU A 77 0.43 5.72 4.02
CA LEU A 77 -0.17 6.26 2.80
C LEU A 77 0.86 7.01 1.97
N ALA A 78 1.50 8.01 2.56
CA ALA A 78 2.47 8.85 1.86
C ALA A 78 3.66 8.01 1.37
N GLY A 79 4.11 7.10 2.22
CA GLY A 79 5.25 6.29 1.89
C GLY A 79 4.99 5.36 0.71
N ALA A 80 3.84 4.68 0.74
CA ALA A 80 3.47 3.75 -0.31
C ALA A 80 3.34 4.46 -1.66
N ARG A 81 2.74 5.65 -1.64
CA ARG A 81 2.56 6.42 -2.86
C ARG A 81 3.89 6.75 -3.51
N ARG A 82 4.80 7.34 -2.75
CA ARG A 82 6.10 7.73 -3.29
C ARG A 82 6.92 6.52 -3.74
N LEU A 83 6.75 5.40 -3.05
CA LEU A 83 7.46 4.17 -3.40
C LEU A 83 7.03 3.69 -4.78
N LEU A 84 5.73 3.51 -4.98
CA LEU A 84 5.19 3.04 -6.26
C LEU A 84 5.44 4.07 -7.37
N THR A 85 5.44 5.35 -7.01
CA THR A 85 5.69 6.41 -7.98
C THR A 85 7.11 6.31 -8.54
N ASP A 86 8.08 6.11 -7.66
CA ASP A 86 9.48 6.00 -8.07
C ASP A 86 9.69 4.71 -8.86
N ALA A 87 8.90 3.70 -8.55
CA ALA A 87 8.98 2.41 -9.25
C ALA A 87 8.33 2.50 -10.63
N GLY A 88 7.55 3.56 -10.85
CA GLY A 88 6.90 3.75 -12.13
C GLY A 88 5.54 3.10 -12.19
N LEU A 89 5.05 2.62 -11.05
CA LEU A 89 3.78 1.95 -10.97
C LEU A 89 2.68 2.91 -10.55
N ALA A 90 2.99 4.20 -10.60
CA ALA A 90 2.02 5.23 -10.25
C ALA A 90 0.93 5.34 -11.31
N HIS A 91 -0.04 4.44 -11.25
CA HIS A 91 -1.13 4.42 -12.21
C HIS A 91 -2.45 4.23 -11.48
N GLU A 92 -2.56 3.14 -10.73
CA GLU A 92 -3.80 2.83 -10.02
C GLU A 92 -3.80 3.42 -8.61
N LEU A 93 -2.79 4.24 -8.30
CA LEU A 93 -2.72 4.92 -7.01
C LEU A 93 -3.94 5.83 -6.84
N ARG A 94 -4.73 5.56 -5.82
CA ARG A 94 -6.01 6.25 -5.66
C ARG A 94 -6.09 6.98 -4.33
N SER A 95 -6.58 8.20 -4.40
CA SER A 95 -6.88 9.01 -3.23
C SER A 95 -7.94 10.03 -3.63
N ASP A 96 -9.18 9.60 -3.66
CA ASP A 96 -10.24 10.40 -4.25
C ASP A 96 -10.81 11.40 -3.27
N ASP A 97 -10.83 12.65 -3.68
CA ASP A 97 -11.43 13.72 -2.89
C ASP A 97 -12.44 14.46 -3.75
N MET A 1 -30.31 34.42 -29.52
CA MET A 1 -29.88 33.15 -30.16
C MET A 1 -29.32 32.20 -29.12
N GLY A 2 -28.16 32.54 -28.57
CA GLY A 2 -27.54 31.71 -27.57
C GLY A 2 -27.05 32.51 -26.39
N SER A 3 -27.40 32.08 -25.20
CA SER A 3 -26.96 32.74 -23.99
C SER A 3 -26.19 31.76 -23.11
N SER A 4 -25.87 32.18 -21.89
CA SER A 4 -25.15 31.33 -20.97
C SER A 4 -25.66 31.55 -19.55
N HIS A 5 -25.97 30.46 -18.86
CA HIS A 5 -26.45 30.54 -17.49
C HIS A 5 -25.31 30.85 -16.55
N HIS A 6 -25.57 31.70 -15.57
CA HIS A 6 -24.53 32.14 -14.66
C HIS A 6 -24.40 31.19 -13.47
N HIS A 7 -23.19 30.67 -13.26
CA HIS A 7 -22.90 29.76 -12.16
C HIS A 7 -21.48 29.96 -11.66
N HIS A 8 -21.19 29.39 -10.49
CA HIS A 8 -19.83 29.42 -9.93
C HIS A 8 -19.77 28.49 -8.72
N HIS A 9 -18.59 27.95 -8.43
CA HIS A 9 -18.45 27.04 -7.30
C HIS A 9 -17.04 27.09 -6.71
N HIS A 10 -16.98 27.31 -5.40
CA HIS A 10 -15.73 27.23 -4.65
C HIS A 10 -15.95 26.46 -3.36
N SER A 11 -15.02 25.57 -3.04
CA SER A 11 -15.15 24.75 -1.85
C SER A 11 -13.89 24.87 -0.99
N SER A 12 -14.02 25.56 0.13
CA SER A 12 -12.89 25.76 1.03
C SER A 12 -13.11 24.98 2.34
N GLY A 13 -12.29 23.96 2.55
CA GLY A 13 -12.39 23.19 3.78
C GLY A 13 -11.85 21.79 3.64
N ARG A 14 -11.19 21.32 4.69
CA ARG A 14 -10.70 19.95 4.74
C ARG A 14 -11.14 19.30 6.04
N GLU A 15 -11.64 18.07 5.96
CA GLU A 15 -12.10 17.35 7.14
C GLU A 15 -11.70 15.88 7.08
N ASN A 16 -10.57 15.55 7.68
CA ASN A 16 -10.11 14.17 7.76
C ASN A 16 -9.60 13.84 9.17
N LEU A 17 -9.98 14.67 10.12
CA LEU A 17 -9.55 14.47 11.50
C LEU A 17 -10.36 13.34 12.14
N TYR A 18 -9.66 12.46 12.87
CA TYR A 18 -10.27 11.28 13.52
C TYR A 18 -10.61 10.19 12.51
N PHE A 19 -10.59 10.54 11.24
CA PHE A 19 -10.78 9.58 10.17
C PHE A 19 -9.56 8.68 10.06
N GLN A 20 -8.40 9.27 10.29
CA GLN A 20 -7.13 8.55 10.31
C GLN A 20 -7.07 7.59 11.49
N GLY A 21 -6.94 6.30 11.21
CA GLY A 21 -6.81 5.32 12.26
C GLY A 21 -6.74 3.89 11.75
N HIS A 22 -7.18 3.67 10.51
CA HIS A 22 -7.22 2.32 9.97
C HIS A 22 -6.38 2.23 8.70
N LEU A 23 -6.92 1.57 7.67
CA LEU A 23 -6.21 1.40 6.40
C LEU A 23 -7.08 1.92 5.26
N ARG A 24 -6.47 2.52 4.26
CA ARG A 24 -7.21 3.07 3.13
C ARG A 24 -6.72 2.45 1.83
N GLU A 25 -7.57 2.43 0.82
CA GLU A 25 -7.19 1.92 -0.48
C GLU A 25 -6.08 2.76 -1.08
N LEU A 26 -4.91 2.14 -1.17
CA LEU A 26 -3.78 2.74 -1.82
C LEU A 26 -3.91 2.56 -3.33
N LEU A 27 -4.69 1.55 -3.70
CA LEU A 27 -4.99 1.26 -5.10
C LEU A 27 -5.89 0.03 -5.18
N ARG A 28 -6.54 -0.15 -6.32
CA ARG A 28 -7.45 -1.27 -6.52
C ARG A 28 -7.45 -1.67 -8.00
N THR A 29 -7.62 -2.95 -8.28
CA THR A 29 -7.67 -3.42 -9.65
C THR A 29 -8.12 -4.88 -9.70
N ASN A 30 -8.41 -5.35 -10.91
CA ASN A 30 -8.83 -6.72 -11.11
C ASN A 30 -7.67 -7.61 -11.53
N ASP A 31 -6.53 -6.98 -11.81
CA ASP A 31 -5.33 -7.71 -12.21
C ASP A 31 -4.59 -8.24 -10.98
N ALA A 32 -3.93 -9.38 -11.14
CA ALA A 32 -3.22 -10.00 -10.02
C ALA A 32 -1.70 -9.91 -10.22
N VAL A 33 -1.28 -9.49 -11.40
CA VAL A 33 0.15 -9.43 -11.72
C VAL A 33 0.80 -8.19 -11.11
N LEU A 34 0.11 -7.07 -11.23
CA LEU A 34 0.60 -5.81 -10.70
C LEU A 34 0.57 -5.81 -9.17
N LEU A 35 -0.49 -6.36 -8.60
CA LEU A 35 -0.71 -6.33 -7.17
C LEU A 35 0.35 -7.12 -6.41
N SER A 36 0.81 -8.22 -6.97
CA SER A 36 1.84 -9.02 -6.34
C SER A 36 3.16 -8.26 -6.32
N ALA A 37 3.36 -7.40 -7.30
CA ALA A 37 4.54 -6.55 -7.36
C ALA A 37 4.45 -5.44 -6.32
N VAL A 38 3.26 -4.86 -6.21
CA VAL A 38 2.99 -3.83 -5.20
C VAL A 38 3.25 -4.39 -3.81
N GLY A 39 2.82 -5.63 -3.59
CA GLY A 39 3.03 -6.29 -2.31
C GLY A 39 4.48 -6.34 -1.92
N ALA A 40 5.33 -6.81 -2.84
CA ALA A 40 6.76 -6.93 -2.57
C ALA A 40 7.38 -5.58 -2.20
N LEU A 41 6.88 -4.52 -2.81
CA LEU A 41 7.36 -3.17 -2.53
C LEU A 41 7.00 -2.77 -1.10
N LEU A 42 5.76 -3.02 -0.72
CA LEU A 42 5.29 -2.67 0.61
C LEU A 42 5.94 -3.56 1.68
N ASP A 43 6.25 -4.79 1.30
CA ASP A 43 6.96 -5.71 2.19
C ASP A 43 8.41 -5.26 2.34
N GLY A 44 9.00 -4.79 1.23
CA GLY A 44 10.36 -4.31 1.24
C GLY A 44 10.53 -3.07 2.09
N ALA A 45 9.60 -2.12 1.96
CA ALA A 45 9.63 -0.91 2.76
C ALA A 45 9.14 -1.18 4.17
N ASP A 46 8.59 -2.39 4.37
CA ASP A 46 8.08 -2.84 5.66
C ASP A 46 6.95 -1.96 6.16
N ILE A 47 6.15 -1.46 5.22
CA ILE A 47 4.98 -0.66 5.55
C ILE A 47 3.80 -1.56 5.86
N GLY A 48 3.81 -2.72 5.22
CA GLY A 48 2.73 -3.66 5.37
C GLY A 48 1.70 -3.50 4.27
N HIS A 49 0.77 -4.45 4.19
CA HIS A 49 -0.28 -4.39 3.17
C HIS A 49 -1.46 -5.27 3.52
N LEU A 50 -2.66 -4.74 3.29
CA LEU A 50 -3.87 -5.53 3.35
C LEU A 50 -4.40 -5.67 1.92
N VAL A 51 -4.19 -6.84 1.34
CA VAL A 51 -4.55 -7.06 -0.06
C VAL A 51 -5.57 -8.18 -0.20
N LEU A 52 -6.84 -7.80 -0.11
CA LEU A 52 -7.95 -8.75 -0.22
C LEU A 52 -8.96 -8.26 -1.26
N ASP A 53 -9.81 -9.17 -1.71
CA ASP A 53 -10.82 -8.83 -2.71
C ASP A 53 -12.16 -8.49 -2.06
N GLN A 54 -13.08 -9.46 -2.00
CA GLN A 54 -14.42 -9.21 -1.49
C GLN A 54 -14.67 -9.97 -0.20
N ASN A 55 -15.07 -11.22 -0.32
CA ASN A 55 -15.49 -12.02 0.84
C ASN A 55 -15.59 -13.50 0.47
N MET A 56 -15.51 -14.36 1.47
CA MET A 56 -15.62 -15.80 1.26
C MET A 56 -16.98 -16.29 1.77
N SER A 57 -17.79 -16.80 0.85
CA SER A 57 -19.09 -17.37 1.19
C SER A 57 -19.49 -18.40 0.14
N ILE A 58 -19.74 -19.62 0.59
CA ILE A 58 -20.14 -20.69 -0.32
C ILE A 58 -21.57 -20.49 -0.81
N LEU A 59 -21.70 -20.16 -2.09
CA LEU A 59 -22.99 -19.96 -2.72
C LEU A 59 -22.95 -20.54 -4.13
N GLU A 60 -24.10 -20.92 -4.67
CA GLU A 60 -24.16 -21.46 -6.01
C GLU A 60 -23.96 -20.36 -7.05
N GLY A 61 -22.79 -20.38 -7.65
CA GLY A 61 -22.44 -19.39 -8.65
C GLY A 61 -20.96 -19.47 -8.99
N SER A 62 -20.61 -19.17 -10.22
CA SER A 62 -19.23 -19.28 -10.65
C SER A 62 -18.45 -18.01 -10.35
N LEU A 63 -19.16 -16.88 -10.30
CA LEU A 63 -18.54 -15.58 -10.06
C LEU A 63 -17.55 -15.24 -11.17
N GLY A 64 -16.60 -14.37 -10.87
CA GLY A 64 -15.58 -14.03 -11.86
C GLY A 64 -14.95 -12.68 -11.59
N VAL A 65 -15.72 -11.77 -11.01
CA VAL A 65 -15.24 -10.43 -10.72
C VAL A 65 -14.43 -10.43 -9.43
N ILE A 66 -13.12 -10.31 -9.55
CA ILE A 66 -12.25 -10.28 -8.39
C ILE A 66 -11.49 -8.96 -8.34
N PRO A 67 -12.03 -7.96 -7.65
CA PRO A 67 -11.39 -6.67 -7.45
C PRO A 67 -10.63 -6.62 -6.13
N ARG A 68 -9.32 -6.81 -6.21
CA ARG A 68 -8.51 -6.81 -5.01
C ARG A 68 -8.03 -5.40 -4.70
N ARG A 69 -8.11 -5.02 -3.43
CA ARG A 69 -7.70 -3.69 -3.02
C ARG A 69 -6.47 -3.76 -2.14
N VAL A 70 -5.58 -2.80 -2.32
CA VAL A 70 -4.36 -2.71 -1.51
C VAL A 70 -4.53 -1.64 -0.45
N LEU A 71 -4.69 -2.05 0.79
CA LEU A 71 -4.85 -1.09 1.87
C LEU A 71 -3.59 -1.00 2.72
N VAL A 72 -3.17 0.22 3.00
CA VAL A 72 -2.07 0.46 3.92
C VAL A 72 -2.55 1.32 5.08
N HIS A 73 -1.88 1.22 6.22
CA HIS A 73 -2.27 1.99 7.40
C HIS A 73 -2.12 3.47 7.13
N GLU A 74 -3.02 4.27 7.69
CA GLU A 74 -3.04 5.71 7.45
C GLU A 74 -1.87 6.42 8.14
N ASP A 75 -0.68 6.16 7.62
CA ASP A 75 0.54 6.81 8.11
C ASP A 75 1.45 7.11 6.93
N ASP A 76 1.70 6.08 6.13
CA ASP A 76 2.60 6.18 5.00
C ASP A 76 1.85 6.15 3.67
N LEU A 77 0.74 6.86 3.60
CA LEU A 77 0.01 6.97 2.34
C LEU A 77 0.85 7.70 1.31
N ALA A 78 1.35 8.88 1.68
CA ALA A 78 2.20 9.67 0.79
C ALA A 78 3.57 9.02 0.64
N GLY A 79 3.94 8.19 1.62
CA GLY A 79 5.20 7.47 1.55
C GLY A 79 5.14 6.33 0.55
N ALA A 80 4.09 5.53 0.65
CA ALA A 80 3.90 4.42 -0.29
C ALA A 80 3.64 4.94 -1.69
N ARG A 81 2.87 6.03 -1.78
CA ARG A 81 2.61 6.68 -3.06
C ARG A 81 3.92 7.19 -3.67
N ARG A 82 4.88 7.51 -2.81
CA ARG A 82 6.20 7.94 -3.25
C ARG A 82 6.93 6.75 -3.87
N LEU A 83 6.96 5.64 -3.13
CA LEU A 83 7.67 4.43 -3.53
C LEU A 83 7.14 3.88 -4.85
N LEU A 84 5.81 3.71 -4.91
CA LEU A 84 5.17 3.12 -6.09
C LEU A 84 5.36 3.97 -7.34
N THR A 85 5.53 5.27 -7.15
CA THR A 85 5.75 6.17 -8.28
C THR A 85 7.21 6.15 -8.73
N ASP A 86 8.13 6.17 -7.77
CA ASP A 86 9.55 6.17 -8.07
C ASP A 86 9.98 4.85 -8.69
N ALA A 87 9.50 3.75 -8.11
CA ALA A 87 9.81 2.43 -8.63
C ALA A 87 8.72 1.44 -8.26
N GLY A 88 7.71 1.35 -9.11
CA GLY A 88 6.65 0.39 -8.90
C GLY A 88 5.70 0.31 -10.06
N LEU A 89 4.94 1.38 -10.26
CA LEU A 89 3.92 1.40 -11.29
C LEU A 89 3.45 2.83 -11.57
N ALA A 90 2.98 3.49 -10.51
CA ALA A 90 2.43 4.85 -10.60
C ALA A 90 1.22 4.93 -11.52
N HIS A 91 0.67 3.78 -11.89
CA HIS A 91 -0.45 3.74 -12.83
C HIS A 91 -1.78 3.89 -12.10
N GLU A 92 -1.91 3.22 -10.95
CA GLU A 92 -3.16 3.26 -10.20
C GLU A 92 -3.16 4.35 -9.15
N LEU A 93 -2.53 4.06 -8.00
CA LEU A 93 -2.58 4.95 -6.84
C LEU A 93 -4.03 5.27 -6.50
N ARG A 94 -4.83 4.21 -6.54
CA ARG A 94 -6.27 4.27 -6.38
C ARG A 94 -6.91 5.07 -7.51
N SER A 95 -7.26 4.37 -8.58
CA SER A 95 -8.07 4.95 -9.63
C SER A 95 -9.51 5.05 -9.15
N ASP A 96 -9.82 6.17 -8.52
CA ASP A 96 -11.12 6.35 -7.88
C ASP A 96 -12.15 6.78 -8.91
N ASP A 97 -12.78 5.81 -9.52
CA ASP A 97 -13.71 6.06 -10.60
C ASP A 97 -15.10 5.58 -10.23
N MET A 1 37.10 -11.22 23.93
CA MET A 1 37.34 -10.10 23.00
C MET A 1 36.31 -9.01 23.20
N GLY A 2 35.04 -9.33 22.99
CA GLY A 2 33.99 -8.36 23.15
C GLY A 2 33.85 -7.44 21.95
N SER A 3 32.88 -7.73 21.10
CA SER A 3 32.62 -6.91 19.94
C SER A 3 31.71 -5.76 20.35
N SER A 4 32.11 -4.54 20.02
CA SER A 4 31.33 -3.36 20.38
C SER A 4 30.91 -2.58 19.15
N HIS A 5 29.66 -2.77 18.76
CA HIS A 5 29.09 -2.04 17.63
C HIS A 5 27.57 -2.03 17.71
N HIS A 6 27.01 -0.84 17.80
CA HIS A 6 25.57 -0.65 17.81
C HIS A 6 25.27 0.70 17.20
N HIS A 7 24.58 0.70 16.07
CA HIS A 7 24.33 1.92 15.33
C HIS A 7 23.00 2.53 15.72
N HIS A 8 23.03 3.62 16.48
CA HIS A 8 21.81 4.28 16.89
C HIS A 8 21.58 5.56 16.10
N HIS A 9 20.53 5.55 15.29
CA HIS A 9 20.10 6.74 14.54
C HIS A 9 18.60 6.70 14.35
N HIS A 10 17.91 7.58 15.07
CA HIS A 10 16.44 7.62 15.01
C HIS A 10 15.94 8.96 15.52
N SER A 11 15.13 9.62 14.71
CA SER A 11 14.54 10.89 15.10
C SER A 11 13.24 11.13 14.31
N SER A 12 12.15 10.59 14.81
CA SER A 12 10.84 10.77 14.18
C SER A 12 9.72 10.69 15.22
N GLY A 13 8.90 11.72 15.27
CA GLY A 13 7.76 11.72 16.16
C GLY A 13 7.53 13.08 16.80
N ARG A 14 6.62 13.85 16.23
CA ARG A 14 6.29 15.15 16.79
C ARG A 14 4.92 15.09 17.45
N GLU A 15 3.99 14.39 16.79
CA GLU A 15 2.66 14.13 17.32
C GLU A 15 1.84 15.42 17.47
N ASN A 16 1.07 15.73 16.42
CA ASN A 16 0.21 16.92 16.44
C ASN A 16 -1.09 16.64 15.69
N LEU A 17 -0.98 16.06 14.51
CA LEU A 17 -2.13 15.84 13.65
C LEU A 17 -2.75 14.48 13.94
N TYR A 18 -4.03 14.49 14.29
CA TYR A 18 -4.75 13.26 14.57
C TYR A 18 -5.19 12.59 13.26
N PHE A 19 -4.41 11.63 12.82
CA PHE A 19 -4.72 10.88 11.60
C PHE A 19 -5.68 9.73 11.89
N GLN A 20 -6.20 9.11 10.84
CA GLN A 20 -7.20 8.07 10.99
C GLN A 20 -6.55 6.69 10.86
N GLY A 21 -6.68 5.89 11.91
CA GLY A 21 -6.10 4.56 11.90
C GLY A 21 -7.07 3.52 11.37
N HIS A 22 -7.99 3.96 10.52
CA HIS A 22 -8.97 3.06 9.92
C HIS A 22 -8.48 2.57 8.55
N LEU A 23 -7.40 3.19 8.08
CA LEU A 23 -6.76 2.83 6.80
C LEU A 23 -7.61 3.25 5.60
N ARG A 24 -6.94 3.52 4.50
CA ARG A 24 -7.62 3.84 3.26
C ARG A 24 -7.13 2.90 2.16
N GLU A 25 -7.83 2.87 1.05
CA GLU A 25 -7.35 2.14 -0.10
C GLU A 25 -6.29 2.97 -0.80
N LEU A 26 -5.13 2.38 -0.97
CA LEU A 26 -4.05 3.05 -1.67
C LEU A 26 -4.32 2.98 -3.17
N LEU A 27 -4.99 1.91 -3.59
CA LEU A 27 -5.24 1.66 -5.00
C LEU A 27 -6.22 0.52 -5.19
N ARG A 28 -6.81 0.48 -6.37
CA ARG A 28 -7.63 -0.63 -6.79
C ARG A 28 -7.10 -1.10 -8.13
N THR A 29 -6.42 -2.23 -8.13
CA THR A 29 -5.64 -2.64 -9.27
C THR A 29 -6.51 -3.22 -10.37
N ASN A 30 -5.93 -3.31 -11.55
CA ASN A 30 -6.61 -3.87 -12.70
C ASN A 30 -5.94 -5.16 -13.14
N ASP A 31 -4.85 -5.52 -12.49
CA ASP A 31 -4.08 -6.69 -12.89
C ASP A 31 -3.75 -7.58 -11.69
N ALA A 32 -3.70 -8.89 -11.92
CA ALA A 32 -3.48 -9.84 -10.84
C ALA A 32 -2.01 -10.19 -10.67
N VAL A 33 -1.23 -9.99 -11.72
CA VAL A 33 0.21 -10.28 -11.67
C VAL A 33 0.95 -9.15 -10.97
N LEU A 34 0.49 -7.92 -11.23
CA LEU A 34 1.07 -6.73 -10.63
C LEU A 34 1.03 -6.81 -9.10
N LEU A 35 0.00 -7.47 -8.56
CA LEU A 35 -0.14 -7.65 -7.12
C LEU A 35 1.09 -8.30 -6.51
N SER A 36 1.62 -9.29 -7.22
CA SER A 36 2.79 -10.02 -6.77
C SER A 36 4.01 -9.11 -6.68
N ALA A 37 4.02 -8.06 -7.48
CA ALA A 37 5.11 -7.09 -7.46
C ALA A 37 4.88 -6.05 -6.37
N VAL A 38 3.67 -5.50 -6.33
CA VAL A 38 3.30 -4.48 -5.34
C VAL A 38 3.49 -4.99 -3.91
N GLY A 39 3.12 -6.24 -3.68
CA GLY A 39 3.22 -6.83 -2.36
C GLY A 39 4.64 -6.84 -1.84
N ALA A 40 5.56 -7.35 -2.67
CA ALA A 40 6.96 -7.46 -2.28
C ALA A 40 7.59 -6.10 -2.02
N LEU A 41 7.05 -5.08 -2.68
CA LEU A 41 7.50 -3.70 -2.49
C LEU A 41 7.09 -3.21 -1.11
N LEU A 42 5.82 -3.37 -0.79
CA LEU A 42 5.28 -2.91 0.49
C LEU A 42 5.89 -3.70 1.64
N ASP A 43 6.05 -5.00 1.45
CA ASP A 43 6.67 -5.86 2.45
C ASP A 43 8.13 -5.47 2.68
N GLY A 44 8.85 -5.31 1.58
CA GLY A 44 10.26 -4.99 1.66
C GLY A 44 10.55 -3.61 2.20
N ALA A 45 9.60 -2.70 2.04
CA ALA A 45 9.75 -1.33 2.50
C ALA A 45 9.23 -1.16 3.93
N ASP A 46 8.76 -2.26 4.52
CA ASP A 46 8.24 -2.26 5.89
C ASP A 46 6.99 -1.38 5.99
N ILE A 47 6.22 -1.37 4.91
CA ILE A 47 4.99 -0.60 4.85
C ILE A 47 3.81 -1.43 5.37
N GLY A 48 3.06 -0.86 6.31
CA GLY A 48 1.92 -1.55 6.88
C GLY A 48 0.76 -1.62 5.91
N HIS A 49 0.62 -2.77 5.25
CA HIS A 49 -0.36 -2.94 4.20
C HIS A 49 -1.30 -4.09 4.51
N LEU A 50 -2.51 -4.01 3.99
CA LEU A 50 -3.50 -5.05 4.17
C LEU A 50 -4.08 -5.46 2.80
N VAL A 51 -3.65 -6.61 2.32
CA VAL A 51 -4.17 -7.16 1.07
C VAL A 51 -4.60 -8.60 1.25
N LEU A 52 -5.91 -8.84 1.15
CA LEU A 52 -6.45 -10.19 1.32
C LEU A 52 -7.67 -10.39 0.45
N ASP A 53 -7.85 -11.65 0.03
CA ASP A 53 -9.02 -12.07 -0.74
C ASP A 53 -8.88 -13.56 -1.02
N GLN A 54 -9.60 -14.06 -2.02
CA GLN A 54 -9.55 -15.46 -2.37
C GLN A 54 -9.13 -15.62 -3.83
N ASN A 55 -8.12 -16.43 -4.07
CA ASN A 55 -7.64 -16.65 -5.43
C ASN A 55 -8.57 -17.61 -6.15
N MET A 56 -8.88 -17.30 -7.41
CA MET A 56 -9.79 -18.11 -8.22
C MET A 56 -9.40 -19.58 -8.16
N SER A 57 -8.28 -19.91 -8.79
CA SER A 57 -7.75 -21.26 -8.84
C SER A 57 -6.54 -21.30 -9.75
N ILE A 58 -5.63 -22.21 -9.48
CA ILE A 58 -4.51 -22.46 -10.37
C ILE A 58 -4.90 -23.53 -11.39
N LEU A 59 -6.00 -24.21 -11.10
CA LEU A 59 -6.49 -25.27 -11.95
C LEU A 59 -7.66 -24.77 -12.81
N GLU A 60 -7.34 -24.40 -14.05
CA GLU A 60 -8.34 -23.97 -15.03
C GLU A 60 -8.94 -22.62 -14.65
N GLY A 61 -10.02 -22.26 -15.30
CA GLY A 61 -10.61 -20.95 -15.10
C GLY A 61 -10.24 -20.01 -16.23
N SER A 62 -11.25 -19.37 -16.82
CA SER A 62 -11.02 -18.51 -17.96
C SER A 62 -10.32 -17.21 -17.54
N LEU A 63 -11.06 -16.31 -16.91
CA LEU A 63 -10.52 -15.03 -16.47
C LEU A 63 -10.96 -14.72 -15.06
N GLY A 64 -9.98 -14.59 -14.15
CA GLY A 64 -10.28 -14.25 -12.78
C GLY A 64 -10.21 -12.77 -12.53
N VAL A 65 -11.19 -12.04 -13.06
CA VAL A 65 -11.22 -10.59 -12.91
C VAL A 65 -11.78 -10.19 -11.55
N ILE A 66 -10.91 -10.18 -10.54
CA ILE A 66 -11.28 -9.76 -9.20
C ILE A 66 -10.59 -8.44 -8.88
N PRO A 67 -11.38 -7.35 -8.75
CA PRO A 67 -10.85 -6.04 -8.39
C PRO A 67 -10.26 -6.05 -6.98
N ARG A 68 -8.94 -5.98 -6.90
CA ARG A 68 -8.27 -6.03 -5.61
C ARG A 68 -7.93 -4.63 -5.12
N ARG A 69 -8.15 -4.40 -3.83
CA ARG A 69 -7.83 -3.12 -3.23
C ARG A 69 -6.69 -3.29 -2.23
N VAL A 70 -5.71 -2.38 -2.31
CA VAL A 70 -4.56 -2.42 -1.42
C VAL A 70 -4.71 -1.35 -0.36
N LEU A 71 -4.85 -1.75 0.89
CA LEU A 71 -5.04 -0.80 1.97
C LEU A 71 -3.76 -0.61 2.77
N VAL A 72 -3.54 0.62 3.22
CA VAL A 72 -2.41 0.96 4.07
C VAL A 72 -2.83 1.97 5.13
N HIS A 73 -1.98 2.17 6.12
CA HIS A 73 -2.24 3.16 7.16
C HIS A 73 -2.01 4.56 6.60
N GLU A 74 -2.51 5.59 7.25
CA GLU A 74 -2.21 6.95 6.83
C GLU A 74 -0.76 7.27 7.16
N ASP A 75 -0.20 6.48 8.05
CA ASP A 75 1.22 6.54 8.37
C ASP A 75 2.04 6.08 7.16
N ASP A 76 1.51 5.09 6.47
CA ASP A 76 2.19 4.45 5.35
C ASP A 76 1.70 5.03 4.04
N LEU A 77 0.69 5.89 4.12
CA LEU A 77 -0.01 6.40 2.95
C LEU A 77 0.97 6.99 1.93
N ALA A 78 1.74 7.99 2.36
CA ALA A 78 2.67 8.67 1.48
C ALA A 78 3.82 7.75 1.09
N GLY A 79 4.19 6.87 2.01
CA GLY A 79 5.28 5.94 1.75
C GLY A 79 4.97 5.01 0.61
N ALA A 80 3.77 4.43 0.63
CA ALA A 80 3.35 3.52 -0.42
C ALA A 80 3.13 4.26 -1.73
N ARG A 81 2.54 5.45 -1.65
CA ARG A 81 2.28 6.26 -2.84
C ARG A 81 3.56 6.53 -3.61
N ARG A 82 4.56 7.07 -2.93
CA ARG A 82 5.79 7.44 -3.60
C ARG A 82 6.54 6.20 -4.08
N LEU A 83 6.50 5.13 -3.30
CA LEU A 83 7.16 3.88 -3.69
C LEU A 83 6.62 3.37 -5.01
N LEU A 84 5.31 3.20 -5.07
CA LEU A 84 4.64 2.68 -6.26
C LEU A 84 4.75 3.65 -7.44
N THR A 85 4.87 4.93 -7.14
CA THR A 85 5.03 5.95 -8.19
C THR A 85 6.47 5.99 -8.70
N ASP A 86 7.42 5.91 -7.77
CA ASP A 86 8.83 6.09 -8.09
C ASP A 86 9.39 4.92 -8.90
N ALA A 87 9.06 3.69 -8.51
CA ALA A 87 9.62 2.53 -9.17
C ALA A 87 8.56 1.50 -9.53
N GLY A 88 7.32 1.94 -9.65
CA GLY A 88 6.27 1.04 -10.06
C GLY A 88 5.60 1.50 -11.33
N LEU A 89 4.65 2.40 -11.20
CA LEU A 89 3.84 2.88 -12.32
C LEU A 89 2.85 3.95 -11.88
N ALA A 90 2.35 3.84 -10.63
CA ALA A 90 1.40 4.81 -10.07
C ALA A 90 0.12 4.88 -10.91
N HIS A 91 -0.18 3.80 -11.62
CA HIS A 91 -1.32 3.76 -12.53
C HIS A 91 -2.58 3.28 -11.81
N GLU A 92 -2.39 2.55 -10.72
CA GLU A 92 -3.50 1.92 -10.03
C GLU A 92 -4.06 2.81 -8.92
N LEU A 93 -3.37 3.91 -8.62
CA LEU A 93 -3.76 4.79 -7.53
C LEU A 93 -5.03 5.55 -7.87
N ARG A 94 -6.16 5.00 -7.43
CA ARG A 94 -7.47 5.53 -7.77
C ARG A 94 -8.41 5.55 -6.57
N SER A 95 -7.83 5.64 -5.37
CA SER A 95 -8.64 5.67 -4.16
C SER A 95 -8.19 6.79 -3.23
N ASP A 96 -7.51 7.77 -3.80
CA ASP A 96 -7.00 8.91 -3.03
C ASP A 96 -8.00 10.06 -3.06
N ASP A 97 -8.52 10.41 -1.89
CA ASP A 97 -9.41 11.54 -1.75
C ASP A 97 -9.38 12.05 -0.32
N MET A 1 39.61 11.67 0.84
CA MET A 1 39.68 12.14 -0.56
C MET A 1 38.32 12.65 -1.02
N GLY A 2 38.32 13.56 -1.98
CA GLY A 2 37.08 14.09 -2.50
C GLY A 2 36.97 15.58 -2.29
N SER A 3 37.00 16.34 -3.38
CA SER A 3 36.89 17.78 -3.30
C SER A 3 35.80 18.27 -4.25
N SER A 4 34.61 18.46 -3.70
CA SER A 4 33.48 18.94 -4.47
C SER A 4 32.58 19.78 -3.57
N HIS A 5 31.92 20.78 -4.15
CA HIS A 5 31.01 21.63 -3.39
C HIS A 5 29.73 21.89 -4.19
N HIS A 6 28.65 21.25 -3.79
CA HIS A 6 27.36 21.44 -4.42
C HIS A 6 26.48 22.32 -3.56
N HIS A 7 26.08 23.47 -4.11
CA HIS A 7 25.25 24.42 -3.37
C HIS A 7 23.83 23.88 -3.21
N HIS A 8 23.62 23.12 -2.15
CA HIS A 8 22.32 22.51 -1.89
C HIS A 8 21.34 23.55 -1.35
N HIS A 9 20.06 23.35 -1.65
CA HIS A 9 19.01 24.22 -1.15
C HIS A 9 17.63 23.63 -1.46
N HIS A 10 17.02 23.02 -0.45
CA HIS A 10 15.69 22.47 -0.60
C HIS A 10 14.65 23.44 -0.01
N SER A 11 13.44 23.38 -0.55
CA SER A 11 12.36 24.22 -0.06
C SER A 11 11.68 23.58 1.14
N SER A 12 10.89 24.38 1.87
CA SER A 12 10.15 23.87 3.01
C SER A 12 8.66 23.95 2.75
N GLY A 13 8.00 22.80 2.81
CA GLY A 13 6.58 22.73 2.54
C GLY A 13 6.02 21.37 2.90
N ARG A 14 5.34 21.31 4.02
CA ARG A 14 4.83 20.03 4.51
C ARG A 14 3.31 20.07 4.62
N GLU A 15 2.68 18.97 4.27
CA GLU A 15 1.24 18.84 4.36
C GLU A 15 0.88 17.45 4.90
N ASN A 16 0.15 17.41 6.00
CA ASN A 16 -0.18 16.15 6.64
C ASN A 16 -1.51 16.26 7.39
N LEU A 17 -2.60 15.88 6.73
CA LEU A 17 -3.92 15.93 7.35
C LEU A 17 -4.70 14.65 7.04
N TYR A 18 -4.59 13.68 7.94
CA TYR A 18 -5.40 12.47 7.85
C TYR A 18 -6.49 12.51 8.91
N PHE A 19 -7.72 12.69 8.47
CA PHE A 19 -8.84 12.86 9.39
C PHE A 19 -9.11 11.59 10.19
N GLN A 20 -9.31 10.48 9.50
CA GLN A 20 -9.57 9.22 10.17
C GLN A 20 -8.37 8.28 10.04
N GLY A 21 -8.00 7.67 11.15
CA GLY A 21 -6.87 6.76 11.17
C GLY A 21 -7.30 5.31 11.25
N HIS A 22 -7.99 4.84 10.23
CA HIS A 22 -8.44 3.46 10.17
C HIS A 22 -8.05 2.86 8.83
N LEU A 23 -6.75 2.90 8.55
CA LEU A 23 -6.20 2.47 7.27
C LEU A 23 -6.63 3.42 6.15
N ARG A 24 -6.01 3.29 5.00
CA ARG A 24 -6.31 4.16 3.88
C ARG A 24 -6.24 3.37 2.58
N GLU A 25 -7.30 3.44 1.78
CA GLU A 25 -7.36 2.76 0.50
C GLU A 25 -6.37 3.42 -0.47
N LEU A 26 -5.39 2.66 -0.92
CA LEU A 26 -4.29 3.20 -1.70
C LEU A 26 -4.55 3.11 -3.20
N LEU A 27 -4.72 1.88 -3.69
CA LEU A 27 -4.84 1.67 -5.12
C LEU A 27 -5.85 0.58 -5.43
N ARG A 28 -6.32 0.56 -6.66
CA ARG A 28 -7.29 -0.43 -7.12
C ARG A 28 -6.86 -0.97 -8.48
N THR A 29 -6.94 -2.28 -8.66
CA THR A 29 -6.56 -2.90 -9.93
C THR A 29 -7.46 -4.10 -10.23
N ASN A 30 -7.26 -4.69 -11.39
CA ASN A 30 -8.02 -5.85 -11.81
C ASN A 30 -7.09 -7.05 -12.00
N ASP A 31 -5.79 -6.77 -11.99
CA ASP A 31 -4.79 -7.79 -12.24
C ASP A 31 -4.14 -8.24 -10.94
N ALA A 32 -3.64 -9.46 -10.92
CA ALA A 32 -3.02 -10.02 -9.72
C ALA A 32 -1.52 -10.21 -9.91
N VAL A 33 -1.04 -10.07 -11.14
CA VAL A 33 0.37 -10.25 -11.44
C VAL A 33 1.17 -9.02 -11.04
N LEU A 34 0.64 -7.84 -11.36
CA LEU A 34 1.26 -6.58 -10.99
C LEU A 34 1.38 -6.45 -9.47
N LEU A 35 0.42 -7.05 -8.77
CA LEU A 35 0.39 -6.99 -7.31
C LEU A 35 1.63 -7.67 -6.70
N SER A 36 2.28 -8.56 -7.45
CA SER A 36 3.48 -9.22 -6.98
C SER A 36 4.58 -8.18 -6.70
N ALA A 37 4.74 -7.25 -7.62
CA ALA A 37 5.73 -6.19 -7.46
C ALA A 37 5.32 -5.25 -6.34
N VAL A 38 4.03 -4.93 -6.28
CA VAL A 38 3.49 -4.05 -5.24
C VAL A 38 3.74 -4.65 -3.86
N GLY A 39 3.47 -5.94 -3.75
CA GLY A 39 3.64 -6.63 -2.49
C GLY A 39 5.09 -6.66 -2.04
N ALA A 40 5.99 -6.95 -2.98
CA ALA A 40 7.42 -6.99 -2.68
C ALA A 40 7.92 -5.64 -2.18
N LEU A 41 7.32 -4.57 -2.71
CA LEU A 41 7.68 -3.22 -2.30
C LEU A 41 7.18 -2.93 -0.90
N LEU A 42 5.92 -3.25 -0.66
CA LEU A 42 5.30 -3.00 0.64
C LEU A 42 5.95 -3.85 1.73
N ASP A 43 6.12 -5.14 1.43
CA ASP A 43 6.75 -6.07 2.36
C ASP A 43 8.19 -5.66 2.63
N GLY A 44 8.90 -5.25 1.57
CA GLY A 44 10.29 -4.87 1.70
C GLY A 44 10.49 -3.60 2.51
N ALA A 45 9.56 -2.67 2.38
CA ALA A 45 9.63 -1.41 3.12
C ALA A 45 8.99 -1.55 4.50
N ASP A 46 8.49 -2.76 4.79
CA ASP A 46 7.83 -3.06 6.06
C ASP A 46 6.58 -2.18 6.24
N ILE A 47 5.92 -1.92 5.13
CA ILE A 47 4.72 -1.12 5.13
C ILE A 47 3.48 -1.99 5.34
N GLY A 48 2.75 -1.71 6.43
CA GLY A 48 1.51 -2.43 6.68
C GLY A 48 0.55 -2.32 5.51
N HIS A 49 -0.09 -3.43 5.17
CA HIS A 49 -0.90 -3.50 3.96
C HIS A 49 -2.01 -4.52 4.09
N LEU A 50 -3.18 -4.15 3.59
CA LEU A 50 -4.33 -5.03 3.58
C LEU A 50 -4.89 -5.12 2.16
N VAL A 51 -4.62 -6.23 1.49
CA VAL A 51 -5.12 -6.45 0.15
C VAL A 51 -6.57 -6.93 0.22
N LEU A 52 -7.48 -6.14 -0.35
CA LEU A 52 -8.89 -6.46 -0.30
C LEU A 52 -9.30 -7.24 -1.55
N ASP A 53 -9.41 -8.54 -1.39
CA ASP A 53 -9.97 -9.40 -2.41
C ASP A 53 -11.07 -10.25 -1.80
N GLN A 54 -11.92 -10.82 -2.63
CA GLN A 54 -13.05 -11.59 -2.14
C GLN A 54 -12.97 -13.02 -2.62
N ASN A 55 -12.41 -13.89 -1.78
CA ASN A 55 -12.28 -15.30 -2.12
C ASN A 55 -13.54 -16.05 -1.69
N MET A 56 -14.44 -16.25 -2.64
CA MET A 56 -15.70 -16.93 -2.38
C MET A 56 -15.56 -18.42 -2.63
N SER A 57 -16.69 -19.13 -2.62
CA SER A 57 -16.70 -20.54 -2.96
C SER A 57 -16.21 -20.73 -4.40
N ILE A 58 -15.71 -21.92 -4.72
CA ILE A 58 -15.11 -22.16 -6.02
C ILE A 58 -16.12 -21.93 -7.15
N LEU A 59 -15.86 -20.93 -7.97
CA LEU A 59 -16.72 -20.58 -9.08
C LEU A 59 -15.87 -19.92 -10.17
N GLU A 60 -16.33 -20.01 -11.42
CA GLU A 60 -15.62 -19.42 -12.54
C GLU A 60 -15.61 -17.89 -12.44
N GLY A 61 -14.42 -17.31 -12.51
CA GLY A 61 -14.29 -15.88 -12.46
C GLY A 61 -13.59 -15.40 -11.20
N SER A 62 -12.30 -15.09 -11.34
CA SER A 62 -11.51 -14.61 -10.22
C SER A 62 -10.76 -13.34 -10.59
N LEU A 63 -10.13 -13.35 -11.76
CA LEU A 63 -9.35 -12.21 -12.21
C LEU A 63 -10.27 -11.23 -12.95
N GLY A 64 -10.26 -9.98 -12.51
CA GLY A 64 -11.14 -8.98 -13.09
C GLY A 64 -12.52 -9.01 -12.46
N VAL A 65 -13.06 -10.23 -12.31
CA VAL A 65 -14.37 -10.43 -11.70
C VAL A 65 -14.38 -9.94 -10.25
N ILE A 66 -13.26 -10.14 -9.58
CA ILE A 66 -13.06 -9.61 -8.23
C ILE A 66 -12.00 -8.51 -8.26
N PRO A 67 -12.41 -7.26 -8.04
CA PRO A 67 -11.48 -6.13 -8.04
C PRO A 67 -10.48 -6.21 -6.89
N ARG A 68 -9.22 -6.00 -7.20
CA ARG A 68 -8.15 -6.07 -6.21
C ARG A 68 -7.74 -4.67 -5.79
N ARG A 69 -8.00 -4.31 -4.55
CA ARG A 69 -7.56 -3.00 -4.05
C ARG A 69 -6.72 -3.15 -2.80
N VAL A 70 -5.70 -2.32 -2.70
CA VAL A 70 -4.73 -2.42 -1.61
C VAL A 70 -4.91 -1.26 -0.64
N LEU A 71 -5.09 -1.57 0.63
CA LEU A 71 -5.16 -0.57 1.67
C LEU A 71 -3.87 -0.59 2.48
N VAL A 72 -3.41 0.58 2.89
CA VAL A 72 -2.20 0.68 3.70
C VAL A 72 -2.45 1.59 4.89
N HIS A 73 -1.43 1.81 5.71
CA HIS A 73 -1.55 2.71 6.86
C HIS A 73 -1.72 4.15 6.40
N GLU A 74 -2.27 4.98 7.27
CA GLU A 74 -2.37 6.40 6.99
C GLU A 74 -0.98 7.02 7.00
N ASP A 75 -0.17 6.53 7.92
CA ASP A 75 1.18 7.03 8.06
C ASP A 75 2.06 6.53 6.92
N ASP A 76 1.87 5.27 6.55
CA ASP A 76 2.67 4.64 5.50
C ASP A 76 2.18 5.07 4.12
N LEU A 77 1.06 5.78 4.07
CA LEU A 77 0.49 6.27 2.82
C LEU A 77 1.55 7.09 2.07
N ALA A 78 2.21 7.98 2.81
CA ALA A 78 3.20 8.88 2.24
C ALA A 78 4.34 8.12 1.59
N GLY A 79 4.73 7.01 2.21
CA GLY A 79 5.82 6.21 1.70
C GLY A 79 5.40 5.36 0.52
N ALA A 80 4.26 4.69 0.68
CA ALA A 80 3.78 3.74 -0.32
C ALA A 80 3.40 4.45 -1.62
N ARG A 81 2.63 5.54 -1.52
CA ARG A 81 2.16 6.22 -2.72
C ARG A 81 3.32 6.90 -3.46
N ARG A 82 4.40 7.16 -2.72
CA ARG A 82 5.61 7.68 -3.34
C ARG A 82 6.38 6.55 -4.02
N LEU A 83 6.56 5.45 -3.29
CA LEU A 83 7.32 4.31 -3.78
C LEU A 83 6.69 3.73 -5.05
N LEU A 84 5.40 3.48 -5.00
CA LEU A 84 4.66 2.89 -6.12
C LEU A 84 4.63 3.81 -7.34
N THR A 85 4.71 5.11 -7.10
CA THR A 85 4.67 6.08 -8.19
C THR A 85 6.04 6.25 -8.82
N ASP A 86 7.09 6.22 -8.01
CA ASP A 86 8.44 6.46 -8.49
C ASP A 86 8.98 5.26 -9.28
N ALA A 87 8.78 4.05 -8.75
CA ALA A 87 9.35 2.87 -9.36
C ALA A 87 8.40 1.67 -9.27
N GLY A 88 7.10 1.92 -9.39
CA GLY A 88 6.16 0.84 -9.35
C GLY A 88 5.26 0.80 -10.57
N LEU A 89 4.26 1.66 -10.56
CA LEU A 89 3.25 1.69 -11.61
C LEU A 89 2.58 3.05 -11.66
N ALA A 90 2.01 3.46 -10.53
CA ALA A 90 1.35 4.77 -10.38
C ALA A 90 0.12 4.92 -11.28
N HIS A 91 -0.35 3.83 -11.85
CA HIS A 91 -1.48 3.91 -12.78
C HIS A 91 -2.76 3.38 -12.13
N GLU A 92 -2.61 2.49 -11.16
CA GLU A 92 -3.76 1.89 -10.49
C GLU A 92 -4.03 2.60 -9.17
N LEU A 93 -3.18 3.56 -8.83
CA LEU A 93 -3.32 4.29 -7.57
C LEU A 93 -4.49 5.26 -7.64
N ARG A 94 -5.28 5.28 -6.57
CA ARG A 94 -6.45 6.13 -6.50
C ARG A 94 -6.84 6.40 -5.05
N SER A 95 -6.30 7.48 -4.51
CA SER A 95 -6.65 7.91 -3.17
C SER A 95 -7.47 9.19 -3.26
N ASP A 96 -8.67 9.05 -3.86
CA ASP A 96 -9.52 10.21 -4.18
C ASP A 96 -8.85 11.10 -5.21
N ASP A 97 -7.82 10.55 -5.82
CA ASP A 97 -7.04 11.20 -6.86
C ASP A 97 -6.18 10.17 -7.58
N MET A 1 38.07 24.59 -12.63
CA MET A 1 37.86 23.81 -11.39
C MET A 1 37.01 24.61 -10.41
N GLY A 2 35.76 24.24 -10.28
CA GLY A 2 34.85 24.93 -9.38
C GLY A 2 33.41 24.74 -9.80
N SER A 3 32.49 24.87 -8.85
CA SER A 3 31.09 24.67 -9.13
C SER A 3 30.22 25.45 -8.15
N SER A 4 29.87 26.66 -8.53
CA SER A 4 29.02 27.51 -7.70
C SER A 4 27.63 27.60 -8.30
N HIS A 5 26.93 26.48 -8.30
CA HIS A 5 25.58 26.41 -8.84
C HIS A 5 24.84 25.23 -8.20
N HIS A 6 23.63 25.49 -7.72
CA HIS A 6 22.85 24.47 -7.04
C HIS A 6 21.37 24.67 -7.27
N HIS A 7 20.61 23.58 -7.21
CA HIS A 7 19.17 23.63 -7.41
C HIS A 7 18.52 22.42 -6.73
N HIS A 8 18.32 22.54 -5.43
CA HIS A 8 17.80 21.42 -4.64
C HIS A 8 17.08 21.94 -3.39
N HIS A 9 15.87 22.44 -3.57
CA HIS A 9 15.09 22.97 -2.45
C HIS A 9 13.71 23.42 -2.92
N HIS A 10 12.66 22.73 -2.45
CA HIS A 10 11.29 23.19 -2.68
C HIS A 10 10.33 22.48 -1.73
N SER A 11 10.87 21.88 -0.67
CA SER A 11 10.05 21.19 0.31
C SER A 11 9.43 22.19 1.28
N SER A 12 8.12 22.42 1.13
CA SER A 12 7.40 23.34 1.99
C SER A 12 5.90 23.03 1.98
N GLY A 13 5.30 22.93 3.16
CA GLY A 13 3.87 22.72 3.24
C GLY A 13 3.49 21.48 4.02
N ARG A 14 4.03 21.33 5.21
CA ARG A 14 3.63 20.25 6.10
C ARG A 14 2.68 20.76 7.18
N GLU A 15 1.39 20.74 6.88
CA GLU A 15 0.37 21.16 7.83
C GLU A 15 -0.64 20.05 8.05
N ASN A 16 -0.51 18.97 7.29
CA ASN A 16 -1.38 17.81 7.44
C ASN A 16 -0.76 16.83 8.43
N LEU A 17 -1.28 16.85 9.64
CA LEU A 17 -0.79 15.99 10.71
C LEU A 17 -1.97 15.38 11.44
N TYR A 18 -2.24 14.12 11.16
CA TYR A 18 -3.36 13.43 11.78
C TYR A 18 -3.04 11.96 11.96
N PHE A 19 -3.52 11.39 13.05
CA PHE A 19 -3.34 9.98 13.31
C PHE A 19 -4.60 9.41 13.92
N GLN A 20 -4.99 8.25 13.46
CA GLN A 20 -6.17 7.57 13.99
C GLN A 20 -5.81 6.12 14.35
N GLY A 21 -4.92 5.56 13.56
CA GLY A 21 -4.50 4.18 13.76
C GLY A 21 -5.22 3.25 12.82
N HIS A 22 -5.62 3.79 11.67
CA HIS A 22 -6.45 3.05 10.73
C HIS A 22 -5.68 2.79 9.44
N LEU A 23 -6.19 1.88 8.62
CA LEU A 23 -5.63 1.61 7.31
C LEU A 23 -6.42 2.33 6.24
N ARG A 24 -5.80 2.57 5.09
CA ARG A 24 -6.47 3.25 4.01
C ARG A 24 -6.21 2.53 2.70
N GLU A 25 -7.25 2.31 1.90
CA GLU A 25 -7.09 1.60 0.65
C GLU A 25 -6.39 2.51 -0.35
N LEU A 26 -5.33 1.99 -0.94
CA LEU A 26 -4.46 2.81 -1.76
C LEU A 26 -4.67 2.52 -3.23
N LEU A 27 -5.07 1.29 -3.54
CA LEU A 27 -5.23 0.87 -4.92
C LEU A 27 -6.05 -0.41 -5.02
N ARG A 28 -6.63 -0.62 -6.19
CA ARG A 28 -7.40 -1.82 -6.49
C ARG A 28 -7.19 -2.18 -7.95
N THR A 29 -6.84 -3.42 -8.22
CA THR A 29 -6.52 -3.81 -9.57
C THR A 29 -7.01 -5.22 -9.89
N ASN A 30 -7.09 -5.52 -11.16
CA ASN A 30 -7.54 -6.83 -11.64
C ASN A 30 -6.37 -7.63 -12.18
N ASP A 31 -5.18 -7.05 -12.11
CA ASP A 31 -3.97 -7.71 -12.56
C ASP A 31 -3.28 -8.37 -11.39
N ALA A 32 -3.12 -9.68 -11.47
CA ALA A 32 -2.57 -10.47 -10.37
C ALA A 32 -1.09 -10.18 -10.15
N VAL A 33 -0.33 -10.16 -11.22
CA VAL A 33 1.12 -9.94 -11.14
C VAL A 33 1.44 -8.54 -10.64
N LEU A 34 0.76 -7.55 -11.22
CA LEU A 34 0.98 -6.17 -10.83
C LEU A 34 0.62 -5.96 -9.35
N LEU A 35 -0.48 -6.58 -8.93
CA LEU A 35 -0.91 -6.52 -7.55
C LEU A 35 0.17 -7.10 -6.64
N SER A 36 0.72 -8.23 -7.05
CA SER A 36 1.75 -8.91 -6.27
C SER A 36 3.01 -8.05 -6.19
N ALA A 37 3.38 -7.44 -7.31
CA ALA A 37 4.56 -6.58 -7.38
C ALA A 37 4.43 -5.39 -6.45
N VAL A 38 3.31 -4.68 -6.56
CA VAL A 38 3.05 -3.50 -5.72
C VAL A 38 2.94 -3.91 -4.25
N GLY A 39 2.27 -5.04 -4.01
CA GLY A 39 2.08 -5.52 -2.66
C GLY A 39 3.39 -5.84 -1.97
N ALA A 40 4.31 -6.47 -2.70
CA ALA A 40 5.61 -6.81 -2.18
C ALA A 40 6.42 -5.55 -1.87
N LEU A 41 6.21 -4.52 -2.68
CA LEU A 41 6.86 -3.23 -2.48
C LEU A 41 6.45 -2.62 -1.14
N LEU A 42 5.15 -2.60 -0.92
CA LEU A 42 4.59 -1.98 0.28
C LEU A 42 4.89 -2.82 1.53
N ASP A 43 4.76 -4.13 1.39
CA ASP A 43 5.07 -5.04 2.49
C ASP A 43 6.57 -5.04 2.79
N GLY A 44 7.37 -4.89 1.75
CA GLY A 44 8.81 -4.84 1.92
C GLY A 44 9.25 -3.57 2.64
N ALA A 45 8.41 -2.55 2.59
CA ALA A 45 8.69 -1.31 3.28
C ALA A 45 8.11 -1.33 4.70
N ASP A 46 7.69 -2.53 5.11
CA ASP A 46 7.13 -2.78 6.45
C ASP A 46 5.77 -2.11 6.62
N ILE A 47 5.27 -1.54 5.53
CA ILE A 47 3.94 -0.94 5.52
C ILE A 47 2.90 -2.05 5.55
N GLY A 48 3.30 -3.21 5.06
CA GLY A 48 2.41 -4.33 4.99
C GLY A 48 1.36 -4.15 3.91
N HIS A 49 0.23 -4.79 4.08
CA HIS A 49 -0.89 -4.64 3.16
C HIS A 49 -2.12 -5.35 3.69
N LEU A 50 -3.27 -4.75 3.45
CA LEU A 50 -4.53 -5.44 3.69
C LEU A 50 -5.16 -5.77 2.33
N VAL A 51 -4.80 -6.92 1.80
CA VAL A 51 -5.30 -7.37 0.51
C VAL A 51 -6.28 -8.51 0.70
N LEU A 52 -6.89 -8.52 1.87
CA LEU A 52 -7.77 -9.61 2.28
C LEU A 52 -9.20 -9.12 2.35
N ASP A 53 -9.84 -9.05 1.18
CA ASP A 53 -11.25 -8.71 1.10
C ASP A 53 -12.06 -9.94 0.74
N GLN A 54 -13.19 -9.74 0.10
CA GLN A 54 -14.07 -10.84 -0.29
C GLN A 54 -13.40 -11.76 -1.29
N ASN A 55 -13.10 -12.98 -0.85
CA ASN A 55 -12.47 -13.98 -1.71
C ASN A 55 -13.50 -14.94 -2.28
N MET A 56 -13.05 -15.80 -3.19
CA MET A 56 -13.91 -16.80 -3.81
C MET A 56 -13.03 -17.97 -4.25
N SER A 57 -13.65 -19.13 -4.48
CA SER A 57 -12.90 -20.32 -4.88
C SER A 57 -12.19 -20.10 -6.22
N ILE A 58 -12.93 -20.27 -7.31
CA ILE A 58 -12.37 -20.10 -8.64
C ILE A 58 -13.32 -19.28 -9.51
N LEU A 59 -14.60 -19.69 -9.51
CA LEU A 59 -15.64 -19.06 -10.31
C LEU A 59 -15.28 -19.12 -11.79
N GLU A 60 -15.26 -20.35 -12.33
CA GLU A 60 -14.98 -20.61 -13.74
C GLU A 60 -13.53 -20.37 -14.13
N GLY A 61 -12.91 -19.37 -13.52
CA GLY A 61 -11.52 -19.06 -13.82
C GLY A 61 -11.41 -18.09 -14.98
N SER A 62 -11.80 -16.86 -14.76
CA SER A 62 -11.78 -15.84 -15.80
C SER A 62 -11.52 -14.47 -15.21
N LEU A 63 -12.43 -14.01 -14.36
CA LEU A 63 -12.33 -12.68 -13.77
C LEU A 63 -12.92 -12.67 -12.37
N GLY A 64 -12.32 -11.88 -11.49
CA GLY A 64 -12.85 -11.74 -10.15
C GLY A 64 -13.87 -10.63 -10.07
N VAL A 65 -15.01 -10.92 -9.45
CA VAL A 65 -16.08 -9.94 -9.31
C VAL A 65 -15.64 -8.79 -8.42
N ILE A 66 -14.93 -9.13 -7.37
CA ILE A 66 -14.38 -8.15 -6.46
C ILE A 66 -12.87 -8.08 -6.64
N PRO A 67 -12.38 -7.03 -7.32
CA PRO A 67 -10.95 -6.82 -7.52
C PRO A 67 -10.22 -6.63 -6.21
N ARG A 68 -9.20 -7.46 -5.97
CA ARG A 68 -8.45 -7.40 -4.74
C ARG A 68 -7.77 -6.04 -4.61
N ARG A 69 -7.81 -5.47 -3.41
CA ARG A 69 -7.29 -4.13 -3.20
C ARG A 69 -6.21 -4.14 -2.13
N VAL A 70 -5.37 -3.13 -2.16
CA VAL A 70 -4.27 -3.03 -1.20
C VAL A 70 -4.49 -1.85 -0.27
N LEU A 71 -4.65 -2.14 1.00
CA LEU A 71 -4.78 -1.10 2.00
C LEU A 71 -3.46 -0.92 2.75
N VAL A 72 -3.02 0.33 2.83
CA VAL A 72 -1.81 0.68 3.55
C VAL A 72 -2.17 1.43 4.83
N HIS A 73 -1.18 1.93 5.55
CA HIS A 73 -1.44 2.66 6.77
C HIS A 73 -1.44 4.16 6.52
N GLU A 74 -2.33 4.86 7.23
CA GLU A 74 -2.52 6.32 7.09
C GLU A 74 -1.23 7.11 6.92
N ASP A 75 -0.30 6.94 7.84
CA ASP A 75 0.88 7.79 7.87
C ASP A 75 1.93 7.33 6.86
N ASP A 76 1.80 6.08 6.42
CA ASP A 76 2.74 5.47 5.50
C ASP A 76 2.41 5.85 4.07
N LEU A 77 1.37 6.68 3.89
CA LEU A 77 0.99 7.16 2.58
C LEU A 77 2.18 7.84 1.89
N ALA A 78 2.89 8.67 2.64
CA ALA A 78 4.06 9.38 2.12
C ALA A 78 5.10 8.40 1.58
N GLY A 79 5.31 7.30 2.32
CA GLY A 79 6.29 6.31 1.90
C GLY A 79 5.87 5.57 0.66
N ALA A 80 4.61 5.13 0.66
CA ALA A 80 4.06 4.38 -0.46
C ALA A 80 4.02 5.22 -1.73
N ARG A 81 3.67 6.50 -1.59
CA ARG A 81 3.56 7.41 -2.71
C ARG A 81 4.89 7.53 -3.45
N ARG A 82 5.98 7.75 -2.72
CA ARG A 82 7.30 7.86 -3.35
C ARG A 82 7.70 6.55 -4.00
N LEU A 83 7.50 5.46 -3.25
CA LEU A 83 7.90 4.13 -3.67
C LEU A 83 7.31 3.75 -5.03
N LEU A 84 5.99 3.83 -5.15
CA LEU A 84 5.30 3.42 -6.36
C LEU A 84 5.58 4.39 -7.51
N THR A 85 5.78 5.66 -7.20
CA THR A 85 6.03 6.67 -8.22
C THR A 85 7.43 6.50 -8.81
N ASP A 86 8.43 6.30 -7.95
CA ASP A 86 9.82 6.18 -8.40
C ASP A 86 10.01 4.87 -9.16
N ALA A 87 9.18 3.89 -8.85
CA ALA A 87 9.22 2.60 -9.54
C ALA A 87 8.46 2.67 -10.87
N GLY A 88 7.74 3.76 -11.08
CA GLY A 88 7.01 3.95 -12.32
C GLY A 88 5.79 3.07 -12.43
N LEU A 89 5.19 2.75 -11.29
CA LEU A 89 4.02 1.88 -11.26
C LEU A 89 2.81 2.61 -10.70
N ALA A 90 2.89 3.94 -10.67
CA ALA A 90 1.78 4.75 -10.18
C ALA A 90 0.69 4.85 -11.24
N HIS A 91 -0.20 3.85 -11.25
CA HIS A 91 -1.28 3.80 -12.23
C HIS A 91 -2.56 3.30 -11.59
N GLU A 92 -2.43 2.30 -10.72
CA GLU A 92 -3.60 1.69 -10.09
C GLU A 92 -3.97 2.42 -8.80
N LEU A 93 -3.20 3.44 -8.45
CA LEU A 93 -3.44 4.21 -7.23
C LEU A 93 -4.76 4.96 -7.35
N ARG A 94 -5.70 4.65 -6.46
CA ARG A 94 -7.05 5.20 -6.59
C ARG A 94 -7.40 6.10 -5.41
N SER A 95 -6.39 6.55 -4.68
CA SER A 95 -6.61 7.48 -3.59
C SER A 95 -6.95 8.87 -4.13
N ASP A 96 -6.54 9.13 -5.38
CA ASP A 96 -6.81 10.39 -6.09
C ASP A 96 -5.91 11.52 -5.59
N ASP A 97 -5.78 11.62 -4.27
CA ASP A 97 -4.90 12.61 -3.69
C ASP A 97 -3.45 12.18 -3.88
N MET A 1 6.30 -31.16 -0.50
CA MET A 1 5.52 -30.27 0.39
C MET A 1 6.45 -29.58 1.38
N GLY A 2 6.58 -28.27 1.24
CA GLY A 2 7.45 -27.50 2.11
C GLY A 2 7.30 -26.02 1.88
N SER A 3 6.06 -25.57 1.80
CA SER A 3 5.78 -24.17 1.58
C SER A 3 5.69 -23.41 2.90
N SER A 4 6.85 -23.02 3.41
CA SER A 4 6.93 -22.28 4.66
C SER A 4 7.68 -20.97 4.41
N HIS A 5 6.98 -19.86 4.54
CA HIS A 5 7.57 -18.56 4.24
C HIS A 5 7.90 -17.81 5.52
N HIS A 6 9.19 -17.54 5.73
CA HIS A 6 9.64 -16.84 6.92
C HIS A 6 10.83 -15.95 6.56
N HIS A 7 10.60 -14.65 6.49
CA HIS A 7 11.64 -13.70 6.10
C HIS A 7 11.17 -12.28 6.39
N HIS A 8 10.37 -12.13 7.43
CA HIS A 8 9.76 -10.85 7.77
C HIS A 8 10.76 -9.96 8.52
N HIS A 9 10.90 -8.72 8.05
CA HIS A 9 11.81 -7.78 8.68
C HIS A 9 11.21 -6.37 8.70
N HIS A 10 10.81 -5.93 9.88
CA HIS A 10 10.24 -4.59 10.07
C HIS A 10 11.25 -3.52 9.67
N SER A 11 11.00 -2.87 8.55
CA SER A 11 11.92 -1.85 8.05
C SER A 11 11.23 -0.48 7.99
N SER A 12 9.97 -0.45 8.38
CA SER A 12 9.20 0.78 8.38
C SER A 12 9.38 1.53 9.70
N GLY A 13 10.40 2.38 9.76
CA GLY A 13 10.68 3.11 10.98
C GLY A 13 10.66 4.61 10.80
N ARG A 14 9.50 5.15 10.45
CA ARG A 14 9.34 6.59 10.29
C ARG A 14 7.88 7.00 10.31
N GLU A 15 7.49 7.70 11.37
CA GLU A 15 6.20 8.36 11.45
C GLU A 15 6.44 9.84 11.72
N ASN A 16 6.29 10.65 10.69
CA ASN A 16 6.74 12.04 10.75
C ASN A 16 5.58 13.03 10.62
N LEU A 17 4.48 12.56 10.05
CA LEU A 17 3.34 13.41 9.78
C LEU A 17 2.17 13.01 10.67
N TYR A 18 0.98 13.37 10.27
CA TYR A 18 -0.23 12.93 10.95
C TYR A 18 -1.44 13.12 10.04
N PHE A 19 -2.22 12.07 9.89
CA PHE A 19 -3.43 12.13 9.10
C PHE A 19 -4.60 11.53 9.88
N GLN A 20 -5.73 12.22 9.87
CA GLN A 20 -6.90 11.75 10.61
C GLN A 20 -7.61 10.64 9.84
N GLY A 21 -7.55 9.44 10.39
CA GLY A 21 -8.13 8.28 9.77
C GLY A 21 -7.41 7.02 10.19
N HIS A 22 -7.50 5.98 9.39
CA HIS A 22 -6.75 4.75 9.66
C HIS A 22 -6.16 4.18 8.39
N LEU A 23 -6.91 3.35 7.68
CA LEU A 23 -6.42 2.74 6.47
C LEU A 23 -7.20 3.22 5.26
N ARG A 24 -6.49 3.43 4.15
CA ARG A 24 -7.11 3.89 2.91
C ARG A 24 -6.71 2.98 1.75
N GLU A 25 -7.55 2.96 0.72
CA GLU A 25 -7.32 2.12 -0.45
C GLU A 25 -6.22 2.72 -1.33
N LEU A 26 -5.13 1.98 -1.48
CA LEU A 26 -4.00 2.44 -2.29
C LEU A 26 -4.19 2.08 -3.74
N LEU A 27 -4.61 0.86 -4.00
CA LEU A 27 -4.52 0.30 -5.33
C LEU A 27 -5.75 -0.52 -5.67
N ARG A 28 -6.19 -0.38 -6.91
CA ARG A 28 -7.36 -1.09 -7.41
C ARG A 28 -6.91 -2.04 -8.52
N THR A 29 -6.65 -3.28 -8.18
CA THR A 29 -6.02 -4.19 -9.09
C THR A 29 -6.65 -5.58 -9.07
N ASN A 30 -7.44 -5.89 -10.09
CA ASN A 30 -8.00 -7.23 -10.24
C ASN A 30 -7.05 -8.11 -11.04
N ASP A 31 -5.95 -7.50 -11.46
CA ASP A 31 -4.95 -8.16 -12.30
C ASP A 31 -4.22 -9.26 -11.54
N ALA A 32 -4.01 -9.04 -10.25
CA ALA A 32 -3.31 -9.97 -9.35
C ALA A 32 -1.80 -9.98 -9.61
N VAL A 33 -1.41 -10.15 -10.87
CA VAL A 33 0.00 -10.20 -11.23
C VAL A 33 0.67 -8.85 -10.99
N LEU A 34 0.02 -7.79 -11.49
CA LEU A 34 0.50 -6.42 -11.26
C LEU A 34 0.59 -6.14 -9.76
N LEU A 35 -0.38 -6.67 -9.02
CA LEU A 35 -0.44 -6.48 -7.57
C LEU A 35 0.78 -7.12 -6.90
N SER A 36 1.26 -8.21 -7.48
CA SER A 36 2.41 -8.92 -6.92
C SER A 36 3.65 -8.03 -6.91
N ALA A 37 3.79 -7.21 -7.94
CA ALA A 37 4.92 -6.30 -8.06
C ALA A 37 4.82 -5.19 -7.01
N VAL A 38 3.62 -4.66 -6.84
CA VAL A 38 3.36 -3.61 -5.86
C VAL A 38 3.52 -4.15 -4.44
N GLY A 39 3.00 -5.35 -4.22
CA GLY A 39 3.09 -5.97 -2.91
C GLY A 39 4.52 -6.21 -2.49
N ALA A 40 5.39 -6.52 -3.45
CA ALA A 40 6.80 -6.75 -3.16
C ALA A 40 7.46 -5.47 -2.66
N LEU A 41 6.99 -4.34 -3.16
CA LEU A 41 7.50 -3.04 -2.74
C LEU A 41 7.09 -2.74 -1.30
N LEU A 42 5.81 -2.92 -1.02
CA LEU A 42 5.26 -2.66 0.31
C LEU A 42 5.89 -3.59 1.34
N ASP A 43 5.80 -4.90 1.10
CA ASP A 43 6.34 -5.89 2.03
C ASP A 43 7.86 -5.80 2.11
N GLY A 44 8.48 -5.27 1.06
CA GLY A 44 9.92 -5.11 1.05
C GLY A 44 10.41 -4.18 2.14
N ALA A 45 9.59 -3.22 2.51
CA ALA A 45 9.92 -2.30 3.59
C ALA A 45 9.06 -2.56 4.82
N ASP A 46 8.31 -3.65 4.75
CA ASP A 46 7.35 -4.01 5.81
C ASP A 46 6.35 -2.88 6.04
N ILE A 47 5.88 -2.32 4.93
CA ILE A 47 4.83 -1.32 4.96
C ILE A 47 3.52 -1.96 5.42
N GLY A 48 3.41 -3.25 5.16
CA GLY A 48 2.19 -3.97 5.50
C GLY A 48 1.25 -4.06 4.32
N HIS A 49 0.10 -4.68 4.52
CA HIS A 49 -0.88 -4.79 3.45
C HIS A 49 -2.24 -5.22 3.98
N LEU A 50 -3.26 -4.44 3.68
CA LEU A 50 -4.63 -4.87 3.85
C LEU A 50 -5.21 -5.18 2.49
N VAL A 51 -5.25 -6.45 2.15
CA VAL A 51 -5.65 -6.85 0.81
C VAL A 51 -6.93 -7.67 0.81
N LEU A 52 -7.45 -7.95 -0.38
CA LEU A 52 -8.65 -8.75 -0.56
C LEU A 52 -9.89 -8.03 -0.05
N ASP A 53 -10.99 -8.77 0.00
CA ASP A 53 -12.28 -8.21 0.41
C ASP A 53 -13.18 -9.34 0.88
N GLN A 54 -13.08 -10.47 0.18
CA GLN A 54 -13.74 -11.70 0.59
C GLN A 54 -12.85 -12.87 0.17
N ASN A 55 -12.66 -13.83 1.05
CA ASN A 55 -11.72 -14.93 0.81
C ASN A 55 -12.44 -16.20 0.40
N MET A 56 -12.08 -16.72 -0.76
CA MET A 56 -12.64 -17.97 -1.27
C MET A 56 -11.63 -18.64 -2.19
N SER A 57 -12.05 -19.70 -2.85
CA SER A 57 -11.19 -20.40 -3.81
C SER A 57 -10.82 -19.48 -4.97
N ILE A 58 -9.56 -19.55 -5.39
CA ILE A 58 -9.07 -18.70 -6.46
C ILE A 58 -9.50 -19.23 -7.83
N LEU A 59 -10.08 -18.35 -8.63
CA LEU A 59 -10.49 -18.69 -9.99
C LEU A 59 -10.22 -17.49 -10.89
N GLU A 60 -9.47 -17.72 -11.96
CA GLU A 60 -9.09 -16.63 -12.86
C GLU A 60 -9.44 -16.96 -14.30
N GLY A 61 -9.16 -16.03 -15.19
CA GLY A 61 -9.48 -16.21 -16.59
C GLY A 61 -10.02 -14.93 -17.20
N SER A 62 -11.27 -14.96 -17.62
CA SER A 62 -11.91 -13.78 -18.17
C SER A 62 -13.12 -13.39 -17.32
N LEU A 63 -12.86 -12.69 -16.22
CA LEU A 63 -13.90 -12.29 -15.29
C LEU A 63 -13.30 -11.41 -14.19
N GLY A 64 -13.42 -10.10 -14.34
CA GLY A 64 -12.88 -9.18 -13.36
C GLY A 64 -13.95 -8.56 -12.52
N VAL A 65 -14.64 -9.39 -11.74
CA VAL A 65 -15.74 -8.91 -10.90
C VAL A 65 -15.22 -8.51 -9.52
N ILE A 66 -14.18 -9.20 -9.06
CA ILE A 66 -13.62 -8.92 -7.76
C ILE A 66 -12.37 -8.04 -7.90
N PRO A 67 -12.47 -6.76 -7.51
CA PRO A 67 -11.34 -5.85 -7.52
C PRO A 67 -10.47 -6.02 -6.28
N ARG A 68 -9.33 -6.66 -6.44
CA ARG A 68 -8.42 -6.88 -5.34
C ARG A 68 -7.75 -5.56 -4.97
N ARG A 69 -7.99 -5.12 -3.74
CA ARG A 69 -7.55 -3.80 -3.31
C ARG A 69 -6.49 -3.91 -2.22
N VAL A 70 -5.44 -3.11 -2.37
CA VAL A 70 -4.41 -3.00 -1.33
C VAL A 70 -4.59 -1.73 -0.53
N LEU A 71 -4.64 -1.86 0.80
CA LEU A 71 -4.81 -0.71 1.68
C LEU A 71 -3.65 -0.60 2.67
N VAL A 72 -3.30 0.63 3.04
CA VAL A 72 -2.31 0.89 4.08
C VAL A 72 -2.83 1.97 5.02
N HIS A 73 -2.05 2.31 6.05
CA HIS A 73 -2.52 3.25 7.07
C HIS A 73 -2.04 4.68 6.79
N GLU A 74 -2.46 5.62 7.63
CA GLU A 74 -2.10 7.03 7.48
C GLU A 74 -0.61 7.27 7.71
N ASP A 75 -0.17 8.48 7.38
CA ASP A 75 1.25 8.85 7.42
C ASP A 75 2.03 8.07 6.36
N ASP A 76 2.07 6.77 6.57
CA ASP A 76 2.69 5.82 5.65
C ASP A 76 2.12 5.97 4.24
N LEU A 77 0.88 6.45 4.17
CA LEU A 77 0.19 6.68 2.90
C LEU A 77 1.07 7.49 1.95
N ALA A 78 1.77 8.48 2.50
CA ALA A 78 2.64 9.33 1.71
C ALA A 78 3.88 8.57 1.28
N GLY A 79 4.44 7.79 2.19
CA GLY A 79 5.64 7.03 1.90
C GLY A 79 5.40 5.96 0.87
N ALA A 80 4.31 5.21 1.03
CA ALA A 80 3.94 4.17 0.10
C ALA A 80 3.75 4.73 -1.31
N ARG A 81 3.06 5.86 -1.40
CA ARG A 81 2.85 6.52 -2.69
C ARG A 81 4.18 6.89 -3.32
N ARG A 82 5.04 7.53 -2.54
CA ARG A 82 6.35 7.95 -3.02
C ARG A 82 7.17 6.75 -3.50
N LEU A 83 7.08 5.65 -2.76
CA LEU A 83 7.77 4.42 -3.11
C LEU A 83 7.28 3.89 -4.46
N LEU A 84 5.97 3.81 -4.61
CA LEU A 84 5.36 3.30 -5.85
C LEU A 84 5.59 4.27 -7.01
N THR A 85 5.71 5.55 -6.71
CA THR A 85 5.98 6.55 -7.73
C THR A 85 7.40 6.39 -8.27
N ASP A 86 8.35 6.21 -7.36
CA ASP A 86 9.75 5.99 -7.73
C ASP A 86 9.91 4.71 -8.54
N ALA A 87 9.13 3.69 -8.18
CA ALA A 87 9.14 2.42 -8.89
C ALA A 87 8.41 2.52 -10.22
N GLY A 88 7.59 3.56 -10.36
CA GLY A 88 6.88 3.80 -11.61
C GLY A 88 5.61 2.98 -11.73
N LEU A 89 5.06 2.56 -10.61
CA LEU A 89 3.84 1.75 -10.61
C LEU A 89 2.64 2.56 -10.15
N ALA A 90 2.87 3.81 -9.77
CA ALA A 90 1.81 4.68 -9.31
C ALA A 90 0.97 5.18 -10.48
N HIS A 91 -0.03 4.40 -10.86
CA HIS A 91 -0.92 4.77 -11.95
C HIS A 91 -2.33 4.23 -11.70
N GLU A 92 -2.42 2.98 -11.25
CA GLU A 92 -3.70 2.35 -11.00
C GLU A 92 -4.13 2.55 -9.54
N LEU A 93 -3.53 3.54 -8.91
CA LEU A 93 -3.80 3.84 -7.51
C LEU A 93 -5.05 4.68 -7.35
N ARG A 94 -5.52 4.78 -6.11
CA ARG A 94 -6.68 5.58 -5.78
C ARG A 94 -6.22 6.87 -5.12
N SER A 95 -6.08 7.93 -5.90
CA SER A 95 -5.55 9.19 -5.39
C SER A 95 -6.46 10.36 -5.73
N ASP A 96 -7.44 10.59 -4.85
CA ASP A 96 -8.32 11.77 -4.89
C ASP A 96 -9.51 11.55 -3.97
N ASP A 97 -10.04 10.33 -4.00
CA ASP A 97 -11.20 9.99 -3.20
C ASP A 97 -10.80 9.05 -2.07
N MET A 1 41.03 -1.40 48.73
CA MET A 1 39.79 -1.66 47.96
C MET A 1 39.67 -0.67 46.81
N GLY A 2 39.18 -1.14 45.67
CA GLY A 2 39.05 -0.30 44.51
C GLY A 2 38.34 -1.02 43.37
N SER A 3 37.04 -1.24 43.55
CA SER A 3 36.23 -1.90 42.54
C SER A 3 35.31 -0.90 41.85
N SER A 4 35.73 0.36 41.83
CA SER A 4 34.90 1.43 41.30
C SER A 4 35.19 1.67 39.82
N HIS A 5 34.21 1.35 38.98
CA HIS A 5 34.30 1.61 37.54
C HIS A 5 33.20 2.56 37.13
N HIS A 6 33.58 3.75 36.71
CA HIS A 6 32.61 4.75 36.29
C HIS A 6 32.71 4.96 34.79
N HIS A 7 31.65 4.62 34.07
CA HIS A 7 31.61 4.77 32.63
C HIS A 7 30.18 4.98 32.15
N HIS A 8 30.00 5.95 31.27
CA HIS A 8 28.70 6.23 30.69
C HIS A 8 28.87 6.81 29.30
N HIS A 9 28.25 6.18 28.31
CA HIS A 9 28.41 6.59 26.93
C HIS A 9 27.17 6.23 26.11
N HIS A 10 26.21 7.13 26.09
CA HIS A 10 24.98 6.94 25.32
C HIS A 10 24.27 8.28 25.17
N SER A 11 23.82 8.59 23.97
CA SER A 11 23.16 9.86 23.71
C SER A 11 22.26 9.78 22.47
N SER A 12 20.95 9.85 22.68
CA SER A 12 19.99 9.89 21.59
C SER A 12 18.61 10.30 22.11
N GLY A 13 17.88 11.08 21.32
CA GLY A 13 16.56 11.51 21.71
C GLY A 13 16.20 12.86 21.13
N ARG A 14 15.29 12.87 20.17
CA ARG A 14 14.85 14.08 19.50
C ARG A 14 13.69 13.78 18.56
N GLU A 15 13.96 12.92 17.58
CA GLU A 15 13.01 12.66 16.51
C GLU A 15 11.80 11.87 17.00
N ASN A 16 10.62 12.36 16.66
CA ASN A 16 9.37 11.69 16.98
C ASN A 16 8.56 11.50 15.70
N LEU A 17 7.77 10.44 15.64
CA LEU A 17 7.03 10.10 14.44
C LEU A 17 5.70 9.44 14.77
N TYR A 18 4.60 10.10 14.42
CA TYR A 18 3.28 9.52 14.56
C TYR A 18 2.30 10.20 13.61
N PHE A 19 1.46 9.40 12.97
CA PHE A 19 0.46 9.90 12.04
C PHE A 19 -0.91 9.32 12.39
N GLN A 20 -1.89 10.20 12.52
CA GLN A 20 -3.23 9.76 12.91
C GLN A 20 -4.07 9.41 11.70
N GLY A 21 -4.70 8.25 11.75
CA GLY A 21 -5.55 7.80 10.68
C GLY A 21 -5.86 6.32 10.82
N HIS A 22 -6.35 5.71 9.75
CA HIS A 22 -6.62 4.30 9.76
C HIS A 22 -6.10 3.66 8.48
N LEU A 23 -6.99 3.40 7.53
CA LEU A 23 -6.60 2.85 6.23
C LEU A 23 -7.45 3.45 5.13
N ARG A 24 -6.81 4.11 4.18
CA ARG A 24 -7.50 4.60 3.00
C ARG A 24 -7.05 3.82 1.77
N GLU A 25 -7.74 4.02 0.66
CA GLU A 25 -7.53 3.19 -0.52
C GLU A 25 -6.32 3.68 -1.31
N LEU A 26 -5.49 2.73 -1.74
CA LEU A 26 -4.35 3.03 -2.59
C LEU A 26 -4.71 2.78 -4.05
N LEU A 27 -4.92 1.51 -4.38
CA LEU A 27 -5.31 1.13 -5.73
C LEU A 27 -6.30 -0.02 -5.70
N ARG A 28 -7.06 -0.15 -6.77
CA ARG A 28 -8.06 -1.20 -6.89
C ARG A 28 -7.99 -1.77 -8.30
N THR A 29 -7.36 -2.93 -8.44
CA THR A 29 -7.13 -3.51 -9.75
C THR A 29 -7.93 -4.79 -9.91
N ASN A 30 -7.96 -5.32 -11.13
CA ASN A 30 -8.63 -6.57 -11.41
C ASN A 30 -7.61 -7.68 -11.60
N ASP A 31 -6.34 -7.31 -11.54
CA ASP A 31 -5.24 -8.24 -11.77
C ASP A 31 -4.54 -8.60 -10.46
N ALA A 32 -3.88 -9.75 -10.44
CA ALA A 32 -3.15 -10.20 -9.26
C ALA A 32 -1.66 -10.26 -9.53
N VAL A 33 -1.28 -10.21 -10.81
CA VAL A 33 0.12 -10.31 -11.21
C VAL A 33 0.87 -9.04 -10.83
N LEU A 34 0.30 -7.90 -11.21
CA LEU A 34 0.90 -6.60 -10.93
C LEU A 34 1.06 -6.40 -9.41
N LEU A 35 0.15 -6.98 -8.65
CA LEU A 35 0.16 -6.84 -7.20
C LEU A 35 1.37 -7.54 -6.58
N SER A 36 1.92 -8.52 -7.28
CA SER A 36 3.12 -9.20 -6.81
C SER A 36 4.31 -8.25 -6.83
N ALA A 37 4.37 -7.39 -7.84
CA ALA A 37 5.42 -6.40 -7.95
C ALA A 37 5.22 -5.30 -6.91
N VAL A 38 3.98 -4.83 -6.80
CA VAL A 38 3.64 -3.80 -5.83
C VAL A 38 3.85 -4.30 -4.40
N GLY A 39 3.43 -5.53 -4.15
CA GLY A 39 3.57 -6.13 -2.84
C GLY A 39 5.01 -6.23 -2.41
N ALA A 40 5.89 -6.54 -3.36
CA ALA A 40 7.31 -6.64 -3.09
C ALA A 40 7.90 -5.29 -2.67
N LEU A 41 7.32 -4.22 -3.20
CA LEU A 41 7.74 -2.88 -2.82
C LEU A 41 7.31 -2.57 -1.39
N LEU A 42 6.04 -2.81 -1.10
CA LEU A 42 5.48 -2.57 0.22
C LEU A 42 6.20 -3.39 1.28
N ASP A 43 6.29 -4.69 1.04
CA ASP A 43 6.94 -5.62 1.96
C ASP A 43 8.44 -5.36 2.03
N GLY A 44 9.03 -4.96 0.91
CA GLY A 44 10.45 -4.70 0.84
C GLY A 44 10.85 -3.51 1.70
N ALA A 45 9.87 -2.72 2.10
CA ALA A 45 10.12 -1.60 2.99
C ALA A 45 9.74 -1.95 4.42
N ASP A 46 8.45 -2.17 4.64
CA ASP A 46 7.87 -2.39 5.97
C ASP A 46 6.36 -2.23 5.90
N ILE A 47 5.94 -1.55 4.83
CA ILE A 47 4.59 -1.03 4.70
C ILE A 47 3.52 -2.09 4.96
N GLY A 48 2.87 -1.99 6.12
CA GLY A 48 1.75 -2.82 6.42
C GLY A 48 0.62 -2.62 5.44
N HIS A 49 0.33 -3.65 4.67
CA HIS A 49 -0.65 -3.54 3.59
C HIS A 49 -1.70 -4.63 3.70
N LEU A 50 -2.95 -4.23 3.63
CA LEU A 50 -4.05 -5.17 3.71
C LEU A 50 -4.68 -5.35 2.33
N VAL A 51 -4.52 -6.53 1.78
CA VAL A 51 -5.09 -6.85 0.48
C VAL A 51 -6.44 -7.53 0.63
N LEU A 52 -7.50 -6.79 0.37
CA LEU A 52 -8.85 -7.29 0.56
C LEU A 52 -9.47 -7.69 -0.76
N ASP A 53 -9.93 -8.94 -0.84
CA ASP A 53 -10.66 -9.42 -2.00
C ASP A 53 -11.96 -10.10 -1.54
N GLN A 54 -12.97 -10.09 -2.40
CA GLN A 54 -14.25 -10.70 -2.07
C GLN A 54 -14.75 -11.60 -3.20
N ASN A 55 -13.82 -12.15 -3.97
CA ASN A 55 -14.18 -13.10 -5.00
C ASN A 55 -14.51 -14.44 -4.33
N MET A 56 -15.81 -14.71 -4.22
CA MET A 56 -16.30 -15.84 -3.44
C MET A 56 -16.10 -17.17 -4.14
N SER A 57 -16.92 -17.43 -5.15
CA SER A 57 -16.89 -18.69 -5.85
C SER A 57 -16.11 -18.58 -7.14
N ILE A 58 -15.16 -19.47 -7.34
CA ILE A 58 -14.33 -19.44 -8.53
C ILE A 58 -14.51 -20.72 -9.35
N LEU A 59 -15.31 -20.60 -10.41
CA LEU A 59 -15.54 -21.72 -11.30
C LEU A 59 -14.54 -21.66 -12.45
N GLU A 60 -14.17 -20.44 -12.80
CA GLU A 60 -13.20 -20.17 -13.84
C GLU A 60 -12.63 -18.77 -13.63
N GLY A 61 -13.52 -17.83 -13.36
CA GLY A 61 -13.11 -16.47 -13.08
C GLY A 61 -14.13 -15.74 -12.22
N SER A 62 -15.38 -15.75 -12.69
CA SER A 62 -16.50 -15.13 -11.98
C SER A 62 -16.41 -13.59 -11.99
N LEU A 63 -17.51 -12.95 -11.61
CA LEU A 63 -17.55 -11.50 -11.54
C LEU A 63 -17.15 -11.03 -10.15
N GLY A 64 -15.87 -10.77 -9.98
CA GLY A 64 -15.38 -10.27 -8.72
C GLY A 64 -15.75 -8.82 -8.50
N VAL A 65 -16.82 -8.59 -7.73
CA VAL A 65 -17.26 -7.24 -7.39
C VAL A 65 -16.13 -6.48 -6.71
N ILE A 66 -15.49 -7.15 -5.77
CA ILE A 66 -14.27 -6.64 -5.16
C ILE A 66 -13.12 -7.55 -5.54
N PRO A 67 -12.42 -7.23 -6.65
CA PRO A 67 -11.31 -8.05 -7.15
C PRO A 67 -10.13 -8.03 -6.19
N ARG A 68 -9.48 -6.89 -6.08
CA ARG A 68 -8.39 -6.70 -5.13
C ARG A 68 -8.19 -5.23 -4.84
N ARG A 69 -8.40 -4.86 -3.59
CA ARG A 69 -8.20 -3.49 -3.15
C ARG A 69 -7.04 -3.45 -2.16
N VAL A 70 -6.11 -2.52 -2.36
CA VAL A 70 -4.94 -2.42 -1.52
C VAL A 70 -5.01 -1.18 -0.65
N LEU A 71 -5.02 -1.40 0.66
CA LEU A 71 -5.02 -0.30 1.61
C LEU A 71 -3.87 -0.46 2.59
N VAL A 72 -3.28 0.66 3.00
CA VAL A 72 -2.21 0.65 3.98
C VAL A 72 -2.52 1.60 5.11
N HIS A 73 -1.80 1.49 6.21
CA HIS A 73 -2.00 2.38 7.35
C HIS A 73 -1.53 3.80 7.01
N GLU A 74 -2.37 4.78 7.35
CA GLU A 74 -2.10 6.20 7.05
C GLU A 74 -0.71 6.64 7.53
N ASP A 75 -0.23 5.97 8.57
CA ASP A 75 1.07 6.26 9.17
C ASP A 75 2.22 6.10 8.16
N ASP A 76 1.96 5.43 7.05
CA ASP A 76 2.98 5.23 6.03
C ASP A 76 2.41 5.57 4.65
N LEU A 77 1.25 6.22 4.65
CA LEU A 77 0.53 6.51 3.41
C LEU A 77 1.39 7.31 2.44
N ALA A 78 1.97 8.40 2.94
CA ALA A 78 2.78 9.28 2.12
C ALA A 78 4.02 8.57 1.59
N GLY A 79 4.59 7.69 2.41
CA GLY A 79 5.78 6.97 2.00
C GLY A 79 5.48 5.90 0.97
N ALA A 80 4.45 5.11 1.26
CA ALA A 80 4.04 4.02 0.38
C ALA A 80 3.70 4.53 -1.03
N ARG A 81 2.96 5.63 -1.10
CA ARG A 81 2.54 6.17 -2.39
C ARG A 81 3.72 6.53 -3.27
N ARG A 82 4.69 7.26 -2.72
CA ARG A 82 5.84 7.67 -3.52
C ARG A 82 6.67 6.46 -3.94
N LEU A 83 6.74 5.47 -3.06
CA LEU A 83 7.48 4.25 -3.37
C LEU A 83 6.86 3.54 -4.57
N LEU A 84 5.53 3.49 -4.59
CA LEU A 84 4.79 2.87 -5.68
C LEU A 84 4.91 3.68 -6.96
N THR A 85 5.09 4.98 -6.82
CA THR A 85 5.29 5.85 -7.97
C THR A 85 6.71 5.73 -8.51
N ASP A 86 7.67 5.81 -7.60
CA ASP A 86 9.09 5.90 -7.94
C ASP A 86 9.60 4.58 -8.54
N ALA A 87 9.23 3.46 -7.95
CA ALA A 87 9.75 2.17 -8.39
C ALA A 87 8.62 1.22 -8.78
N GLY A 88 7.51 1.77 -9.21
CA GLY A 88 6.41 0.94 -9.63
C GLY A 88 5.71 1.48 -10.86
N LEU A 89 4.84 2.46 -10.65
CA LEU A 89 4.00 2.99 -11.72
C LEU A 89 3.11 4.13 -11.20
N ALA A 90 2.30 3.83 -10.18
CA ALA A 90 1.34 4.78 -9.60
C ALA A 90 0.31 5.25 -10.63
N HIS A 91 0.15 4.46 -11.69
CA HIS A 91 -0.76 4.83 -12.77
C HIS A 91 -2.08 4.10 -12.64
N GLU A 92 -2.03 2.90 -12.06
CA GLU A 92 -3.22 2.08 -11.86
C GLU A 92 -3.81 2.31 -10.48
N LEU A 93 -3.26 3.28 -9.75
CA LEU A 93 -3.77 3.64 -8.44
C LEU A 93 -5.09 4.38 -8.56
N ARG A 94 -5.92 4.23 -7.54
CA ARG A 94 -7.28 4.75 -7.58
C ARG A 94 -7.49 5.71 -6.42
N SER A 95 -7.41 5.16 -5.20
CA SER A 95 -7.53 5.94 -3.97
C SER A 95 -8.96 6.44 -3.76
N ASP A 96 -9.24 6.90 -2.55
CA ASP A 96 -10.56 7.42 -2.23
C ASP A 96 -10.50 8.93 -1.98
N ASP A 97 -9.28 9.46 -1.89
CA ASP A 97 -9.06 10.90 -1.79
C ASP A 97 -7.58 11.23 -1.92
N MET A 1 33.24 45.31 -22.72
CA MET A 1 33.06 43.93 -22.19
C MET A 1 32.12 43.94 -21.01
N GLY A 2 31.50 42.80 -20.74
CA GLY A 2 30.60 42.68 -19.61
C GLY A 2 29.16 42.62 -20.02
N SER A 3 28.82 41.65 -20.86
CA SER A 3 27.46 41.48 -21.32
C SER A 3 26.90 40.14 -20.87
N SER A 4 26.49 40.07 -19.61
CA SER A 4 25.94 38.86 -19.05
C SER A 4 24.59 39.14 -18.40
N HIS A 5 23.67 38.20 -18.50
CA HIS A 5 22.36 38.35 -17.90
C HIS A 5 21.99 37.06 -17.17
N HIS A 6 22.14 37.08 -15.85
CA HIS A 6 21.97 35.88 -15.04
C HIS A 6 21.14 36.17 -13.80
N HIS A 7 20.08 35.40 -13.61
CA HIS A 7 19.29 35.48 -12.39
C HIS A 7 18.66 34.12 -12.08
N HIS A 8 18.78 33.70 -10.83
CA HIS A 8 18.21 32.43 -10.41
C HIS A 8 17.44 32.61 -9.11
N HIS A 9 16.12 32.53 -9.20
CA HIS A 9 15.27 32.77 -8.05
C HIS A 9 13.97 32.00 -8.15
N HIS A 10 13.90 30.85 -7.47
CA HIS A 10 12.66 30.09 -7.39
C HIS A 10 12.67 29.20 -6.17
N SER A 11 11.81 29.50 -5.23
CA SER A 11 11.67 28.72 -4.01
C SER A 11 10.19 28.47 -3.73
N SER A 12 9.88 27.25 -3.34
CA SER A 12 8.50 26.85 -3.11
C SER A 12 8.40 25.97 -1.87
N GLY A 13 7.19 25.74 -1.39
CA GLY A 13 7.01 24.82 -0.28
C GLY A 13 5.97 25.27 0.72
N ARG A 14 4.72 24.96 0.45
CA ARG A 14 3.64 25.19 1.42
C ARG A 14 2.53 24.16 1.26
N GLU A 15 2.53 23.16 2.12
CA GLU A 15 1.51 22.13 2.10
C GLU A 15 1.53 21.31 3.39
N ASN A 16 0.36 20.89 3.85
CA ASN A 16 0.23 20.06 5.06
C ASN A 16 -1.23 19.72 5.32
N LEU A 17 -2.06 19.84 4.30
CA LEU A 17 -3.51 19.73 4.49
C LEU A 17 -4.04 18.37 4.05
N TYR A 18 -5.18 17.99 4.63
CA TYR A 18 -5.94 16.81 4.22
C TYR A 18 -5.27 15.51 4.65
N PHE A 19 -5.89 14.39 4.26
CA PHE A 19 -5.38 13.03 4.48
C PHE A 19 -5.63 12.56 5.91
N GLN A 20 -6.90 12.44 6.27
CA GLN A 20 -7.31 11.85 7.55
C GLN A 20 -8.56 11.01 7.35
N GLY A 21 -8.68 9.93 8.11
CA GLY A 21 -9.83 9.06 7.99
C GLY A 21 -9.66 7.75 8.70
N HIS A 22 -10.10 6.66 8.07
CA HIS A 22 -9.96 5.32 8.64
C HIS A 22 -9.19 4.44 7.66
N LEU A 23 -7.88 4.65 7.59
CA LEU A 23 -7.03 4.02 6.58
C LEU A 23 -7.43 4.48 5.18
N ARG A 24 -6.55 4.28 4.21
CA ARG A 24 -6.85 4.70 2.85
C ARG A 24 -6.52 3.59 1.86
N GLU A 25 -7.49 3.28 1.02
CA GLU A 25 -7.31 2.33 -0.06
C GLU A 25 -6.41 2.95 -1.12
N LEU A 26 -5.28 2.31 -1.40
CA LEU A 26 -4.30 2.86 -2.31
C LEU A 26 -4.72 2.62 -3.74
N LEU A 27 -5.03 1.37 -4.07
CA LEU A 27 -5.43 1.01 -5.41
C LEU A 27 -6.24 -0.29 -5.41
N ARG A 28 -7.09 -0.44 -6.42
CA ARG A 28 -7.90 -1.63 -6.58
C ARG A 28 -7.78 -2.12 -8.01
N THR A 29 -7.13 -3.28 -8.20
CA THR A 29 -6.85 -3.76 -9.54
C THR A 29 -7.35 -5.19 -9.75
N ASN A 30 -7.42 -5.59 -11.00
CA ASN A 30 -7.90 -6.93 -11.35
C ASN A 30 -6.73 -7.78 -11.82
N ASP A 31 -5.57 -7.15 -11.96
CA ASP A 31 -4.39 -7.82 -12.49
C ASP A 31 -3.50 -8.36 -11.37
N ALA A 32 -3.05 -9.59 -11.53
CA ALA A 32 -2.24 -10.25 -10.53
C ALA A 32 -0.79 -9.78 -10.59
N VAL A 33 -0.32 -9.46 -11.79
CA VAL A 33 1.07 -9.05 -11.99
C VAL A 33 1.38 -7.79 -11.19
N LEU A 34 0.49 -6.81 -11.29
CA LEU A 34 0.63 -5.56 -10.55
C LEU A 34 0.59 -5.82 -9.05
N LEU A 35 -0.30 -6.72 -8.64
CA LEU A 35 -0.44 -7.08 -7.23
C LEU A 35 0.86 -7.67 -6.68
N SER A 36 1.48 -8.55 -7.45
CA SER A 36 2.73 -9.18 -7.03
C SER A 36 3.82 -8.12 -6.79
N ALA A 37 3.86 -7.13 -7.67
CA ALA A 37 4.87 -6.09 -7.59
C ALA A 37 4.62 -5.15 -6.42
N VAL A 38 3.41 -4.58 -6.37
CA VAL A 38 3.03 -3.66 -5.29
C VAL A 38 3.10 -4.37 -3.95
N GLY A 39 2.66 -5.62 -3.94
CA GLY A 39 2.66 -6.41 -2.73
C GLY A 39 4.05 -6.62 -2.19
N ALA A 40 4.97 -7.03 -3.05
CA ALA A 40 6.35 -7.30 -2.64
C ALA A 40 7.04 -6.03 -2.15
N LEU A 41 6.68 -4.90 -2.73
CA LEU A 41 7.26 -3.62 -2.37
C LEU A 41 6.88 -3.25 -0.94
N LEU A 42 5.58 -3.29 -0.65
CA LEU A 42 5.08 -2.92 0.67
C LEU A 42 5.39 -4.02 1.68
N ASP A 43 5.51 -5.25 1.19
CA ASP A 43 5.82 -6.39 2.05
C ASP A 43 7.29 -6.37 2.45
N GLY A 44 8.16 -6.34 1.45
CA GLY A 44 9.59 -6.44 1.68
C GLY A 44 10.13 -5.25 2.44
N ALA A 45 9.60 -4.07 2.17
CA ALA A 45 10.04 -2.86 2.84
C ALA A 45 9.36 -2.71 4.20
N ASP A 46 8.46 -3.66 4.51
CA ASP A 46 7.75 -3.68 5.78
C ASP A 46 6.90 -2.42 5.97
N ILE A 47 6.50 -1.83 4.84
CA ILE A 47 5.69 -0.62 4.85
C ILE A 47 4.34 -0.89 5.50
N GLY A 48 3.80 -2.05 5.21
CA GLY A 48 2.53 -2.44 5.77
C GLY A 48 1.43 -2.48 4.73
N HIS A 49 0.76 -3.61 4.64
CA HIS A 49 -0.30 -3.78 3.65
C HIS A 49 -1.48 -4.52 4.26
N LEU A 50 -2.68 -4.12 3.88
CA LEU A 50 -3.87 -4.85 4.24
C LEU A 50 -4.42 -5.52 3.00
N VAL A 51 -3.98 -6.74 2.74
CA VAL A 51 -4.35 -7.44 1.52
C VAL A 51 -4.84 -8.86 1.82
N LEU A 52 -5.11 -9.60 0.75
CA LEU A 52 -5.57 -10.97 0.85
C LEU A 52 -5.30 -11.66 -0.49
N ASP A 53 -5.19 -12.98 -0.48
CA ASP A 53 -4.96 -13.72 -1.71
C ASP A 53 -6.21 -13.66 -2.59
N GLN A 54 -6.01 -13.61 -3.89
CA GLN A 54 -7.12 -13.32 -4.79
C GLN A 54 -7.37 -14.41 -5.83
N ASN A 55 -6.85 -15.62 -5.58
CA ASN A 55 -7.08 -16.72 -6.51
C ASN A 55 -7.16 -18.04 -5.77
N MET A 56 -8.10 -18.89 -6.17
CA MET A 56 -8.31 -20.17 -5.51
C MET A 56 -7.28 -21.18 -6.00
N SER A 57 -6.83 -22.05 -5.10
CA SER A 57 -5.89 -23.09 -5.45
C SER A 57 -6.63 -24.29 -6.03
N ILE A 58 -7.28 -24.06 -7.17
CA ILE A 58 -8.14 -25.05 -7.81
C ILE A 58 -9.40 -25.27 -6.98
N LEU A 59 -10.44 -24.50 -7.28
CA LEU A 59 -11.71 -24.59 -6.58
C LEU A 59 -12.81 -23.97 -7.43
N GLU A 60 -13.63 -24.82 -8.04
CA GLU A 60 -14.71 -24.46 -8.98
C GLU A 60 -14.21 -23.63 -10.18
N GLY A 61 -13.55 -22.52 -9.93
CA GLY A 61 -12.95 -21.74 -10.99
C GLY A 61 -11.45 -21.90 -11.01
N SER A 62 -10.92 -22.50 -12.06
CA SER A 62 -9.49 -22.72 -12.19
C SER A 62 -8.74 -21.40 -12.25
N LEU A 63 -9.25 -20.47 -13.04
CA LEU A 63 -8.69 -19.14 -13.12
C LEU A 63 -9.76 -18.10 -12.80
N GLY A 64 -9.89 -17.79 -11.51
CA GLY A 64 -10.88 -16.83 -11.08
C GLY A 64 -10.33 -15.42 -11.03
N VAL A 65 -11.16 -14.44 -11.29
CA VAL A 65 -10.72 -13.05 -11.28
C VAL A 65 -11.27 -12.33 -10.05
N ILE A 66 -10.49 -12.34 -8.99
CA ILE A 66 -10.85 -11.63 -7.77
C ILE A 66 -10.07 -10.32 -7.69
N PRO A 67 -10.77 -9.18 -7.90
CA PRO A 67 -10.14 -7.86 -7.83
C PRO A 67 -9.67 -7.52 -6.42
N ARG A 68 -8.37 -7.46 -6.23
CA ARG A 68 -7.82 -7.20 -4.92
C ARG A 68 -7.39 -5.74 -4.79
N ARG A 69 -7.65 -5.18 -3.62
CA ARG A 69 -7.28 -3.82 -3.31
C ARG A 69 -6.21 -3.79 -2.23
N VAL A 70 -5.31 -2.82 -2.31
CA VAL A 70 -4.27 -2.69 -1.32
C VAL A 70 -4.49 -1.45 -0.45
N LEU A 71 -4.70 -1.68 0.84
CA LEU A 71 -4.84 -0.59 1.79
C LEU A 71 -3.53 -0.44 2.58
N VAL A 72 -3.11 0.79 2.78
CA VAL A 72 -1.88 1.06 3.51
C VAL A 72 -2.18 1.80 4.79
N HIS A 73 -1.15 2.05 5.57
CA HIS A 73 -1.28 2.83 6.80
C HIS A 73 -1.55 4.28 6.44
N GLU A 74 -2.59 4.83 7.05
CA GLU A 74 -2.99 6.22 6.80
C GLU A 74 -1.84 7.17 7.10
N ASP A 75 -1.08 6.84 8.12
CA ASP A 75 -0.01 7.71 8.56
C ASP A 75 1.15 7.64 7.57
N ASP A 76 1.15 6.61 6.74
CA ASP A 76 2.24 6.37 5.80
C ASP A 76 1.77 6.60 4.38
N LEU A 77 0.73 7.40 4.25
CA LEU A 77 0.14 7.68 2.94
C LEU A 77 1.21 8.14 1.96
N ALA A 78 2.00 9.12 2.37
CA ALA A 78 3.03 9.69 1.52
C ALA A 78 4.17 8.71 1.26
N GLY A 79 4.39 7.81 2.21
CA GLY A 79 5.50 6.88 2.11
C GLY A 79 5.26 5.79 1.08
N ALA A 80 4.18 5.06 1.25
CA ALA A 80 3.85 3.93 0.36
C ALA A 80 3.67 4.40 -1.08
N ARG A 81 2.98 5.51 -1.29
CA ARG A 81 2.72 6.00 -2.63
C ARG A 81 4.01 6.46 -3.31
N ARG A 82 4.94 6.99 -2.51
CA ARG A 82 6.21 7.44 -3.05
C ARG A 82 6.98 6.25 -3.63
N LEU A 83 6.94 5.14 -2.91
CA LEU A 83 7.60 3.90 -3.33
C LEU A 83 7.07 3.45 -4.69
N LEU A 84 5.75 3.45 -4.82
CA LEU A 84 5.10 3.05 -6.07
C LEU A 84 5.38 4.07 -7.17
N THR A 85 5.50 5.33 -6.81
CA THR A 85 5.78 6.39 -7.76
C THR A 85 7.21 6.27 -8.30
N ASP A 86 8.12 5.88 -7.43
CA ASP A 86 9.52 5.70 -7.80
C ASP A 86 9.66 4.48 -8.73
N ALA A 87 8.92 3.43 -8.41
CA ALA A 87 8.91 2.22 -9.24
C ALA A 87 8.25 2.50 -10.59
N GLY A 88 7.31 3.43 -10.61
CA GLY A 88 6.66 3.83 -11.85
C GLY A 88 5.30 3.18 -12.02
N LEU A 89 5.02 2.17 -11.22
CA LEU A 89 3.78 1.42 -11.33
C LEU A 89 2.60 2.15 -10.70
N ALA A 90 2.86 3.35 -10.18
CA ALA A 90 1.79 4.18 -9.63
C ALA A 90 0.99 4.80 -10.76
N HIS A 91 -0.06 4.11 -11.17
CA HIS A 91 -0.93 4.59 -12.24
C HIS A 91 -2.38 4.29 -11.91
N GLU A 92 -2.62 3.12 -11.35
CA GLU A 92 -3.96 2.66 -11.00
C GLU A 92 -4.37 3.13 -9.60
N LEU A 93 -3.84 4.27 -9.17
CA LEU A 93 -4.14 4.79 -7.82
C LEU A 93 -5.62 5.10 -7.69
N ARG A 94 -6.17 4.87 -6.50
CA ARG A 94 -7.58 5.12 -6.26
C ARG A 94 -7.75 5.98 -5.01
N SER A 95 -8.96 6.41 -4.73
CA SER A 95 -9.25 7.18 -3.52
C SER A 95 -10.67 6.90 -3.05
N ASP A 96 -10.79 6.42 -1.82
CA ASP A 96 -12.09 6.04 -1.29
C ASP A 96 -12.62 7.09 -0.32
N ASP A 97 -13.36 8.04 -0.87
CA ASP A 97 -13.99 9.09 -0.08
C ASP A 97 -15.08 9.78 -0.89
N MET A 1 -34.58 22.70 -9.59
CA MET A 1 -35.33 23.59 -8.65
C MET A 1 -35.40 22.98 -7.26
N GLY A 2 -35.55 21.67 -7.19
CA GLY A 2 -35.63 21.02 -5.90
C GLY A 2 -36.10 19.58 -5.98
N SER A 3 -35.33 18.69 -5.40
CA SER A 3 -35.71 17.29 -5.27
C SER A 3 -35.03 16.69 -4.04
N SER A 4 -35.62 16.92 -2.89
CA SER A 4 -34.99 16.55 -1.63
C SER A 4 -35.37 15.13 -1.22
N HIS A 5 -34.36 14.27 -1.13
CA HIS A 5 -34.54 12.90 -0.67
C HIS A 5 -33.37 12.53 0.24
N HIS A 6 -33.63 12.35 1.52
CA HIS A 6 -32.58 12.04 2.48
C HIS A 6 -33.13 11.28 3.67
N HIS A 7 -32.81 9.99 3.72
CA HIS A 7 -33.18 9.15 4.85
C HIS A 7 -32.18 8.03 5.07
N HIS A 8 -31.31 8.19 6.05
CA HIS A 8 -30.43 7.10 6.46
C HIS A 8 -30.30 7.10 7.98
N HIS A 9 -30.71 6.01 8.59
CA HIS A 9 -30.69 5.90 10.04
C HIS A 9 -30.39 4.46 10.47
N HIS A 10 -29.13 4.19 10.76
CA HIS A 10 -28.72 2.90 11.29
C HIS A 10 -27.80 3.14 12.48
N SER A 11 -28.29 3.93 13.42
CA SER A 11 -27.52 4.30 14.60
C SER A 11 -27.41 3.12 15.55
N SER A 12 -26.36 2.33 15.39
CA SER A 12 -26.13 1.17 16.22
C SER A 12 -24.78 1.27 16.93
N GLY A 13 -24.42 0.25 17.69
CA GLY A 13 -23.18 0.27 18.42
C GLY A 13 -23.40 0.48 19.90
N ARG A 14 -23.55 -0.62 20.62
CA ARG A 14 -23.72 -0.55 22.07
C ARG A 14 -22.38 -0.29 22.73
N GLU A 15 -21.48 -1.25 22.59
CA GLU A 15 -20.17 -1.19 23.22
C GLU A 15 -19.29 -2.34 22.72
N ASN A 16 -18.27 -1.97 21.96
CA ASN A 16 -17.35 -2.94 21.39
C ASN A 16 -16.11 -2.19 20.91
N LEU A 17 -14.95 -2.56 21.44
CA LEU A 17 -13.72 -1.85 21.11
C LEU A 17 -12.95 -2.56 20.02
N TYR A 18 -13.10 -2.05 18.80
CA TYR A 18 -12.36 -2.56 17.67
C TYR A 18 -11.56 -1.44 17.02
N PHE A 19 -10.29 -1.33 17.41
CA PHE A 19 -9.42 -0.32 16.86
C PHE A 19 -8.70 -0.90 15.64
N GLN A 20 -7.55 -1.55 15.89
CA GLN A 20 -6.82 -2.30 14.86
C GLN A 20 -6.25 -1.40 13.77
N GLY A 21 -7.14 -0.80 12.98
CA GLY A 21 -6.75 0.05 11.89
C GLY A 21 -7.80 0.07 10.81
N HIS A 22 -7.87 1.14 10.04
CA HIS A 22 -8.84 1.23 8.96
C HIS A 22 -8.11 1.14 7.64
N LEU A 23 -6.88 1.65 7.61
CA LEU A 23 -6.01 1.64 6.44
C LEU A 23 -6.57 2.53 5.33
N ARG A 24 -5.68 3.01 4.46
CA ARG A 24 -6.10 3.92 3.43
C ARG A 24 -5.91 3.30 2.06
N GLU A 25 -6.94 3.43 1.23
CA GLU A 25 -6.96 2.83 -0.08
C GLU A 25 -5.93 3.48 -0.98
N LEU A 26 -5.09 2.66 -1.57
CA LEU A 26 -3.98 3.13 -2.38
C LEU A 26 -4.26 2.89 -3.87
N LEU A 27 -4.48 1.64 -4.23
CA LEU A 27 -4.79 1.29 -5.62
C LEU A 27 -5.73 0.09 -5.65
N ARG A 28 -6.30 -0.19 -6.82
CA ARG A 28 -7.20 -1.33 -6.97
C ARG A 28 -7.11 -1.94 -8.36
N THR A 29 -7.23 -3.27 -8.42
CA THR A 29 -7.21 -4.00 -9.68
C THR A 29 -7.52 -5.47 -9.42
N ASN A 30 -7.87 -6.19 -10.48
CA ASN A 30 -8.14 -7.62 -10.38
C ASN A 30 -6.92 -8.41 -10.86
N ASP A 31 -5.93 -7.69 -11.35
CA ASP A 31 -4.73 -8.31 -11.90
C ASP A 31 -3.83 -8.82 -10.79
N ALA A 32 -3.61 -10.12 -10.76
CA ALA A 32 -2.82 -10.75 -9.71
C ALA A 32 -1.34 -10.48 -9.90
N VAL A 33 -0.89 -10.49 -11.14
CA VAL A 33 0.52 -10.29 -11.44
C VAL A 33 0.97 -8.90 -11.01
N LEU A 34 0.18 -7.90 -11.35
CA LEU A 34 0.46 -6.53 -10.99
C LEU A 34 0.51 -6.36 -9.48
N LEU A 35 -0.41 -7.03 -8.79
CA LEU A 35 -0.52 -6.94 -7.34
C LEU A 35 0.63 -7.66 -6.65
N SER A 36 1.22 -8.64 -7.33
CA SER A 36 2.38 -9.34 -6.78
C SER A 36 3.62 -8.48 -6.87
N ALA A 37 3.64 -7.58 -7.86
CA ALA A 37 4.75 -6.65 -8.02
C ALA A 37 4.66 -5.53 -6.98
N VAL A 38 3.51 -4.85 -6.94
CA VAL A 38 3.30 -3.75 -5.99
C VAL A 38 3.33 -4.26 -4.54
N GLY A 39 2.81 -5.47 -4.34
CA GLY A 39 2.78 -6.05 -3.01
C GLY A 39 4.17 -6.22 -2.44
N ALA A 40 5.13 -6.61 -3.29
CA ALA A 40 6.51 -6.80 -2.87
C ALA A 40 7.14 -5.50 -2.42
N LEU A 41 6.68 -4.39 -3.01
CA LEU A 41 7.17 -3.07 -2.65
C LEU A 41 6.69 -2.70 -1.26
N LEU A 42 5.40 -2.88 -1.02
CA LEU A 42 4.81 -2.59 0.28
C LEU A 42 5.34 -3.55 1.34
N ASP A 43 5.59 -4.78 0.94
CA ASP A 43 6.18 -5.79 1.81
C ASP A 43 7.61 -5.41 2.19
N GLY A 44 8.41 -5.13 1.16
CA GLY A 44 9.83 -4.89 1.36
C GLY A 44 10.13 -3.61 2.12
N ALA A 45 9.24 -2.64 2.04
CA ALA A 45 9.45 -1.35 2.69
C ALA A 45 8.84 -1.31 4.08
N ASP A 46 8.37 -2.47 4.56
CA ASP A 46 7.80 -2.60 5.91
C ASP A 46 6.57 -1.71 6.05
N ILE A 47 5.88 -1.49 4.94
CA ILE A 47 4.69 -0.66 4.94
C ILE A 47 3.47 -1.48 5.34
N GLY A 48 3.35 -2.63 4.72
CA GLY A 48 2.21 -3.49 4.96
C GLY A 48 1.12 -3.25 3.93
N HIS A 49 0.08 -4.07 3.95
CA HIS A 49 -1.01 -3.96 2.99
C HIS A 49 -2.19 -4.84 3.37
N LEU A 50 -3.39 -4.33 3.15
CA LEU A 50 -4.59 -5.13 3.32
C LEU A 50 -5.01 -5.66 1.96
N VAL A 51 -4.71 -6.93 1.71
CA VAL A 51 -5.04 -7.57 0.45
C VAL A 51 -5.73 -8.91 0.70
N LEU A 52 -6.41 -9.40 -0.33
CA LEU A 52 -7.14 -10.68 -0.26
C LEU A 52 -8.36 -10.58 0.65
N ASP A 53 -9.18 -11.62 0.62
CA ASP A 53 -10.41 -11.65 1.42
C ASP A 53 -11.04 -13.04 1.37
N GLN A 54 -11.11 -13.62 0.17
CA GLN A 54 -11.74 -14.93 -0.01
C GLN A 54 -11.05 -15.98 0.86
N ASN A 55 -9.73 -16.11 0.69
CA ASN A 55 -8.90 -17.05 1.47
C ASN A 55 -9.14 -18.50 1.05
N MET A 56 -10.39 -18.86 0.80
CA MET A 56 -10.75 -20.21 0.38
C MET A 56 -10.34 -20.43 -1.08
N SER A 57 -10.40 -21.69 -1.52
CA SER A 57 -10.13 -22.03 -2.90
C SER A 57 -11.31 -21.64 -3.78
N ILE A 58 -11.10 -21.60 -5.09
CA ILE A 58 -12.17 -21.24 -6.01
C ILE A 58 -13.16 -22.40 -6.14
N LEU A 59 -14.31 -22.24 -5.49
CA LEU A 59 -15.36 -23.24 -5.51
C LEU A 59 -16.50 -22.75 -6.38
N GLU A 60 -16.91 -23.58 -7.34
CA GLU A 60 -17.99 -23.21 -8.25
C GLU A 60 -19.29 -22.96 -7.48
N GLY A 61 -19.84 -21.78 -7.66
CA GLY A 61 -20.98 -21.37 -6.88
C GLY A 61 -20.74 -20.01 -6.26
N SER A 62 -19.47 -19.75 -5.93
CA SER A 62 -19.05 -18.44 -5.49
C SER A 62 -18.29 -17.76 -6.61
N LEU A 63 -18.94 -16.81 -7.27
CA LEU A 63 -18.35 -16.13 -8.40
C LEU A 63 -17.50 -14.97 -7.94
N GLY A 64 -16.26 -15.26 -7.60
CA GLY A 64 -15.37 -14.26 -7.08
C GLY A 64 -14.09 -14.15 -7.86
N VAL A 65 -13.94 -13.05 -8.59
CA VAL A 65 -12.68 -12.71 -9.23
C VAL A 65 -11.82 -11.94 -8.22
N ILE A 66 -12.52 -11.46 -7.19
CA ILE A 66 -11.92 -10.66 -6.12
C ILE A 66 -11.26 -9.40 -6.69
N PRO A 67 -12.04 -8.33 -6.88
CA PRO A 67 -11.49 -7.02 -7.26
C PRO A 67 -10.71 -6.43 -6.11
N ARG A 68 -9.41 -6.72 -6.09
CA ARG A 68 -8.58 -6.39 -4.95
C ARG A 68 -8.23 -4.92 -4.90
N ARG A 69 -8.52 -4.34 -3.75
CA ARG A 69 -8.14 -2.97 -3.46
C ARG A 69 -7.10 -2.99 -2.36
N VAL A 70 -6.01 -2.27 -2.56
CA VAL A 70 -4.89 -2.34 -1.66
C VAL A 70 -4.88 -1.14 -0.73
N LEU A 71 -5.13 -1.41 0.54
CA LEU A 71 -5.04 -0.39 1.56
C LEU A 71 -3.74 -0.55 2.34
N VAL A 72 -3.12 0.55 2.73
CA VAL A 72 -1.81 0.49 3.35
C VAL A 72 -1.84 1.10 4.74
N HIS A 73 -0.71 0.97 5.42
CA HIS A 73 -0.55 1.49 6.76
C HIS A 73 -0.81 3.00 6.79
N GLU A 74 -1.77 3.39 7.62
CA GLU A 74 -2.09 4.80 7.78
C GLU A 74 -0.89 5.52 8.36
N ASP A 75 -0.79 6.83 8.10
CA ASP A 75 0.37 7.65 8.47
C ASP A 75 1.54 7.43 7.50
N ASP A 76 1.48 6.36 6.72
CA ASP A 76 2.55 6.03 5.79
C ASP A 76 2.14 6.37 4.37
N LEU A 77 1.10 7.18 4.25
CA LEU A 77 0.56 7.54 2.95
C LEU A 77 1.59 8.26 2.09
N ALA A 78 2.25 9.27 2.66
CA ALA A 78 3.24 10.03 1.90
C ALA A 78 4.44 9.16 1.52
N GLY A 79 4.64 8.08 2.26
CA GLY A 79 5.75 7.19 1.99
C GLY A 79 5.44 6.17 0.92
N ALA A 80 4.37 5.40 1.14
CA ALA A 80 3.98 4.33 0.24
C ALA A 80 3.65 4.86 -1.16
N ARG A 81 2.90 5.95 -1.22
CA ARG A 81 2.51 6.53 -2.50
C ARG A 81 3.74 6.99 -3.27
N ARG A 82 4.72 7.52 -2.54
CA ARG A 82 5.95 7.99 -3.15
C ARG A 82 6.76 6.82 -3.70
N LEU A 83 6.86 5.75 -2.92
CA LEU A 83 7.62 4.57 -3.32
C LEU A 83 7.12 4.03 -4.65
N LEU A 84 5.81 3.84 -4.76
CA LEU A 84 5.20 3.29 -5.96
C LEU A 84 5.32 4.25 -7.13
N THR A 85 5.38 5.54 -6.84
CA THR A 85 5.48 6.56 -7.89
C THR A 85 6.92 6.70 -8.39
N ASP A 86 7.87 6.64 -7.47
CA ASP A 86 9.27 6.83 -7.80
C ASP A 86 9.83 5.61 -8.52
N ALA A 87 9.48 4.43 -8.03
CA ALA A 87 9.96 3.19 -8.61
C ALA A 87 9.01 2.05 -8.32
N GLY A 88 7.99 1.95 -9.15
CA GLY A 88 7.00 0.91 -8.95
C GLY A 88 6.05 0.79 -10.12
N LEU A 89 4.90 1.44 -10.02
CA LEU A 89 3.83 1.29 -11.00
C LEU A 89 2.67 2.24 -10.69
N ALA A 90 2.99 3.50 -10.46
CA ALA A 90 1.98 4.48 -10.09
C ALA A 90 1.03 4.78 -11.26
N HIS A 91 -0.08 4.07 -11.30
CA HIS A 91 -1.11 4.31 -12.31
C HIS A 91 -2.48 3.94 -11.75
N GLU A 92 -2.56 2.77 -11.16
CA GLU A 92 -3.81 2.26 -10.60
C GLU A 92 -4.14 2.94 -9.28
N LEU A 93 -3.28 3.86 -8.86
CA LEU A 93 -3.47 4.60 -7.62
C LEU A 93 -4.67 5.52 -7.73
N ARG A 94 -5.44 5.61 -6.66
CA ARG A 94 -6.56 6.54 -6.62
C ARG A 94 -6.22 7.76 -5.77
N SER A 95 -6.64 8.92 -6.23
CA SER A 95 -6.49 10.14 -5.45
C SER A 95 -7.48 10.12 -4.29
N ASP A 96 -7.24 10.95 -3.29
CA ASP A 96 -8.05 10.97 -2.08
C ASP A 96 -9.35 11.74 -2.33
N ASP A 97 -10.06 11.36 -3.37
CA ASP A 97 -11.31 12.01 -3.75
C ASP A 97 -12.23 11.00 -4.40
N MET A 1 11.20 -24.53 24.70
CA MET A 1 11.39 -23.24 23.99
C MET A 1 12.13 -23.48 22.69
N GLY A 2 12.25 -22.43 21.88
CA GLY A 2 12.94 -22.56 20.61
C GLY A 2 12.86 -21.30 19.78
N SER A 3 11.64 -20.93 19.40
CA SER A 3 11.42 -19.72 18.63
C SER A 3 10.82 -18.62 19.51
N SER A 4 11.67 -17.69 19.92
CA SER A 4 11.23 -16.56 20.73
C SER A 4 11.57 -15.26 20.02
N HIS A 5 10.55 -14.59 19.51
CA HIS A 5 10.76 -13.35 18.77
C HIS A 5 10.16 -12.16 19.52
N HIS A 6 10.99 -11.15 19.71
CA HIS A 6 10.56 -9.91 20.33
C HIS A 6 11.54 -8.80 19.91
N HIS A 7 11.18 -8.12 18.84
CA HIS A 7 12.06 -7.12 18.24
C HIS A 7 11.24 -6.01 17.62
N HIS A 8 11.84 -4.83 17.50
CA HIS A 8 11.13 -3.66 16.98
C HIS A 8 12.11 -2.65 16.40
N HIS A 9 11.72 -2.01 15.32
CA HIS A 9 12.52 -0.98 14.70
C HIS A 9 11.62 0.16 14.24
N HIS A 10 11.42 1.14 15.10
CA HIS A 10 10.57 2.27 14.77
C HIS A 10 11.16 3.55 15.33
N SER A 11 11.65 4.39 14.45
CA SER A 11 12.14 5.71 14.83
C SER A 11 10.95 6.67 14.93
N SER A 12 11.23 7.94 15.17
CA SER A 12 10.18 8.93 15.30
C SER A 12 9.73 9.40 13.92
N GLY A 13 8.92 8.58 13.27
CA GLY A 13 8.41 8.92 11.96
C GLY A 13 6.91 9.04 11.94
N ARG A 14 6.41 10.10 11.32
CA ARG A 14 4.98 10.34 11.23
C ARG A 14 4.69 11.39 10.16
N GLU A 15 3.82 11.03 9.24
CA GLU A 15 3.41 11.96 8.20
C GLU A 15 1.93 11.75 7.90
N ASN A 16 1.09 12.20 8.81
CA ASN A 16 -0.35 12.12 8.61
C ASN A 16 -1.07 13.20 9.42
N LEU A 17 -1.51 14.23 8.72
CA LEU A 17 -2.38 15.24 9.31
C LEU A 17 -3.83 14.90 9.05
N TYR A 18 -4.01 13.84 8.27
CA TYR A 18 -5.34 13.33 7.95
C TYR A 18 -5.50 11.93 8.50
N PHE A 19 -6.32 11.81 9.54
CA PHE A 19 -6.61 10.51 10.13
C PHE A 19 -7.82 9.89 9.45
N GLN A 20 -7.68 8.65 9.01
CA GLN A 20 -8.75 7.94 8.33
C GLN A 20 -9.50 7.08 9.32
N GLY A 21 -8.74 6.31 10.10
CA GLY A 21 -9.33 5.44 11.08
C GLY A 21 -8.50 4.18 11.29
N HIS A 22 -8.31 3.43 10.22
CA HIS A 22 -7.53 2.19 10.28
C HIS A 22 -6.75 1.95 9.00
N LEU A 23 -7.45 1.94 7.88
CA LEU A 23 -6.85 1.63 6.59
C LEU A 23 -7.29 2.64 5.53
N ARG A 24 -6.47 2.85 4.51
CA ARG A 24 -6.85 3.69 3.39
C ARG A 24 -6.67 2.93 2.09
N GLU A 25 -7.66 3.04 1.21
CA GLU A 25 -7.60 2.40 -0.10
C GLU A 25 -6.54 3.09 -0.97
N LEU A 26 -5.45 2.38 -1.23
CA LEU A 26 -4.31 2.95 -1.92
C LEU A 26 -4.45 2.79 -3.43
N LEU A 27 -4.71 1.57 -3.88
CA LEU A 27 -4.88 1.30 -5.31
C LEU A 27 -5.80 0.10 -5.51
N ARG A 28 -6.54 0.11 -6.61
CA ARG A 28 -7.48 -0.96 -6.91
C ARG A 28 -7.43 -1.30 -8.39
N THR A 29 -7.44 -2.58 -8.70
CA THR A 29 -7.38 -3.05 -10.06
C THR A 29 -8.00 -4.46 -10.17
N ASN A 30 -7.94 -5.05 -11.35
CA ASN A 30 -8.48 -6.40 -11.56
C ASN A 30 -7.36 -7.41 -11.70
N ASP A 31 -6.13 -6.92 -11.67
CA ASP A 31 -4.96 -7.78 -11.87
C ASP A 31 -4.21 -8.00 -10.57
N ALA A 32 -3.85 -9.25 -10.32
CA ALA A 32 -3.12 -9.60 -9.11
C ALA A 32 -1.62 -9.60 -9.35
N VAL A 33 -1.22 -9.65 -10.63
CA VAL A 33 0.19 -9.67 -10.99
C VAL A 33 0.87 -8.37 -10.58
N LEU A 34 0.30 -7.24 -11.01
CA LEU A 34 0.85 -5.94 -10.68
C LEU A 34 0.78 -5.69 -9.18
N LEU A 35 -0.26 -6.20 -8.54
CA LEU A 35 -0.42 -6.04 -7.10
C LEU A 35 0.66 -6.81 -6.35
N SER A 36 1.09 -7.93 -6.91
CA SER A 36 2.15 -8.72 -6.29
C SER A 36 3.48 -7.96 -6.31
N ALA A 37 3.63 -7.09 -7.30
CA ALA A 37 4.80 -6.22 -7.39
C ALA A 37 4.70 -5.12 -6.36
N VAL A 38 3.49 -4.56 -6.22
CA VAL A 38 3.21 -3.53 -5.23
C VAL A 38 3.40 -4.08 -3.81
N GLY A 39 2.86 -5.27 -3.58
CA GLY A 39 2.98 -5.91 -2.29
C GLY A 39 4.42 -6.14 -1.88
N ALA A 40 5.24 -6.55 -2.84
CA ALA A 40 6.66 -6.79 -2.60
C ALA A 40 7.37 -5.51 -2.18
N LEU A 41 6.92 -4.38 -2.71
CA LEU A 41 7.48 -3.09 -2.36
C LEU A 41 7.13 -2.73 -0.92
N LEU A 42 5.84 -2.81 -0.61
CA LEU A 42 5.35 -2.48 0.73
C LEU A 42 5.93 -3.43 1.77
N ASP A 43 5.88 -4.73 1.47
CA ASP A 43 6.33 -5.75 2.41
C ASP A 43 7.85 -5.65 2.60
N GLY A 44 8.54 -5.17 1.57
CA GLY A 44 9.97 -4.99 1.65
C GLY A 44 10.36 -3.87 2.60
N ALA A 45 9.48 -2.90 2.75
CA ALA A 45 9.70 -1.78 3.66
C ALA A 45 9.02 -2.03 4.99
N ASP A 46 8.57 -3.26 5.20
CA ASP A 46 7.92 -3.70 6.43
C ASP A 46 6.56 -3.00 6.60
N ILE A 47 6.03 -2.49 5.50
CA ILE A 47 4.73 -1.82 5.52
C ILE A 47 3.62 -2.86 5.39
N GLY A 48 2.84 -3.01 6.45
CA GLY A 48 1.74 -3.95 6.45
C GLY A 48 0.71 -3.63 5.39
N HIS A 49 0.49 -4.57 4.49
CA HIS A 49 -0.50 -4.38 3.43
C HIS A 49 -1.71 -5.29 3.65
N LEU A 50 -2.89 -4.72 3.46
CA LEU A 50 -4.12 -5.49 3.55
C LEU A 50 -4.51 -5.98 2.17
N VAL A 51 -4.10 -7.21 1.85
CA VAL A 51 -4.39 -7.81 0.56
C VAL A 51 -5.03 -9.18 0.74
N LEU A 52 -6.33 -9.27 0.51
CA LEU A 52 -7.04 -10.54 0.62
C LEU A 52 -7.34 -11.06 -0.78
N ASP A 53 -6.75 -12.19 -1.15
CA ASP A 53 -6.98 -12.75 -2.47
C ASP A 53 -8.19 -13.67 -2.45
N GLN A 54 -9.11 -13.44 -3.36
CA GLN A 54 -10.33 -14.22 -3.44
C GLN A 54 -10.33 -15.06 -4.71
N ASN A 55 -9.87 -16.30 -4.58
CA ASN A 55 -9.74 -17.19 -5.73
C ASN A 55 -10.50 -18.48 -5.51
N MET A 56 -11.46 -18.74 -6.38
CA MET A 56 -12.19 -19.99 -6.36
C MET A 56 -11.53 -20.98 -7.31
N SER A 57 -11.53 -20.62 -8.59
CA SER A 57 -10.92 -21.42 -9.63
C SER A 57 -10.69 -20.54 -10.86
N ILE A 58 -9.59 -20.77 -11.56
CA ILE A 58 -9.30 -19.98 -12.76
C ILE A 58 -10.19 -20.42 -13.92
N LEU A 59 -11.38 -19.85 -13.97
CA LEU A 59 -12.34 -20.16 -15.01
C LEU A 59 -12.55 -18.94 -15.90
N GLU A 60 -11.96 -18.99 -17.09
CA GLU A 60 -12.06 -17.91 -18.08
C GLU A 60 -11.61 -16.57 -17.50
N GLY A 61 -10.30 -16.40 -17.44
CA GLY A 61 -9.74 -15.21 -16.83
C GLY A 61 -9.58 -14.06 -17.82
N SER A 62 -10.51 -13.97 -18.75
CA SER A 62 -10.49 -12.92 -19.77
C SER A 62 -11.57 -11.89 -19.48
N LEU A 63 -11.98 -11.83 -18.22
CA LEU A 63 -13.00 -10.90 -17.77
C LEU A 63 -12.54 -10.22 -16.48
N GLY A 64 -12.86 -8.95 -16.32
CA GLY A 64 -12.47 -8.21 -15.13
C GLY A 64 -13.25 -8.65 -13.90
N VAL A 65 -12.87 -9.77 -13.34
CA VAL A 65 -13.53 -10.31 -12.15
C VAL A 65 -12.67 -10.06 -10.91
N ILE A 66 -13.33 -9.84 -9.78
CA ILE A 66 -12.68 -9.64 -8.49
C ILE A 66 -11.94 -8.30 -8.42
N PRO A 67 -12.58 -7.29 -7.84
CA PRO A 67 -11.97 -5.97 -7.65
C PRO A 67 -10.96 -6.00 -6.50
N ARG A 68 -9.70 -6.15 -6.83
CA ARG A 68 -8.66 -6.25 -5.83
C ARG A 68 -8.05 -4.90 -5.53
N ARG A 69 -7.85 -4.63 -4.24
CA ARG A 69 -7.30 -3.36 -3.79
C ARG A 69 -6.41 -3.56 -2.57
N VAL A 70 -5.37 -2.76 -2.49
CA VAL A 70 -4.44 -2.83 -1.37
C VAL A 70 -4.64 -1.64 -0.43
N LEU A 71 -4.82 -1.94 0.85
CA LEU A 71 -5.00 -0.90 1.84
C LEU A 71 -3.81 -0.88 2.80
N VAL A 72 -3.34 0.32 3.12
CA VAL A 72 -2.23 0.48 4.06
C VAL A 72 -2.72 0.96 5.42
N HIS A 73 -1.90 0.77 6.45
CA HIS A 73 -2.29 1.11 7.81
C HIS A 73 -2.05 2.59 8.12
N GLU A 74 -2.35 3.44 7.15
CA GLU A 74 -2.26 4.91 7.29
C GLU A 74 -0.80 5.38 7.41
N ASP A 75 -0.66 6.68 7.69
CA ASP A 75 0.63 7.34 7.91
C ASP A 75 1.48 7.42 6.64
N ASP A 76 2.00 6.28 6.18
CA ASP A 76 2.89 6.25 5.03
C ASP A 76 2.13 6.30 3.72
N LEU A 77 1.08 7.12 3.67
CA LEU A 77 0.32 7.31 2.44
C LEU A 77 1.21 7.96 1.39
N ALA A 78 1.88 9.04 1.78
CA ALA A 78 2.77 9.75 0.88
C ALA A 78 4.03 8.91 0.64
N GLY A 79 4.43 8.17 1.66
CA GLY A 79 5.61 7.31 1.53
C GLY A 79 5.42 6.24 0.48
N ALA A 80 4.33 5.50 0.60
CA ALA A 80 4.03 4.43 -0.35
C ALA A 80 3.76 4.99 -1.73
N ARG A 81 2.97 6.06 -1.81
CA ARG A 81 2.64 6.67 -3.10
C ARG A 81 3.88 7.08 -3.86
N ARG A 82 4.80 7.78 -3.19
CA ARG A 82 6.04 8.21 -3.84
C ARG A 82 6.93 7.02 -4.18
N LEU A 83 6.94 6.01 -3.31
CA LEU A 83 7.71 4.81 -3.55
C LEU A 83 7.23 4.10 -4.82
N LEU A 84 5.93 3.88 -4.90
CA LEU A 84 5.33 3.23 -6.06
C LEU A 84 5.48 4.08 -7.32
N THR A 85 5.45 5.40 -7.15
CA THR A 85 5.63 6.32 -8.26
C THR A 85 7.05 6.23 -8.82
N ASP A 86 8.02 6.20 -7.91
CA ASP A 86 9.43 6.11 -8.30
C ASP A 86 9.72 4.75 -8.94
N ALA A 87 9.05 3.72 -8.42
CA ALA A 87 9.18 2.37 -8.96
C ALA A 87 8.76 2.32 -10.42
N GLY A 88 7.64 2.95 -10.75
CA GLY A 88 7.23 3.03 -12.13
C GLY A 88 5.80 2.57 -12.37
N LEU A 89 5.23 1.89 -11.39
CA LEU A 89 3.89 1.31 -11.56
C LEU A 89 2.79 2.23 -11.02
N ALA A 90 3.11 3.51 -10.86
CA ALA A 90 2.13 4.49 -10.42
C ALA A 90 1.07 4.70 -11.50
N HIS A 91 0.07 3.84 -11.51
CA HIS A 91 -1.00 3.92 -12.50
C HIS A 91 -2.31 3.48 -11.88
N GLU A 92 -2.29 2.34 -11.19
CA GLU A 92 -3.48 1.81 -10.57
C GLU A 92 -3.77 2.51 -9.24
N LEU A 93 -2.83 3.35 -8.82
CA LEU A 93 -2.97 4.12 -7.59
C LEU A 93 -4.08 5.16 -7.75
N ARG A 94 -4.93 5.26 -6.74
CA ARG A 94 -6.07 6.17 -6.81
C ARG A 94 -6.16 7.01 -5.55
N SER A 95 -5.93 8.31 -5.69
CA SER A 95 -6.08 9.23 -4.57
C SER A 95 -7.16 10.26 -4.91
N ASP A 96 -8.31 10.13 -4.26
CA ASP A 96 -9.44 11.02 -4.52
C ASP A 96 -9.22 12.38 -3.85
N ASP A 97 -9.45 13.44 -4.62
CA ASP A 97 -9.23 14.81 -4.15
C ASP A 97 -7.74 15.08 -3.99
N MET A 1 36.06 32.32 30.28
CA MET A 1 36.25 30.92 30.73
C MET A 1 35.51 29.96 29.82
N GLY A 2 36.25 29.11 29.13
CA GLY A 2 35.65 28.16 28.22
C GLY A 2 35.63 28.69 26.81
N SER A 3 36.70 28.40 26.07
CA SER A 3 36.82 28.88 24.70
C SER A 3 35.84 28.15 23.79
N SER A 4 34.78 28.86 23.41
CA SER A 4 33.74 28.28 22.59
C SER A 4 33.59 29.04 21.28
N HIS A 5 33.60 28.30 20.19
CA HIS A 5 33.35 28.86 18.87
C HIS A 5 32.65 27.83 17.99
N HIS A 6 32.04 26.87 18.66
CA HIS A 6 31.31 25.80 17.97
C HIS A 6 29.81 25.96 18.18
N HIS A 7 29.09 26.18 17.10
CA HIS A 7 27.64 26.15 17.12
C HIS A 7 27.15 25.31 15.95
N HIS A 8 26.48 24.21 16.27
CA HIS A 8 26.15 23.20 15.27
C HIS A 8 24.77 22.61 15.54
N HIS A 9 23.91 22.64 14.51
CA HIS A 9 22.60 22.00 14.57
C HIS A 9 21.89 22.14 13.23
N HIS A 10 20.98 21.22 12.96
CA HIS A 10 20.15 21.28 11.76
C HIS A 10 18.84 20.57 12.01
N SER A 11 17.87 21.30 12.51
CA SER A 11 16.59 20.72 12.88
C SER A 11 15.76 20.40 11.65
N SER A 12 15.03 19.30 11.71
CA SER A 12 14.16 18.90 10.62
C SER A 12 12.90 18.23 11.17
N GLY A 13 11.84 19.02 11.30
CA GLY A 13 10.58 18.51 11.82
C GLY A 13 9.50 19.57 11.82
N ARG A 14 8.36 19.25 11.22
CA ARG A 14 7.24 20.18 11.18
C ARG A 14 5.92 19.43 11.13
N GLU A 15 5.94 18.25 10.51
CA GLU A 15 4.74 17.42 10.41
C GLU A 15 4.58 16.60 11.68
N ASN A 16 3.42 16.72 12.30
CA ASN A 16 3.13 16.01 13.54
C ASN A 16 1.65 15.68 13.65
N LEU A 17 1.18 14.82 12.76
CA LEU A 17 -0.21 14.41 12.74
C LEU A 17 -0.38 13.06 13.42
N TYR A 18 -1.10 13.04 14.53
CA TYR A 18 -1.33 11.80 15.25
C TYR A 18 -2.39 10.96 14.56
N PHE A 19 -1.97 10.24 13.54
CA PHE A 19 -2.85 9.34 12.80
C PHE A 19 -2.16 8.00 12.58
N GLN A 20 -2.23 7.13 13.57
CA GLN A 20 -1.66 5.80 13.46
C GLN A 20 -2.73 4.82 12.99
N GLY A 21 -3.98 5.22 13.12
CA GLY A 21 -5.08 4.40 12.66
C GLY A 21 -5.65 4.94 11.37
N HIS A 22 -6.77 4.38 10.92
CA HIS A 22 -7.44 4.82 9.69
C HIS A 22 -6.65 4.38 8.46
N LEU A 23 -7.30 3.60 7.60
CA LEU A 23 -6.65 3.11 6.40
C LEU A 23 -7.28 3.73 5.16
N ARG A 24 -6.48 3.96 4.15
CA ARG A 24 -6.98 4.45 2.88
C ARG A 24 -6.80 3.40 1.80
N GLU A 25 -7.75 3.34 0.89
CA GLU A 25 -7.62 2.49 -0.27
C GLU A 25 -6.68 3.17 -1.25
N LEU A 26 -5.50 2.60 -1.41
CA LEU A 26 -4.44 3.22 -2.20
C LEU A 26 -4.69 2.99 -3.68
N LEU A 27 -4.88 1.73 -4.04
CA LEU A 27 -5.11 1.35 -5.42
C LEU A 27 -5.93 0.08 -5.46
N ARG A 28 -6.72 -0.08 -6.51
CA ARG A 28 -7.48 -1.30 -6.71
C ARG A 28 -7.33 -1.79 -8.13
N THR A 29 -6.84 -3.02 -8.26
CA THR A 29 -6.53 -3.59 -9.56
C THR A 29 -7.38 -4.86 -9.80
N ASN A 30 -7.36 -5.35 -11.03
CA ASN A 30 -8.00 -6.60 -11.35
C ASN A 30 -6.97 -7.60 -11.84
N ASP A 31 -5.70 -7.21 -11.71
CA ASP A 31 -4.58 -8.04 -12.14
C ASP A 31 -3.89 -8.65 -10.92
N ALA A 32 -3.44 -9.89 -11.06
CA ALA A 32 -2.84 -10.62 -9.94
C ALA A 32 -1.32 -10.50 -9.95
N VAL A 33 -0.75 -10.25 -11.12
CA VAL A 33 0.71 -10.19 -11.28
C VAL A 33 1.23 -8.85 -10.75
N LEU A 34 0.45 -7.80 -10.98
CA LEU A 34 0.78 -6.48 -10.46
C LEU A 34 0.82 -6.50 -8.94
N LEU A 35 -0.04 -7.31 -8.34
CA LEU A 35 -0.09 -7.46 -6.89
C LEU A 35 1.22 -8.04 -6.36
N SER A 36 1.81 -8.94 -7.14
CA SER A 36 3.08 -9.54 -6.76
C SER A 36 4.21 -8.51 -6.80
N ALA A 37 4.05 -7.51 -7.64
CA ALA A 37 5.04 -6.45 -7.78
C ALA A 37 4.90 -5.41 -6.68
N VAL A 38 3.68 -4.91 -6.49
CA VAL A 38 3.41 -3.91 -5.47
C VAL A 38 3.61 -4.51 -4.07
N GLY A 39 3.30 -5.78 -3.92
CA GLY A 39 3.45 -6.45 -2.64
C GLY A 39 4.89 -6.52 -2.18
N ALA A 40 5.78 -6.93 -3.09
CA ALA A 40 7.20 -7.04 -2.78
C ALA A 40 7.80 -5.69 -2.40
N LEU A 41 7.18 -4.62 -2.89
CA LEU A 41 7.62 -3.28 -2.56
C LEU A 41 7.20 -2.92 -1.14
N LEU A 42 5.91 -3.10 -0.86
CA LEU A 42 5.35 -2.77 0.44
C LEU A 42 5.96 -3.65 1.53
N ASP A 43 5.99 -4.96 1.29
CA ASP A 43 6.54 -5.91 2.26
C ASP A 43 8.02 -5.66 2.49
N GLY A 44 8.69 -5.12 1.47
CA GLY A 44 10.11 -4.82 1.60
C GLY A 44 10.37 -3.62 2.48
N ALA A 45 9.35 -2.80 2.68
CA ALA A 45 9.52 -1.57 3.45
C ALA A 45 8.71 -1.61 4.75
N ASP A 46 8.27 -2.81 5.14
CA ASP A 46 7.54 -3.03 6.40
C ASP A 46 6.12 -2.46 6.33
N ILE A 47 5.72 -2.01 5.15
CA ILE A 47 4.42 -1.38 4.95
C ILE A 47 3.30 -2.40 5.06
N GLY A 48 2.50 -2.26 6.11
CA GLY A 48 1.35 -3.14 6.30
C GLY A 48 0.32 -2.94 5.21
N HIS A 49 -0.13 -4.05 4.63
CA HIS A 49 -1.09 -3.99 3.53
C HIS A 49 -2.15 -5.07 3.70
N LEU A 50 -3.36 -4.77 3.25
CA LEU A 50 -4.44 -5.74 3.28
C LEU A 50 -4.37 -6.66 2.06
N VAL A 51 -4.58 -6.10 0.88
CA VAL A 51 -4.61 -6.85 -0.38
C VAL A 51 -5.77 -7.83 -0.37
N LEU A 52 -6.95 -7.30 -0.66
CA LEU A 52 -8.20 -8.05 -0.69
C LEU A 52 -9.27 -7.12 -1.25
N ASP A 53 -10.53 -7.50 -1.12
CA ASP A 53 -11.63 -6.61 -1.51
C ASP A 53 -12.94 -7.17 -0.97
N GLN A 54 -13.50 -8.10 -1.70
CA GLN A 54 -14.69 -8.80 -1.26
C GLN A 54 -14.27 -10.18 -0.79
N ASN A 55 -14.28 -10.39 0.52
CA ASN A 55 -13.89 -11.67 1.09
C ASN A 55 -14.98 -12.69 0.84
N MET A 56 -14.63 -13.78 0.16
CA MET A 56 -15.58 -14.85 -0.12
C MET A 56 -16.28 -15.30 1.16
N SER A 57 -17.57 -15.03 1.22
CA SER A 57 -18.33 -15.23 2.44
C SER A 57 -19.29 -16.41 2.33
N ILE A 58 -20.22 -16.34 1.39
CA ILE A 58 -21.29 -17.31 1.30
C ILE A 58 -20.95 -18.42 0.32
N LEU A 59 -21.00 -18.12 -0.97
CA LEU A 59 -20.87 -19.14 -1.99
C LEU A 59 -19.70 -18.84 -2.94
N GLU A 60 -19.69 -17.65 -3.50
CA GLU A 60 -18.72 -17.32 -4.53
C GLU A 60 -17.68 -16.33 -4.02
N GLY A 61 -16.56 -16.30 -4.71
CA GLY A 61 -15.47 -15.42 -4.37
C GLY A 61 -14.17 -15.86 -5.00
N SER A 62 -14.27 -16.77 -5.97
CA SER A 62 -13.08 -17.32 -6.61
C SER A 62 -13.26 -17.48 -8.12
N LEU A 63 -14.45 -17.90 -8.56
CA LEU A 63 -14.70 -18.15 -9.97
C LEU A 63 -14.81 -16.84 -10.76
N GLY A 64 -15.51 -15.87 -10.18
CA GLY A 64 -15.67 -14.58 -10.83
C GLY A 64 -14.42 -13.73 -10.72
N VAL A 65 -14.50 -12.53 -11.26
CA VAL A 65 -13.38 -11.61 -11.24
C VAL A 65 -13.53 -10.64 -10.08
N ILE A 66 -12.93 -10.99 -8.95
CA ILE A 66 -12.96 -10.13 -7.78
C ILE A 66 -11.74 -9.22 -7.78
N PRO A 67 -11.96 -7.90 -7.81
CA PRO A 67 -10.87 -6.91 -7.80
C PRO A 67 -10.07 -6.96 -6.50
N ARG A 68 -8.93 -6.30 -6.49
CA ARG A 68 -8.06 -6.32 -5.32
C ARG A 68 -7.67 -4.91 -4.94
N ARG A 69 -7.96 -4.52 -3.70
CA ARG A 69 -7.64 -3.19 -3.21
C ARG A 69 -6.58 -3.27 -2.13
N VAL A 70 -5.61 -2.38 -2.20
CA VAL A 70 -4.55 -2.33 -1.22
C VAL A 70 -4.73 -1.12 -0.30
N LEU A 71 -5.04 -1.39 0.96
CA LEU A 71 -5.19 -0.33 1.95
C LEU A 71 -3.98 -0.28 2.86
N VAL A 72 -3.55 0.93 3.19
CA VAL A 72 -2.44 1.14 4.11
C VAL A 72 -2.83 2.16 5.18
N HIS A 73 -2.01 2.27 6.20
CA HIS A 73 -2.25 3.22 7.29
C HIS A 73 -1.77 4.62 6.90
N GLU A 74 -2.24 5.63 7.65
CA GLU A 74 -1.77 7.00 7.46
C GLU A 74 -0.26 7.08 7.70
N ASP A 75 0.24 6.16 8.52
CA ASP A 75 1.66 6.06 8.86
C ASP A 75 2.55 6.23 7.64
N ASP A 76 2.35 5.35 6.66
CA ASP A 76 3.21 5.35 5.48
C ASP A 76 2.40 5.68 4.24
N LEU A 77 1.41 6.55 4.39
CA LEU A 77 0.58 6.97 3.27
C LEU A 77 1.45 7.60 2.20
N ALA A 78 2.23 8.60 2.61
CA ALA A 78 3.13 9.30 1.69
C ALA A 78 4.26 8.37 1.23
N GLY A 79 4.64 7.45 2.12
CA GLY A 79 5.71 6.53 1.83
C GLY A 79 5.35 5.55 0.73
N ALA A 80 4.19 4.93 0.86
CA ALA A 80 3.70 3.99 -0.14
C ALA A 80 3.45 4.70 -1.46
N ARG A 81 2.89 5.91 -1.39
CA ARG A 81 2.68 6.72 -2.58
C ARG A 81 4.01 6.96 -3.28
N ARG A 82 5.02 7.35 -2.52
CA ARG A 82 6.36 7.58 -3.06
C ARG A 82 6.89 6.32 -3.72
N LEU A 83 6.83 5.21 -3.00
CA LEU A 83 7.38 3.94 -3.45
C LEU A 83 6.78 3.50 -4.78
N LEU A 84 5.46 3.45 -4.85
CA LEU A 84 4.77 2.97 -6.05
C LEU A 84 4.96 3.95 -7.22
N THR A 85 5.02 5.24 -6.92
CA THR A 85 5.20 6.25 -7.95
C THR A 85 6.64 6.22 -8.50
N ASP A 86 7.58 5.97 -7.61
CA ASP A 86 8.99 5.90 -7.97
C ASP A 86 9.27 4.60 -8.71
N ALA A 87 8.55 3.54 -8.34
CA ALA A 87 8.73 2.23 -8.94
C ALA A 87 8.40 2.24 -10.43
N GLY A 88 7.31 2.90 -10.81
CA GLY A 88 6.97 3.00 -12.21
C GLY A 88 5.47 3.09 -12.47
N LEU A 89 4.69 2.23 -11.83
CA LEU A 89 3.25 2.16 -12.07
C LEU A 89 2.59 3.52 -11.91
N ALA A 90 2.40 3.96 -10.66
CA ALA A 90 1.81 5.27 -10.35
C ALA A 90 0.60 5.59 -11.23
N HIS A 91 -0.22 4.59 -11.51
CA HIS A 91 -1.36 4.76 -12.41
C HIS A 91 -2.61 4.13 -11.79
N GLU A 92 -2.44 2.92 -11.28
CA GLU A 92 -3.51 2.18 -10.65
C GLU A 92 -3.88 2.79 -9.31
N LEU A 93 -3.03 3.68 -8.82
CA LEU A 93 -3.23 4.35 -7.53
C LEU A 93 -4.46 5.26 -7.61
N ARG A 94 -5.60 4.74 -7.15
CA ARG A 94 -6.87 5.43 -7.30
C ARG A 94 -7.99 4.62 -6.66
N SER A 95 -8.86 5.30 -5.91
CA SER A 95 -9.98 4.62 -5.25
C SER A 95 -11.10 5.61 -4.89
N ASP A 96 -10.72 6.74 -4.28
CA ASP A 96 -11.70 7.71 -3.77
C ASP A 96 -12.24 8.60 -4.90
N ASP A 97 -11.86 8.29 -6.12
CA ASP A 97 -12.25 9.10 -7.28
C ASP A 97 -12.56 8.20 -8.47
N MET A 1 44.64 5.45 34.84
CA MET A 1 44.01 4.39 35.66
C MET A 1 43.15 3.49 34.79
N GLY A 2 42.40 4.11 33.89
CA GLY A 2 41.55 3.38 32.97
C GLY A 2 40.89 4.32 31.99
N SER A 3 41.72 5.10 31.30
CA SER A 3 41.24 6.14 30.41
C SER A 3 41.04 5.64 28.99
N SER A 4 41.41 4.39 28.75
CA SER A 4 41.36 3.81 27.41
C SER A 4 39.93 3.44 27.00
N HIS A 5 39.13 4.46 26.72
CA HIS A 5 37.76 4.25 26.24
C HIS A 5 37.19 5.52 25.60
N HIS A 6 36.81 5.41 24.35
CA HIS A 6 36.00 6.41 23.68
C HIS A 6 34.70 5.75 23.26
N HIS A 7 34.47 5.62 21.95
CA HIS A 7 33.40 4.76 21.44
C HIS A 7 32.01 5.23 21.89
N HIS A 8 31.86 6.53 22.13
CA HIS A 8 30.57 7.07 22.56
C HIS A 8 29.97 8.00 21.51
N HIS A 9 28.96 7.52 20.81
CA HIS A 9 28.17 8.37 19.93
C HIS A 9 26.83 7.71 19.63
N HIS A 10 25.75 8.44 19.85
CA HIS A 10 24.41 7.95 19.58
C HIS A 10 23.44 9.13 19.48
N SER A 11 23.58 9.89 18.41
CA SER A 11 22.74 11.06 18.19
C SER A 11 21.61 10.73 17.21
N SER A 12 20.42 10.49 17.73
CA SER A 12 19.28 10.17 16.90
C SER A 12 17.98 10.62 17.58
N GLY A 13 17.61 11.87 17.38
CA GLY A 13 16.40 12.39 17.95
C GLY A 13 15.57 13.14 16.94
N ARG A 14 15.55 12.66 15.71
CA ARG A 14 14.79 13.28 14.64
C ARG A 14 13.49 12.51 14.39
N GLU A 15 12.92 11.99 15.47
CA GLU A 15 11.68 11.23 15.38
C GLU A 15 10.48 12.16 15.36
N ASN A 16 9.76 12.16 14.26
CA ASN A 16 8.58 12.99 14.09
C ASN A 16 7.86 12.59 12.81
N LEU A 17 7.00 11.59 12.92
CA LEU A 17 6.26 11.07 11.79
C LEU A 17 5.03 10.33 12.30
N TYR A 18 3.86 10.91 12.13
CA TYR A 18 2.65 10.32 12.62
C TYR A 18 1.43 10.87 11.87
N PHE A 19 1.01 10.14 10.84
CA PHE A 19 -0.19 10.48 10.11
C PHE A 19 -1.35 9.66 10.63
N GLN A 20 -2.22 10.30 11.40
CA GLN A 20 -3.34 9.61 12.04
C GLN A 20 -4.57 9.62 11.14
N GLY A 21 -5.23 8.47 11.07
CA GLY A 21 -6.41 8.33 10.27
C GLY A 21 -6.91 6.90 10.33
N HIS A 22 -7.35 6.38 9.19
CA HIS A 22 -7.75 4.98 9.10
C HIS A 22 -7.35 4.41 7.76
N LEU A 23 -7.83 3.21 7.47
CA LEU A 23 -7.46 2.49 6.26
C LEU A 23 -7.79 3.30 5.01
N ARG A 24 -6.75 3.65 4.26
CA ARG A 24 -6.93 4.38 3.01
C ARG A 24 -6.69 3.46 1.83
N GLU A 25 -7.58 3.51 0.87
CA GLU A 25 -7.48 2.66 -0.32
C GLU A 25 -6.48 3.28 -1.30
N LEU A 26 -5.33 2.63 -1.45
CA LEU A 26 -4.23 3.18 -2.22
C LEU A 26 -4.41 2.88 -3.71
N LEU A 27 -4.57 1.60 -4.04
CA LEU A 27 -4.72 1.19 -5.42
C LEU A 27 -5.71 0.05 -5.52
N ARG A 28 -6.34 -0.05 -6.69
CA ARG A 28 -7.33 -1.07 -6.95
C ARG A 28 -7.14 -1.60 -8.36
N THR A 29 -7.11 -2.91 -8.51
CA THR A 29 -6.96 -3.52 -9.82
C THR A 29 -7.27 -5.02 -9.75
N ASN A 30 -7.27 -5.67 -10.90
CA ASN A 30 -7.55 -7.10 -10.97
C ASN A 30 -6.35 -7.85 -11.54
N ASP A 31 -5.28 -7.12 -11.79
CA ASP A 31 -4.08 -7.72 -12.37
C ASP A 31 -3.20 -8.32 -11.27
N ALA A 32 -3.17 -9.65 -11.23
CA ALA A 32 -2.44 -10.36 -10.19
C ALA A 32 -0.95 -10.08 -10.26
N VAL A 33 -0.43 -9.92 -11.47
CA VAL A 33 1.00 -9.68 -11.67
C VAL A 33 1.41 -8.38 -11.01
N LEU A 34 0.68 -7.31 -11.32
CA LEU A 34 0.98 -5.99 -10.77
C LEU A 34 0.77 -5.98 -9.26
N LEU A 35 -0.31 -6.61 -8.80
CA LEU A 35 -0.60 -6.68 -7.36
C LEU A 35 0.53 -7.37 -6.60
N SER A 36 1.10 -8.41 -7.21
CA SER A 36 2.20 -9.14 -6.60
C SER A 36 3.44 -8.26 -6.49
N ALA A 37 3.67 -7.45 -7.52
CA ALA A 37 4.80 -6.53 -7.52
C ALA A 37 4.62 -5.47 -6.44
N VAL A 38 3.41 -4.91 -6.36
CA VAL A 38 3.09 -3.91 -5.35
C VAL A 38 3.27 -4.49 -3.95
N GLY A 39 2.79 -5.71 -3.76
CA GLY A 39 2.94 -6.38 -2.48
C GLY A 39 4.39 -6.53 -2.07
N ALA A 40 5.23 -6.92 -3.04
CA ALA A 40 6.66 -7.07 -2.80
C ALA A 40 7.31 -5.73 -2.48
N LEU A 41 6.83 -4.67 -3.14
CA LEU A 41 7.35 -3.33 -2.90
C LEU A 41 7.03 -2.88 -1.48
N LEU A 42 5.76 -2.99 -1.12
CA LEU A 42 5.30 -2.57 0.20
C LEU A 42 5.94 -3.43 1.29
N ASP A 43 6.10 -4.71 0.99
CA ASP A 43 6.76 -5.63 1.91
C ASP A 43 8.22 -5.25 2.10
N GLY A 44 8.85 -4.86 1.00
CA GLY A 44 10.25 -4.45 1.04
C GLY A 44 10.47 -3.16 1.80
N ALA A 45 9.42 -2.37 1.93
CA ALA A 45 9.49 -1.13 2.70
C ALA A 45 8.84 -1.32 4.07
N ASP A 46 8.36 -2.55 4.30
CA ASP A 46 7.74 -2.94 5.57
C ASP A 46 6.50 -2.08 5.87
N ILE A 47 5.85 -1.62 4.81
CA ILE A 47 4.66 -0.79 4.95
C ILE A 47 3.45 -1.66 5.26
N GLY A 48 2.89 -1.49 6.46
CA GLY A 48 1.70 -2.22 6.86
C GLY A 48 0.55 -2.01 5.91
N HIS A 49 0.19 -3.04 5.17
CA HIS A 49 -0.85 -2.93 4.16
C HIS A 49 -1.85 -4.08 4.31
N LEU A 50 -3.13 -3.75 4.18
CA LEU A 50 -4.19 -4.74 4.24
C LEU A 50 -4.86 -4.87 2.87
N VAL A 51 -5.29 -6.08 2.55
CA VAL A 51 -5.88 -6.36 1.24
C VAL A 51 -7.07 -7.29 1.38
N LEU A 52 -7.48 -7.88 0.25
CA LEU A 52 -8.55 -8.87 0.20
C LEU A 52 -9.93 -8.24 0.36
N ASP A 53 -10.92 -9.10 0.55
CA ASP A 53 -12.32 -8.70 0.71
C ASP A 53 -13.14 -9.95 1.00
N GLN A 54 -13.02 -10.90 0.08
CA GLN A 54 -13.55 -12.24 0.25
C GLN A 54 -12.49 -13.24 -0.19
N ASN A 55 -12.32 -14.31 0.56
CA ASN A 55 -11.26 -15.27 0.27
C ASN A 55 -11.84 -16.66 -0.01
N MET A 56 -11.10 -17.44 -0.79
CA MET A 56 -11.47 -18.80 -1.15
C MET A 56 -10.30 -19.45 -1.86
N SER A 57 -10.17 -20.76 -1.74
CA SER A 57 -9.14 -21.48 -2.49
C SER A 57 -9.38 -21.33 -3.98
N ILE A 58 -8.37 -20.90 -4.70
CA ILE A 58 -8.49 -20.62 -6.13
C ILE A 58 -8.34 -21.91 -6.93
N LEU A 59 -7.71 -22.90 -6.30
CA LEU A 59 -7.44 -24.19 -6.91
C LEU A 59 -6.38 -24.08 -8.01
N GLU A 60 -6.78 -23.53 -9.15
CA GLU A 60 -5.87 -23.40 -10.27
C GLU A 60 -6.46 -22.50 -11.36
N GLY A 61 -7.79 -22.46 -11.44
CA GLY A 61 -8.44 -21.62 -12.42
C GLY A 61 -9.94 -21.77 -12.40
N SER A 62 -10.66 -20.66 -12.29
CA SER A 62 -12.11 -20.67 -12.29
C SER A 62 -12.63 -19.28 -12.63
N LEU A 63 -13.90 -19.18 -12.97
CA LEU A 63 -14.50 -17.90 -13.36
C LEU A 63 -14.92 -17.11 -12.12
N GLY A 64 -14.26 -15.99 -11.90
CA GLY A 64 -14.57 -15.16 -10.76
C GLY A 64 -13.35 -14.45 -10.23
N VAL A 65 -13.19 -13.20 -10.62
CA VAL A 65 -12.06 -12.41 -10.19
C VAL A 65 -12.44 -11.57 -8.98
N ILE A 66 -11.72 -11.76 -7.89
CA ILE A 66 -11.98 -11.01 -6.66
C ILE A 66 -11.26 -9.66 -6.72
N PRO A 67 -12.02 -8.56 -6.64
CA PRO A 67 -11.46 -7.21 -6.63
C PRO A 67 -10.56 -6.98 -5.43
N ARG A 68 -9.26 -7.03 -5.66
CA ARG A 68 -8.28 -6.92 -4.59
C ARG A 68 -7.62 -5.55 -4.64
N ARG A 69 -7.89 -4.75 -3.63
CA ARG A 69 -7.26 -3.45 -3.53
C ARG A 69 -6.38 -3.40 -2.30
N VAL A 70 -5.43 -2.48 -2.29
CA VAL A 70 -4.46 -2.40 -1.21
C VAL A 70 -4.70 -1.17 -0.36
N LEU A 71 -5.00 -1.39 0.92
CA LEU A 71 -5.20 -0.31 1.87
C LEU A 71 -4.02 -0.24 2.83
N VAL A 72 -3.50 0.95 3.03
CA VAL A 72 -2.38 1.14 3.94
C VAL A 72 -2.87 1.50 5.34
N HIS A 73 -2.18 0.98 6.34
CA HIS A 73 -2.58 1.16 7.73
C HIS A 73 -1.98 2.44 8.30
N GLU A 74 -2.35 3.57 7.68
CA GLU A 74 -1.93 4.90 8.10
C GLU A 74 -0.40 5.04 8.15
N ASP A 75 0.06 6.15 8.73
CA ASP A 75 1.48 6.44 8.93
C ASP A 75 2.24 6.60 7.62
N ASP A 76 2.46 5.49 6.92
CA ASP A 76 3.25 5.48 5.69
C ASP A 76 2.36 5.75 4.48
N LEU A 77 1.38 6.62 4.67
CA LEU A 77 0.44 6.99 3.61
C LEU A 77 1.19 7.55 2.41
N ALA A 78 2.06 8.51 2.67
CA ALA A 78 2.85 9.13 1.62
C ALA A 78 3.93 8.17 1.13
N GLY A 79 4.35 7.27 2.02
CA GLY A 79 5.38 6.32 1.70
C GLY A 79 4.98 5.39 0.57
N ALA A 80 3.83 4.76 0.71
CA ALA A 80 3.33 3.84 -0.32
C ALA A 80 3.09 4.56 -1.64
N ARG A 81 2.48 5.74 -1.56
CA ARG A 81 2.21 6.56 -2.74
C ARG A 81 3.52 6.90 -3.46
N ARG A 82 4.53 7.23 -2.68
CA ARG A 82 5.85 7.57 -3.23
C ARG A 82 6.52 6.34 -3.82
N LEU A 83 6.54 5.27 -3.05
CA LEU A 83 7.26 4.04 -3.40
C LEU A 83 6.82 3.50 -4.76
N LEU A 84 5.51 3.38 -4.95
CA LEU A 84 4.97 2.83 -6.20
C LEU A 84 5.25 3.78 -7.37
N THR A 85 5.36 5.07 -7.08
CA THR A 85 5.73 6.05 -8.09
C THR A 85 7.20 5.88 -8.49
N ASP A 86 8.05 5.69 -7.50
CA ASP A 86 9.48 5.43 -7.73
C ASP A 86 9.67 4.14 -8.50
N ALA A 87 8.87 3.13 -8.16
CA ALA A 87 8.95 1.82 -8.80
C ALA A 87 8.73 1.92 -10.30
N GLY A 88 7.74 2.73 -10.71
CA GLY A 88 7.52 2.94 -12.12
C GLY A 88 6.07 2.97 -12.50
N LEU A 89 5.28 2.05 -11.96
CA LEU A 89 3.87 1.92 -12.32
C LEU A 89 3.10 3.21 -12.05
N ALA A 90 2.79 3.46 -10.78
CA ALA A 90 2.01 4.64 -10.36
C ALA A 90 0.79 4.84 -11.28
N HIS A 91 0.08 3.76 -11.58
CA HIS A 91 -1.01 3.83 -12.54
C HIS A 91 -2.35 3.50 -11.89
N GLU A 92 -2.43 2.34 -11.27
CA GLU A 92 -3.68 1.87 -10.65
C GLU A 92 -3.92 2.59 -9.32
N LEU A 93 -3.13 3.61 -9.04
CA LEU A 93 -3.23 4.37 -7.81
C LEU A 93 -4.37 5.37 -7.89
N ARG A 94 -5.36 5.22 -7.03
CA ARG A 94 -6.46 6.16 -6.99
C ARG A 94 -6.24 7.14 -5.85
N SER A 95 -5.38 8.11 -6.10
CA SER A 95 -4.99 9.08 -5.07
C SER A 95 -6.18 9.91 -4.61
N ASP A 96 -7.13 10.14 -5.51
CA ASP A 96 -8.33 10.91 -5.19
C ASP A 96 -9.36 10.75 -6.29
N ASP A 97 -8.90 10.73 -7.53
CA ASP A 97 -9.78 10.61 -8.69
C ASP A 97 -10.01 9.15 -9.03
N MET A 1 53.36 23.88 15.49
CA MET A 1 53.50 23.77 16.96
C MET A 1 52.27 24.36 17.66
N GLY A 2 51.61 23.55 18.47
CA GLY A 2 50.43 24.00 19.18
C GLY A 2 49.16 23.57 18.49
N SER A 3 48.69 22.37 18.79
CA SER A 3 47.48 21.85 18.18
C SER A 3 46.39 21.64 19.23
N SER A 4 45.28 22.34 19.07
CA SER A 4 44.15 22.18 19.98
C SER A 4 43.06 21.37 19.27
N HIS A 5 42.78 20.18 19.77
CA HIS A 5 41.81 19.29 19.14
C HIS A 5 40.92 18.60 20.16
N HIS A 6 39.68 19.07 20.23
CA HIS A 6 38.65 18.46 21.07
C HIS A 6 37.31 18.50 20.36
N HIS A 7 36.99 17.41 19.68
CA HIS A 7 35.76 17.33 18.90
C HIS A 7 34.55 17.15 19.81
N HIS A 8 33.40 17.65 19.37
CA HIS A 8 32.15 17.52 20.13
C HIS A 8 30.95 17.92 19.28
N HIS A 9 29.96 17.04 19.24
CA HIS A 9 28.70 17.31 18.57
C HIS A 9 27.54 16.66 19.33
N HIS A 10 27.17 17.27 20.44
CA HIS A 10 26.21 16.67 21.34
C HIS A 10 24.77 16.88 20.87
N SER A 11 24.30 15.97 20.03
CA SER A 11 22.92 15.97 19.58
C SER A 11 22.36 14.56 19.76
N SER A 12 21.26 14.42 20.50
CA SER A 12 20.73 13.09 20.78
C SER A 12 19.21 13.04 20.63
N GLY A 13 18.77 12.45 19.53
CA GLY A 13 17.38 12.08 19.37
C GLY A 13 16.42 13.24 19.16
N ARG A 14 15.14 12.93 19.27
CA ARG A 14 14.06 13.88 19.08
C ARG A 14 12.74 13.21 19.46
N GLU A 15 11.64 13.92 19.28
CA GLU A 15 10.32 13.38 19.56
C GLU A 15 9.31 13.90 18.55
N ASN A 16 8.26 13.11 18.32
CA ASN A 16 7.21 13.48 17.38
C ASN A 16 5.96 12.65 17.64
N LEU A 17 4.87 13.31 18.04
CA LEU A 17 3.66 12.60 18.41
C LEU A 17 2.51 12.89 17.45
N TYR A 18 2.27 11.94 16.54
CA TYR A 18 1.09 11.98 15.67
C TYR A 18 0.36 10.65 15.77
N PHE A 19 -0.96 10.69 15.61
CA PHE A 19 -1.77 9.48 15.64
C PHE A 19 -2.82 9.49 14.54
N GLN A 20 -2.90 8.39 13.80
CA GLN A 20 -3.84 8.25 12.70
C GLN A 20 -3.88 6.79 12.26
N GLY A 21 -4.75 6.02 12.91
CA GLY A 21 -4.75 4.58 12.71
C GLY A 21 -5.92 4.08 11.89
N HIS A 22 -5.83 4.24 10.58
CA HIS A 22 -6.79 3.68 9.65
C HIS A 22 -6.07 3.19 8.41
N LEU A 23 -6.77 2.46 7.57
CA LEU A 23 -6.19 2.00 6.31
C LEU A 23 -7.13 2.31 5.16
N ARG A 24 -6.58 2.92 4.11
CA ARG A 24 -7.38 3.29 2.95
C ARG A 24 -6.81 2.62 1.70
N GLU A 25 -7.57 2.70 0.61
CA GLU A 25 -7.13 2.13 -0.66
C GLU A 25 -5.95 2.89 -1.24
N LEU A 26 -4.86 2.18 -1.43
CA LEU A 26 -3.74 2.73 -2.17
C LEU A 26 -4.14 2.72 -3.64
N LEU A 27 -4.87 1.68 -4.04
CA LEU A 27 -5.25 1.47 -5.42
C LEU A 27 -6.13 0.25 -5.55
N ARG A 28 -6.87 0.17 -6.64
CA ARG A 28 -7.60 -1.05 -6.97
C ARG A 28 -6.93 -1.69 -8.18
N THR A 29 -6.31 -2.84 -7.97
CA THR A 29 -5.49 -3.45 -8.99
C THR A 29 -6.33 -4.29 -9.94
N ASN A 30 -6.50 -3.81 -11.17
CA ASN A 30 -7.22 -4.55 -12.20
C ASN A 30 -6.23 -5.43 -12.97
N ASP A 31 -4.95 -5.13 -12.79
CA ASP A 31 -3.89 -5.87 -13.44
C ASP A 31 -3.71 -7.24 -12.79
N ALA A 32 -3.98 -7.30 -11.48
CA ALA A 32 -3.91 -8.54 -10.69
C ALA A 32 -2.47 -8.99 -10.42
N VAL A 33 -1.59 -8.85 -11.40
CA VAL A 33 -0.19 -9.25 -11.23
C VAL A 33 0.59 -8.19 -10.46
N LEU A 34 0.30 -6.92 -10.77
CA LEU A 34 0.98 -5.78 -10.17
C LEU A 34 0.95 -5.84 -8.64
N LEU A 35 -0.17 -6.26 -8.06
CA LEU A 35 -0.33 -6.25 -6.61
C LEU A 35 0.63 -7.22 -5.93
N SER A 36 1.06 -8.25 -6.66
CA SER A 36 2.01 -9.22 -6.13
C SER A 36 3.38 -8.57 -5.98
N ALA A 37 3.70 -7.67 -6.91
CA ALA A 37 4.95 -6.93 -6.85
C ALA A 37 4.86 -5.84 -5.80
N VAL A 38 3.70 -5.18 -5.74
CA VAL A 38 3.44 -4.15 -4.74
C VAL A 38 3.59 -4.71 -3.33
N GLY A 39 3.21 -5.97 -3.15
CA GLY A 39 3.32 -6.62 -1.87
C GLY A 39 4.75 -6.70 -1.39
N ALA A 40 5.64 -7.10 -2.27
CA ALA A 40 7.05 -7.24 -1.94
C ALA A 40 7.70 -5.89 -1.69
N LEU A 41 7.14 -4.85 -2.30
CA LEU A 41 7.66 -3.50 -2.13
C LEU A 41 7.29 -2.94 -0.76
N LEU A 42 6.01 -3.00 -0.43
CA LEU A 42 5.51 -2.41 0.81
C LEU A 42 6.00 -3.18 2.03
N ASP A 43 6.03 -4.50 1.93
CA ASP A 43 6.52 -5.33 3.02
C ASP A 43 8.03 -5.28 3.12
N GLY A 44 8.69 -5.09 1.98
CA GLY A 44 10.13 -4.97 1.96
C GLY A 44 10.60 -3.71 2.64
N ALA A 45 9.74 -2.69 2.64
CA ALA A 45 10.04 -1.42 3.28
C ALA A 45 9.58 -1.43 4.74
N ASP A 46 9.10 -2.58 5.20
CA ASP A 46 8.65 -2.78 6.59
C ASP A 46 7.36 -2.03 6.86
N ILE A 47 6.76 -1.47 5.81
CA ILE A 47 5.53 -0.70 5.95
C ILE A 47 4.33 -1.63 6.16
N GLY A 48 4.29 -2.67 5.36
CA GLY A 48 3.20 -3.63 5.45
C GLY A 48 2.10 -3.33 4.46
N HIS A 49 1.42 -4.36 3.97
CA HIS A 49 0.37 -4.20 2.99
C HIS A 49 -0.76 -5.18 3.25
N LEU A 50 -1.99 -4.71 3.10
CA LEU A 50 -3.14 -5.59 3.23
C LEU A 50 -3.92 -5.65 1.93
N VAL A 51 -3.81 -6.76 1.23
CA VAL A 51 -4.60 -6.98 0.03
C VAL A 51 -5.96 -7.53 0.41
N LEU A 52 -7.00 -6.74 0.20
CA LEU A 52 -8.33 -7.10 0.61
C LEU A 52 -9.18 -7.51 -0.60
N ASP A 53 -9.55 -8.77 -0.62
CA ASP A 53 -10.43 -9.30 -1.65
C ASP A 53 -11.14 -10.55 -1.12
N GLN A 54 -11.82 -11.26 -2.00
CA GLN A 54 -12.52 -12.47 -1.61
C GLN A 54 -11.70 -13.69 -1.97
N ASN A 55 -11.00 -14.25 -0.98
CA ASN A 55 -10.07 -15.35 -1.20
C ASN A 55 -10.79 -16.70 -1.29
N MET A 56 -12.00 -16.70 -1.85
CA MET A 56 -12.77 -17.93 -1.99
C MET A 56 -13.76 -17.81 -3.15
N SER A 57 -13.49 -16.89 -4.06
CA SER A 57 -14.35 -16.69 -5.22
C SER A 57 -14.14 -17.80 -6.24
N ILE A 58 -15.16 -18.62 -6.43
CA ILE A 58 -15.09 -19.73 -7.37
C ILE A 58 -16.06 -19.51 -8.53
N LEU A 59 -15.50 -19.12 -9.66
CA LEU A 59 -16.28 -18.92 -10.87
C LEU A 59 -15.70 -19.81 -11.97
N GLU A 60 -16.56 -20.55 -12.64
CA GLU A 60 -16.13 -21.46 -13.69
C GLU A 60 -15.53 -20.70 -14.88
N GLY A 61 -14.21 -20.62 -14.90
CA GLY A 61 -13.51 -19.96 -15.97
C GLY A 61 -12.35 -19.13 -15.46
N SER A 62 -11.38 -18.87 -16.32
CA SER A 62 -10.23 -18.07 -15.94
C SER A 62 -10.44 -16.62 -16.39
N LEU A 63 -11.15 -15.88 -15.57
CA LEU A 63 -11.47 -14.49 -15.87
C LEU A 63 -11.36 -13.64 -14.60
N GLY A 64 -10.43 -12.70 -14.62
CA GLY A 64 -10.23 -11.84 -13.47
C GLY A 64 -11.23 -10.70 -13.43
N VAL A 65 -12.24 -10.83 -12.59
CA VAL A 65 -13.28 -9.81 -12.49
C VAL A 65 -13.28 -9.19 -11.09
N ILE A 66 -12.37 -9.64 -10.25
CA ILE A 66 -12.28 -9.15 -8.88
C ILE A 66 -11.14 -8.14 -8.76
N PRO A 67 -11.47 -6.85 -8.63
CA PRO A 67 -10.47 -5.80 -8.43
C PRO A 67 -9.89 -5.84 -7.02
N ARG A 68 -8.79 -6.54 -6.87
CA ARG A 68 -8.15 -6.70 -5.57
C ARG A 68 -7.48 -5.40 -5.14
N ARG A 69 -7.71 -5.01 -3.90
CA ARG A 69 -7.28 -3.71 -3.43
C ARG A 69 -6.21 -3.83 -2.36
N VAL A 70 -5.17 -3.01 -2.48
CA VAL A 70 -4.11 -2.97 -1.50
C VAL A 70 -4.29 -1.76 -0.59
N LEU A 71 -4.51 -2.02 0.69
CA LEU A 71 -4.69 -0.94 1.65
C LEU A 71 -3.43 -0.73 2.47
N VAL A 72 -3.14 0.53 2.77
CA VAL A 72 -1.98 0.88 3.57
C VAL A 72 -2.39 1.73 4.75
N HIS A 73 -1.60 1.69 5.82
CA HIS A 73 -1.80 2.54 6.99
C HIS A 73 -1.74 4.01 6.57
N GLU A 74 -2.62 4.85 7.12
CA GLU A 74 -2.62 6.27 6.80
C GLU A 74 -1.26 6.88 7.13
N ASP A 75 -0.95 8.00 6.45
CA ASP A 75 0.37 8.65 6.54
C ASP A 75 1.41 7.84 5.79
N ASP A 76 1.44 6.54 6.03
CA ASP A 76 2.32 5.64 5.29
C ASP A 76 1.78 5.45 3.89
N LEU A 77 0.51 5.83 3.73
CA LEU A 77 -0.17 5.84 2.45
C LEU A 77 0.63 6.69 1.45
N ALA A 78 1.05 7.87 1.91
CA ALA A 78 1.83 8.79 1.09
C ALA A 78 3.19 8.18 0.74
N GLY A 79 3.77 7.48 1.69
CA GLY A 79 5.05 6.82 1.46
C GLY A 79 4.93 5.69 0.48
N ALA A 80 3.88 4.87 0.65
CA ALA A 80 3.59 3.77 -0.25
C ALA A 80 3.38 4.28 -1.67
N ARG A 81 2.69 5.42 -1.79
CA ARG A 81 2.48 6.06 -3.07
C ARG A 81 3.80 6.34 -3.78
N ARG A 82 4.72 6.99 -3.07
CA ARG A 82 6.01 7.35 -3.64
C ARG A 82 6.80 6.12 -4.03
N LEU A 83 6.78 5.12 -3.14
CA LEU A 83 7.49 3.87 -3.37
C LEU A 83 7.00 3.18 -4.64
N LEU A 84 5.69 3.10 -4.80
CA LEU A 84 5.07 2.44 -5.94
C LEU A 84 5.24 3.27 -7.22
N THR A 85 5.38 4.57 -7.05
CA THR A 85 5.61 5.46 -8.20
C THR A 85 6.99 5.20 -8.80
N ASP A 86 8.00 5.15 -7.94
CA ASP A 86 9.37 4.88 -8.40
C ASP A 86 9.48 3.46 -8.95
N ALA A 87 8.85 2.51 -8.26
CA ALA A 87 8.89 1.13 -8.69
C ALA A 87 7.50 0.61 -8.99
N GLY A 88 7.01 0.89 -10.18
CA GLY A 88 5.71 0.42 -10.59
C GLY A 88 5.10 1.32 -11.63
N LEU A 89 4.26 2.25 -11.18
CA LEU A 89 3.56 3.17 -12.07
C LEU A 89 2.57 4.04 -11.28
N ALA A 90 1.98 3.44 -10.24
CA ALA A 90 1.02 4.12 -9.36
C ALA A 90 -0.05 4.89 -10.15
N HIS A 91 -0.74 4.19 -11.06
CA HIS A 91 -1.75 4.83 -11.89
C HIS A 91 -3.15 4.55 -11.33
N GLU A 92 -3.35 3.37 -10.77
CA GLU A 92 -4.66 2.93 -10.29
C GLU A 92 -4.96 3.48 -8.88
N LEU A 93 -4.33 4.60 -8.54
CA LEU A 93 -4.44 5.18 -7.21
C LEU A 93 -5.89 5.32 -6.76
N ARG A 94 -6.24 4.62 -5.68
CA ARG A 94 -7.62 4.50 -5.20
C ARG A 94 -8.50 3.78 -6.21
N SER A 95 -8.91 4.51 -7.24
CA SER A 95 -9.74 3.96 -8.29
C SER A 95 -9.27 4.45 -9.65
N ASP A 96 -9.18 3.53 -10.60
CA ASP A 96 -8.75 3.88 -11.96
C ASP A 96 -9.96 3.91 -12.88
N ASP A 97 -11.14 3.77 -12.28
CA ASP A 97 -12.40 3.80 -13.00
C ASP A 97 -13.00 5.19 -12.92
#